data_4NMM
# 
_entry.id   4NMM 
# 
_audit_conform.dict_name       mmcif_pdbx.dic 
_audit_conform.dict_version    5.398 
_audit_conform.dict_location   http://mmcif.pdb.org/dictionaries/ascii/mmcif_pdbx.dic 
# 
loop_
_database_2.database_id 
_database_2.database_code 
_database_2.pdbx_database_accession 
_database_2.pdbx_DOI 
PDB   4NMM         pdb_00004nmm 10.2210/pdb4nmm/pdb 
RCSB  RCSB083392   ?            ?                   
WWPDB D_1000083392 ?            ?                   
# 
loop_
_pdbx_audit_revision_history.ordinal 
_pdbx_audit_revision_history.data_content_type 
_pdbx_audit_revision_history.major_revision 
_pdbx_audit_revision_history.minor_revision 
_pdbx_audit_revision_history.revision_date 
1 'Structure model' 1 0 2014-06-04 
2 'Structure model' 1 1 2014-07-09 
3 'Structure model' 1 2 2023-09-20 
4 'Structure model' 1 3 2024-11-06 
# 
_pdbx_audit_revision_details.ordinal             1 
_pdbx_audit_revision_details.revision_ordinal    1 
_pdbx_audit_revision_details.data_content_type   'Structure model' 
_pdbx_audit_revision_details.provider            repository 
_pdbx_audit_revision_details.type                'Initial release' 
_pdbx_audit_revision_details.description         ? 
_pdbx_audit_revision_details.details             ? 
# 
loop_
_pdbx_audit_revision_group.ordinal 
_pdbx_audit_revision_group.revision_ordinal 
_pdbx_audit_revision_group.data_content_type 
_pdbx_audit_revision_group.group 
1 2 'Structure model' 'Database references'    
2 3 'Structure model' 'Data collection'        
3 3 'Structure model' 'Database references'    
4 3 'Structure model' 'Derived calculations'   
5 3 'Structure model' 'Refinement description' 
6 4 'Structure model' 'Structure summary'      
# 
loop_
_pdbx_audit_revision_category.ordinal 
_pdbx_audit_revision_category.revision_ordinal 
_pdbx_audit_revision_category.data_content_type 
_pdbx_audit_revision_category.category 
1  3 'Structure model' chem_comp_atom                
2  3 'Structure model' chem_comp_bond                
3  3 'Structure model' database_2                    
4  3 'Structure model' pdbx_initial_refinement_model 
5  3 'Structure model' pdbx_struct_conn_angle        
6  3 'Structure model' struct_conn                   
7  3 'Structure model' struct_conn_type              
8  3 'Structure model' struct_ref_seq_dif            
9  3 'Structure model' struct_site                   
10 4 'Structure model' pdbx_entry_details            
11 4 'Structure model' pdbx_modification_feature     
# 
loop_
_pdbx_audit_revision_item.ordinal 
_pdbx_audit_revision_item.revision_ordinal 
_pdbx_audit_revision_item.data_content_type 
_pdbx_audit_revision_item.item 
1  3 'Structure model' '_database_2.pdbx_DOI'                         
2  3 'Structure model' '_database_2.pdbx_database_accession'          
3  3 'Structure model' '_pdbx_struct_conn_angle.ptnr1_auth_comp_id'   
4  3 'Structure model' '_pdbx_struct_conn_angle.ptnr1_auth_seq_id'    
5  3 'Structure model' '_pdbx_struct_conn_angle.ptnr1_label_asym_id'  
6  3 'Structure model' '_pdbx_struct_conn_angle.ptnr1_label_atom_id'  
7  3 'Structure model' '_pdbx_struct_conn_angle.ptnr1_label_comp_id'  
8  3 'Structure model' '_pdbx_struct_conn_angle.ptnr1_label_seq_id'   
9  3 'Structure model' '_pdbx_struct_conn_angle.ptnr3_auth_comp_id'   
10 3 'Structure model' '_pdbx_struct_conn_angle.ptnr3_auth_seq_id'    
11 3 'Structure model' '_pdbx_struct_conn_angle.ptnr3_label_asym_id'  
12 3 'Structure model' '_pdbx_struct_conn_angle.ptnr3_label_atom_id'  
13 3 'Structure model' '_pdbx_struct_conn_angle.ptnr3_label_comp_id'  
14 3 'Structure model' '_pdbx_struct_conn_angle.ptnr3_label_seq_id'   
15 3 'Structure model' '_pdbx_struct_conn_angle.value'                
16 3 'Structure model' '_struct_conn.conn_type_id'                    
17 3 'Structure model' '_struct_conn.id'                              
18 3 'Structure model' '_struct_conn.pdbx_dist_value'                 
19 3 'Structure model' '_struct_conn.pdbx_leaving_atom_flag'          
20 3 'Structure model' '_struct_conn.pdbx_ptnr1_label_alt_id'         
21 3 'Structure model' '_struct_conn.ptnr1_auth_comp_id'              
22 3 'Structure model' '_struct_conn.ptnr1_auth_seq_id'               
23 3 'Structure model' '_struct_conn.ptnr1_label_asym_id'             
24 3 'Structure model' '_struct_conn.ptnr1_label_atom_id'             
25 3 'Structure model' '_struct_conn.ptnr1_label_comp_id'             
26 3 'Structure model' '_struct_conn.ptnr1_label_seq_id'              
27 3 'Structure model' '_struct_conn.ptnr2_auth_comp_id'              
28 3 'Structure model' '_struct_conn.ptnr2_auth_seq_id'               
29 3 'Structure model' '_struct_conn.ptnr2_label_asym_id'             
30 3 'Structure model' '_struct_conn.ptnr2_label_atom_id'             
31 3 'Structure model' '_struct_conn.ptnr2_label_comp_id'             
32 3 'Structure model' '_struct_conn_type.id'                         
33 3 'Structure model' '_struct_ref_seq_dif.details'                  
34 3 'Structure model' '_struct_site.pdbx_auth_asym_id'               
35 3 'Structure model' '_struct_site.pdbx_auth_comp_id'               
36 3 'Structure model' '_struct_site.pdbx_auth_seq_id'                
37 4 'Structure model' '_pdbx_entry_details.has_protein_modification' 
# 
_pdbx_database_status.status_code                     REL 
_pdbx_database_status.entry_id                        4NMM 
_pdbx_database_status.recvd_initial_deposition_date   2013-11-15 
_pdbx_database_status.deposit_site                    RCSB 
_pdbx_database_status.process_site                    RCSB 
_pdbx_database_status.status_code_sf                  REL 
_pdbx_database_status.status_code_mr                  ? 
_pdbx_database_status.SG_entry                        ? 
_pdbx_database_status.status_code_cs                  ? 
_pdbx_database_status.methods_development_category    ? 
_pdbx_database_status.pdb_format_compatible           Y 
_pdbx_database_status.status_code_nmr_data            ? 
# 
loop_
_pdbx_database_related.db_name 
_pdbx_database_related.db_id 
_pdbx_database_related.details 
_pdbx_database_related.content_type 
PDB 4LDJ 'Crystal Structure of a GDP-bound G12C Oncogenic Mutant of Human GTPase KRas' unspecified 
PDB 4OBE 'Crystal Structure of GDP-bound Human KRas'                                   unspecified 
# 
loop_
_audit_author.name 
_audit_author.pdbx_ordinal 
'Hunter, J.C.'   1 
'Gurbani, D.'    2 
'Lim, S.M.'      3 
'Westover, K.D.' 4 
# 
_citation.id                        primary 
_citation.title                     
'In situ selectivity profiling and crystal structure of SML-8-73-1, an active site inhibitor of oncogenic K-Ras G12C.' 
_citation.journal_abbrev            Proc.Natl.Acad.Sci.USA 
_citation.journal_volume            111 
_citation.page_first                8895 
_citation.page_last                 8900 
_citation.year                      2014 
_citation.journal_id_ASTM           PNASA6 
_citation.country                   US 
_citation.journal_id_ISSN           0027-8424 
_citation.journal_id_CSD            0040 
_citation.book_publisher            ? 
_citation.pdbx_database_id_PubMed   24889603 
_citation.pdbx_database_id_DOI      10.1073/pnas.1404639111 
# 
loop_
_citation_author.citation_id 
_citation_author.name 
_citation_author.ordinal 
_citation_author.identifier_ORCID 
primary 'Hunter, J.C.'   1  ? 
primary 'Gurbani, D.'    2  ? 
primary 'Ficarro, S.B.'  3  ? 
primary 'Carrasco, M.A.' 4  ? 
primary 'Lim, S.M.'      5  ? 
primary 'Choi, H.G.'     6  ? 
primary 'Xie, T.'        7  ? 
primary 'Marto, J.A.'    8  ? 
primary 'Chen, Z.'       9  ? 
primary 'Gray, N.S.'     10 ? 
primary 'Westover, K.D.' 11 ? 
# 
loop_
_entity.id 
_entity.type 
_entity.src_method 
_entity.pdbx_description 
_entity.formula_weight 
_entity.pdbx_number_of_molecules 
_entity.pdbx_ec 
_entity.pdbx_mutation 
_entity.pdbx_fragment 
_entity.details 
1 polymer     man 'GTPase KRas'                                                                                  19374.902 1   
3.6.5.2 G12C 'UNP residues 1-169' ? 
2 non-polymer syn 'MAGNESIUM ION'                                                                                24.305    1   ? ? 
?                    ? 
3 non-polymer syn "5'-O-[(S)-{[(S)-[2-(acetylamino)ethoxy](hydroxy)phosphoryl]oxy}(hydroxy)phosphoryl]guanosine" 528.305   1   ? ? 
?                    ? 
4 water       nat water                                                                                          18.015    125 ? ? 
?                    ? 
# 
_entity_name_com.entity_id   1 
_entity_name_com.name        'K-Ras 2, Ki-Ras, c-K-ras, c-Ki-ras, GTPase KRas, N-terminally processed' 
# 
_entity_poly.entity_id                      1 
_entity_poly.type                           'polypeptide(L)' 
_entity_poly.nstd_linkage                   no 
_entity_poly.nstd_monomer                   no 
_entity_poly.pdbx_seq_one_letter_code       
;GMTEYKLVVVGACGVGKSALTIQLIQNHFVDEYDPTIEDSYRKQVVIDGETCLLDILDTAGQEEYSAMRDQYMRTGEGFL
CVFAINNTKSFEDIHHYREQIKRVKDSEDVPMVLVGNKCDLPSRTVDTKQAQDLARSYGIPFIETSAKTRQGVDDAFYTL
VREIRKHKEK
;
_entity_poly.pdbx_seq_one_letter_code_can   
;GMTEYKLVVVGACGVGKSALTIQLIQNHFVDEYDPTIEDSYRKQVVIDGETCLLDILDTAGQEEYSAMRDQYMRTGEGFL
CVFAINNTKSFEDIHHYREQIKRVKDSEDVPMVLVGNKCDLPSRTVDTKQAQDLARSYGIPFIETSAKTRQGVDDAFYTL
VREIRKHKEK
;
_entity_poly.pdbx_strand_id                 A 
_entity_poly.pdbx_target_identifier         ? 
# 
loop_
_pdbx_entity_nonpoly.entity_id 
_pdbx_entity_nonpoly.name 
_pdbx_entity_nonpoly.comp_id 
2 'MAGNESIUM ION'                                                                                MG  
3 "5'-O-[(S)-{[(S)-[2-(acetylamino)ethoxy](hydroxy)phosphoryl]oxy}(hydroxy)phosphoryl]guanosine" Y9Z 
4 water                                                                                          HOH 
# 
loop_
_entity_poly_seq.entity_id 
_entity_poly_seq.num 
_entity_poly_seq.mon_id 
_entity_poly_seq.hetero 
1 1   GLY n 
1 2   MET n 
1 3   THR n 
1 4   GLU n 
1 5   TYR n 
1 6   LYS n 
1 7   LEU n 
1 8   VAL n 
1 9   VAL n 
1 10  VAL n 
1 11  GLY n 
1 12  ALA n 
1 13  CYS n 
1 14  GLY n 
1 15  VAL n 
1 16  GLY n 
1 17  LYS n 
1 18  SER n 
1 19  ALA n 
1 20  LEU n 
1 21  THR n 
1 22  ILE n 
1 23  GLN n 
1 24  LEU n 
1 25  ILE n 
1 26  GLN n 
1 27  ASN n 
1 28  HIS n 
1 29  PHE n 
1 30  VAL n 
1 31  ASP n 
1 32  GLU n 
1 33  TYR n 
1 34  ASP n 
1 35  PRO n 
1 36  THR n 
1 37  ILE n 
1 38  GLU n 
1 39  ASP n 
1 40  SER n 
1 41  TYR n 
1 42  ARG n 
1 43  LYS n 
1 44  GLN n 
1 45  VAL n 
1 46  VAL n 
1 47  ILE n 
1 48  ASP n 
1 49  GLY n 
1 50  GLU n 
1 51  THR n 
1 52  CYS n 
1 53  LEU n 
1 54  LEU n 
1 55  ASP n 
1 56  ILE n 
1 57  LEU n 
1 58  ASP n 
1 59  THR n 
1 60  ALA n 
1 61  GLY n 
1 62  GLN n 
1 63  GLU n 
1 64  GLU n 
1 65  TYR n 
1 66  SER n 
1 67  ALA n 
1 68  MET n 
1 69  ARG n 
1 70  ASP n 
1 71  GLN n 
1 72  TYR n 
1 73  MET n 
1 74  ARG n 
1 75  THR n 
1 76  GLY n 
1 77  GLU n 
1 78  GLY n 
1 79  PHE n 
1 80  LEU n 
1 81  CYS n 
1 82  VAL n 
1 83  PHE n 
1 84  ALA n 
1 85  ILE n 
1 86  ASN n 
1 87  ASN n 
1 88  THR n 
1 89  LYS n 
1 90  SER n 
1 91  PHE n 
1 92  GLU n 
1 93  ASP n 
1 94  ILE n 
1 95  HIS n 
1 96  HIS n 
1 97  TYR n 
1 98  ARG n 
1 99  GLU n 
1 100 GLN n 
1 101 ILE n 
1 102 LYS n 
1 103 ARG n 
1 104 VAL n 
1 105 LYS n 
1 106 ASP n 
1 107 SER n 
1 108 GLU n 
1 109 ASP n 
1 110 VAL n 
1 111 PRO n 
1 112 MET n 
1 113 VAL n 
1 114 LEU n 
1 115 VAL n 
1 116 GLY n 
1 117 ASN n 
1 118 LYS n 
1 119 CYS n 
1 120 ASP n 
1 121 LEU n 
1 122 PRO n 
1 123 SER n 
1 124 ARG n 
1 125 THR n 
1 126 VAL n 
1 127 ASP n 
1 128 THR n 
1 129 LYS n 
1 130 GLN n 
1 131 ALA n 
1 132 GLN n 
1 133 ASP n 
1 134 LEU n 
1 135 ALA n 
1 136 ARG n 
1 137 SER n 
1 138 TYR n 
1 139 GLY n 
1 140 ILE n 
1 141 PRO n 
1 142 PHE n 
1 143 ILE n 
1 144 GLU n 
1 145 THR n 
1 146 SER n 
1 147 ALA n 
1 148 LYS n 
1 149 THR n 
1 150 ARG n 
1 151 GLN n 
1 152 GLY n 
1 153 VAL n 
1 154 ASP n 
1 155 ASP n 
1 156 ALA n 
1 157 PHE n 
1 158 TYR n 
1 159 THR n 
1 160 LEU n 
1 161 VAL n 
1 162 ARG n 
1 163 GLU n 
1 164 ILE n 
1 165 ARG n 
1 166 LYS n 
1 167 HIS n 
1 168 LYS n 
1 169 GLU n 
1 170 LYS n 
# 
_entity_src_gen.entity_id                          1 
_entity_src_gen.pdbx_src_id                        1 
_entity_src_gen.pdbx_alt_source_flag               sample 
_entity_src_gen.pdbx_seq_type                      ? 
_entity_src_gen.pdbx_beg_seq_num                   ? 
_entity_src_gen.pdbx_end_seq_num                   ? 
_entity_src_gen.gene_src_common_name               human 
_entity_src_gen.gene_src_genus                     ? 
_entity_src_gen.pdbx_gene_src_gene                 'KRAS, KRAS2, RASK2' 
_entity_src_gen.gene_src_species                   ? 
_entity_src_gen.gene_src_strain                    ? 
_entity_src_gen.gene_src_tissue                    ? 
_entity_src_gen.gene_src_tissue_fraction           ? 
_entity_src_gen.gene_src_details                   ? 
_entity_src_gen.pdbx_gene_src_fragment             ? 
_entity_src_gen.pdbx_gene_src_scientific_name      'Homo sapiens' 
_entity_src_gen.pdbx_gene_src_ncbi_taxonomy_id     9606 
_entity_src_gen.pdbx_gene_src_variant              ? 
_entity_src_gen.pdbx_gene_src_cell_line            ? 
_entity_src_gen.pdbx_gene_src_atcc                 ? 
_entity_src_gen.pdbx_gene_src_organ                ? 
_entity_src_gen.pdbx_gene_src_organelle            ? 
_entity_src_gen.pdbx_gene_src_cell                 ? 
_entity_src_gen.pdbx_gene_src_cellular_location    ? 
_entity_src_gen.host_org_common_name               ? 
_entity_src_gen.pdbx_host_org_scientific_name      'Escherichia coli' 
_entity_src_gen.pdbx_host_org_ncbi_taxonomy_id     469008 
_entity_src_gen.host_org_genus                     ? 
_entity_src_gen.pdbx_host_org_gene                 ? 
_entity_src_gen.pdbx_host_org_organ                ? 
_entity_src_gen.host_org_species                   ? 
_entity_src_gen.pdbx_host_org_tissue               ? 
_entity_src_gen.pdbx_host_org_tissue_fraction      ? 
_entity_src_gen.pdbx_host_org_strain               BL21 
_entity_src_gen.pdbx_host_org_variant              ? 
_entity_src_gen.pdbx_host_org_cell_line            ? 
_entity_src_gen.pdbx_host_org_atcc                 ? 
_entity_src_gen.pdbx_host_org_culture_collection   ? 
_entity_src_gen.pdbx_host_org_cell                 ? 
_entity_src_gen.pdbx_host_org_organelle            ? 
_entity_src_gen.pdbx_host_org_cellular_location    ? 
_entity_src_gen.pdbx_host_org_vector_type          plasmid 
_entity_src_gen.pdbx_host_org_vector               ? 
_entity_src_gen.host_org_details                   ? 
_entity_src_gen.expression_system_id               ? 
_entity_src_gen.plasmid_name                       pJexpress401 
_entity_src_gen.plasmid_details                    ? 
_entity_src_gen.pdbx_description                   ? 
# 
loop_
_chem_comp.id 
_chem_comp.type 
_chem_comp.mon_nstd_flag 
_chem_comp.name 
_chem_comp.pdbx_synonyms 
_chem_comp.formula 
_chem_comp.formula_weight 
ALA 'L-peptide linking' y ALANINE                                                                                        ? 
'C3 H7 N O2'        89.093  
ARG 'L-peptide linking' y ARGININE                                                                                       ? 
'C6 H15 N4 O2 1'    175.209 
ASN 'L-peptide linking' y ASPARAGINE                                                                                     ? 
'C4 H8 N2 O3'       132.118 
ASP 'L-peptide linking' y 'ASPARTIC ACID'                                                                                ? 
'C4 H7 N O4'        133.103 
CYS 'L-peptide linking' y CYSTEINE                                                                                       ? 
'C3 H7 N O2 S'      121.158 
GLN 'L-peptide linking' y GLUTAMINE                                                                                      ? 
'C5 H10 N2 O3'      146.144 
GLU 'L-peptide linking' y 'GLUTAMIC ACID'                                                                                ? 
'C5 H9 N O4'        147.129 
GLY 'peptide linking'   y GLYCINE                                                                                        ? 
'C2 H5 N O2'        75.067  
HIS 'L-peptide linking' y HISTIDINE                                                                                      ? 
'C6 H10 N3 O2 1'    156.162 
HOH non-polymer         . WATER                                                                                          ? 'H2 O' 
18.015  
ILE 'L-peptide linking' y ISOLEUCINE                                                                                     ? 
'C6 H13 N O2'       131.173 
LEU 'L-peptide linking' y LEUCINE                                                                                        ? 
'C6 H13 N O2'       131.173 
LYS 'L-peptide linking' y LYSINE                                                                                         ? 
'C6 H15 N2 O2 1'    147.195 
MET 'L-peptide linking' y METHIONINE                                                                                     ? 
'C5 H11 N O2 S'     149.211 
MG  non-polymer         . 'MAGNESIUM ION'                                                                                ? 'Mg 2' 
24.305  
PHE 'L-peptide linking' y PHENYLALANINE                                                                                  ? 
'C9 H11 N O2'       165.189 
PRO 'L-peptide linking' y PROLINE                                                                                        ? 
'C5 H9 N O2'        115.130 
SER 'L-peptide linking' y SERINE                                                                                         ? 
'C3 H7 N O3'        105.093 
THR 'L-peptide linking' y THREONINE                                                                                      ? 
'C4 H9 N O3'        119.119 
TYR 'L-peptide linking' y TYROSINE                                                                                       ? 
'C9 H11 N O3'       181.189 
VAL 'L-peptide linking' y VALINE                                                                                         ? 
'C5 H11 N O2'       117.146 
Y9Z non-polymer         . "5'-O-[(S)-{[(S)-[2-(acetylamino)ethoxy](hydroxy)phosphoryl]oxy}(hydroxy)phosphoryl]guanosine" ? 
'C14 H22 N6 O12 P2' 528.305 
# 
loop_
_pdbx_poly_seq_scheme.asym_id 
_pdbx_poly_seq_scheme.entity_id 
_pdbx_poly_seq_scheme.seq_id 
_pdbx_poly_seq_scheme.mon_id 
_pdbx_poly_seq_scheme.ndb_seq_num 
_pdbx_poly_seq_scheme.pdb_seq_num 
_pdbx_poly_seq_scheme.auth_seq_num 
_pdbx_poly_seq_scheme.pdb_mon_id 
_pdbx_poly_seq_scheme.auth_mon_id 
_pdbx_poly_seq_scheme.pdb_strand_id 
_pdbx_poly_seq_scheme.pdb_ins_code 
_pdbx_poly_seq_scheme.hetero 
A 1 1   GLY 1   0   0   GLY GLY A . n 
A 1 2   MET 2   1   1   MET MET A . n 
A 1 3   THR 3   2   2   THR THR A . n 
A 1 4   GLU 4   3   3   GLU GLU A . n 
A 1 5   TYR 5   4   4   TYR TYR A . n 
A 1 6   LYS 6   5   5   LYS LYS A . n 
A 1 7   LEU 7   6   6   LEU LEU A . n 
A 1 8   VAL 8   7   7   VAL VAL A . n 
A 1 9   VAL 9   8   8   VAL VAL A . n 
A 1 10  VAL 10  9   9   VAL VAL A . n 
A 1 11  GLY 11  10  10  GLY GLY A . n 
A 1 12  ALA 12  11  11  ALA ALA A . n 
A 1 13  CYS 13  12  12  CYS CYS A . n 
A 1 14  GLY 14  13  13  GLY GLY A . n 
A 1 15  VAL 15  14  14  VAL VAL A . n 
A 1 16  GLY 16  15  15  GLY GLY A . n 
A 1 17  LYS 17  16  16  LYS LYS A . n 
A 1 18  SER 18  17  17  SER SER A . n 
A 1 19  ALA 19  18  18  ALA ALA A . n 
A 1 20  LEU 20  19  19  LEU LEU A . n 
A 1 21  THR 21  20  20  THR THR A . n 
A 1 22  ILE 22  21  21  ILE ILE A . n 
A 1 23  GLN 23  22  22  GLN GLN A . n 
A 1 24  LEU 24  23  23  LEU LEU A . n 
A 1 25  ILE 25  24  24  ILE ILE A . n 
A 1 26  GLN 26  25  25  GLN GLN A . n 
A 1 27  ASN 27  26  26  ASN ASN A . n 
A 1 28  HIS 28  27  27  HIS HIS A . n 
A 1 29  PHE 29  28  28  PHE PHE A . n 
A 1 30  VAL 30  29  29  VAL VAL A . n 
A 1 31  ASP 31  30  30  ASP ASP A . n 
A 1 32  GLU 32  31  31  GLU GLU A . n 
A 1 33  TYR 33  32  32  TYR TYR A . n 
A 1 34  ASP 34  33  33  ASP ASP A . n 
A 1 35  PRO 35  34  34  PRO PRO A . n 
A 1 36  THR 36  35  35  THR THR A . n 
A 1 37  ILE 37  36  36  ILE ILE A . n 
A 1 38  GLU 38  37  37  GLU GLU A . n 
A 1 39  ASP 39  38  38  ASP ASP A . n 
A 1 40  SER 40  39  39  SER SER A . n 
A 1 41  TYR 41  40  40  TYR TYR A . n 
A 1 42  ARG 42  41  41  ARG ARG A . n 
A 1 43  LYS 43  42  42  LYS LYS A . n 
A 1 44  GLN 44  43  43  GLN GLN A . n 
A 1 45  VAL 45  44  44  VAL VAL A . n 
A 1 46  VAL 46  45  45  VAL VAL A . n 
A 1 47  ILE 47  46  46  ILE ILE A . n 
A 1 48  ASP 48  47  47  ASP ASP A . n 
A 1 49  GLY 49  48  48  GLY GLY A . n 
A 1 50  GLU 50  49  49  GLU GLU A . n 
A 1 51  THR 51  50  50  THR THR A . n 
A 1 52  CYS 52  51  51  CYS CYS A . n 
A 1 53  LEU 53  52  52  LEU LEU A . n 
A 1 54  LEU 54  53  53  LEU LEU A . n 
A 1 55  ASP 55  54  54  ASP ASP A . n 
A 1 56  ILE 56  55  55  ILE ILE A . n 
A 1 57  LEU 57  56  56  LEU LEU A . n 
A 1 58  ASP 58  57  57  ASP ASP A . n 
A 1 59  THR 59  58  58  THR THR A . n 
A 1 60  ALA 60  59  59  ALA ALA A . n 
A 1 61  GLY 61  60  60  GLY GLY A . n 
A 1 62  GLN 62  61  61  GLN GLN A . n 
A 1 63  GLU 63  62  62  GLU GLU A . n 
A 1 64  GLU 64  63  63  GLU GLU A . n 
A 1 65  TYR 65  64  64  TYR TYR A . n 
A 1 66  SER 66  65  65  SER SER A . n 
A 1 67  ALA 67  66  66  ALA ALA A . n 
A 1 68  MET 68  67  67  MET MET A . n 
A 1 69  ARG 69  68  68  ARG ARG A . n 
A 1 70  ASP 70  69  69  ASP ASP A . n 
A 1 71  GLN 71  70  70  GLN GLN A . n 
A 1 72  TYR 72  71  71  TYR TYR A . n 
A 1 73  MET 73  72  72  MET MET A . n 
A 1 74  ARG 74  73  73  ARG ARG A . n 
A 1 75  THR 75  74  74  THR THR A . n 
A 1 76  GLY 76  75  75  GLY GLY A . n 
A 1 77  GLU 77  76  76  GLU GLU A . n 
A 1 78  GLY 78  77  77  GLY GLY A . n 
A 1 79  PHE 79  78  78  PHE PHE A . n 
A 1 80  LEU 80  79  79  LEU LEU A . n 
A 1 81  CYS 81  80  80  CYS CYS A . n 
A 1 82  VAL 82  81  81  VAL VAL A . n 
A 1 83  PHE 83  82  82  PHE PHE A . n 
A 1 84  ALA 84  83  83  ALA ALA A . n 
A 1 85  ILE 85  84  84  ILE ILE A . n 
A 1 86  ASN 86  85  85  ASN ASN A . n 
A 1 87  ASN 87  86  86  ASN ASN A . n 
A 1 88  THR 88  87  87  THR THR A . n 
A 1 89  LYS 89  88  88  LYS LYS A . n 
A 1 90  SER 90  89  89  SER SER A . n 
A 1 91  PHE 91  90  90  PHE PHE A . n 
A 1 92  GLU 92  91  91  GLU GLU A . n 
A 1 93  ASP 93  92  92  ASP ASP A . n 
A 1 94  ILE 94  93  93  ILE ILE A . n 
A 1 95  HIS 95  94  94  HIS HIS A . n 
A 1 96  HIS 96  95  95  HIS HIS A . n 
A 1 97  TYR 97  96  96  TYR TYR A . n 
A 1 98  ARG 98  97  97  ARG ARG A . n 
A 1 99  GLU 99  98  98  GLU GLU A . n 
A 1 100 GLN 100 99  99  GLN GLN A . n 
A 1 101 ILE 101 100 100 ILE ILE A . n 
A 1 102 LYS 102 101 101 LYS LYS A . n 
A 1 103 ARG 103 102 102 ARG ARG A . n 
A 1 104 VAL 104 103 103 VAL VAL A . n 
A 1 105 LYS 105 104 104 LYS LYS A . n 
A 1 106 ASP 106 105 105 ASP ASP A . n 
A 1 107 SER 107 106 106 SER SER A . n 
A 1 108 GLU 108 107 107 GLU GLU A . n 
A 1 109 ASP 109 108 108 ASP ASP A . n 
A 1 110 VAL 110 109 109 VAL VAL A . n 
A 1 111 PRO 111 110 110 PRO PRO A . n 
A 1 112 MET 112 111 111 MET MET A . n 
A 1 113 VAL 113 112 112 VAL VAL A . n 
A 1 114 LEU 114 113 113 LEU LEU A . n 
A 1 115 VAL 115 114 114 VAL VAL A . n 
A 1 116 GLY 116 115 115 GLY GLY A . n 
A 1 117 ASN 117 116 116 ASN ASN A . n 
A 1 118 LYS 118 117 117 LYS LYS A . n 
A 1 119 CYS 119 118 118 CYS CYS A . n 
A 1 120 ASP 120 119 119 ASP ASP A . n 
A 1 121 LEU 121 120 120 LEU LEU A . n 
A 1 122 PRO 122 121 121 PRO PRO A . n 
A 1 123 SER 123 122 122 SER SER A . n 
A 1 124 ARG 124 123 123 ARG ARG A . n 
A 1 125 THR 125 124 124 THR THR A . n 
A 1 126 VAL 126 125 125 VAL VAL A . n 
A 1 127 ASP 127 126 126 ASP ASP A . n 
A 1 128 THR 128 127 127 THR THR A . n 
A 1 129 LYS 129 128 128 LYS LYS A . n 
A 1 130 GLN 130 129 129 GLN GLN A . n 
A 1 131 ALA 131 130 130 ALA ALA A . n 
A 1 132 GLN 132 131 131 GLN GLN A . n 
A 1 133 ASP 133 132 132 ASP ASP A . n 
A 1 134 LEU 134 133 133 LEU LEU A . n 
A 1 135 ALA 135 134 134 ALA ALA A . n 
A 1 136 ARG 136 135 135 ARG ARG A . n 
A 1 137 SER 137 136 136 SER SER A . n 
A 1 138 TYR 138 137 137 TYR TYR A . n 
A 1 139 GLY 139 138 138 GLY GLY A . n 
A 1 140 ILE 140 139 139 ILE ILE A . n 
A 1 141 PRO 141 140 140 PRO PRO A . n 
A 1 142 PHE 142 141 141 PHE PHE A . n 
A 1 143 ILE 143 142 142 ILE ILE A . n 
A 1 144 GLU 144 143 143 GLU GLU A . n 
A 1 145 THR 145 144 144 THR THR A . n 
A 1 146 SER 146 145 145 SER SER A . n 
A 1 147 ALA 147 146 146 ALA ALA A . n 
A 1 148 LYS 148 147 147 LYS LYS A . n 
A 1 149 THR 149 148 148 THR THR A . n 
A 1 150 ARG 150 149 149 ARG ARG A . n 
A 1 151 GLN 151 150 150 GLN GLN A . n 
A 1 152 GLY 152 151 151 GLY GLY A . n 
A 1 153 VAL 153 152 152 VAL VAL A . n 
A 1 154 ASP 154 153 153 ASP ASP A . n 
A 1 155 ASP 155 154 154 ASP ASP A . n 
A 1 156 ALA 156 155 155 ALA ALA A . n 
A 1 157 PHE 157 156 156 PHE PHE A . n 
A 1 158 TYR 158 157 157 TYR TYR A . n 
A 1 159 THR 159 158 158 THR THR A . n 
A 1 160 LEU 160 159 159 LEU LEU A . n 
A 1 161 VAL 161 160 160 VAL VAL A . n 
A 1 162 ARG 162 161 161 ARG ARG A . n 
A 1 163 GLU 163 162 162 GLU GLU A . n 
A 1 164 ILE 164 163 163 ILE ILE A . n 
A 1 165 ARG 165 164 164 ARG ARG A . n 
A 1 166 LYS 166 165 165 LYS LYS A . n 
A 1 167 HIS 167 166 166 HIS HIS A . n 
A 1 168 LYS 168 167 167 LYS LYS A . n 
A 1 169 GLU 169 168 168 GLU GLU A . n 
A 1 170 LYS 170 169 169 LYS LYS A . n 
# 
loop_
_pdbx_nonpoly_scheme.asym_id 
_pdbx_nonpoly_scheme.entity_id 
_pdbx_nonpoly_scheme.mon_id 
_pdbx_nonpoly_scheme.ndb_seq_num 
_pdbx_nonpoly_scheme.pdb_seq_num 
_pdbx_nonpoly_scheme.auth_seq_num 
_pdbx_nonpoly_scheme.pdb_mon_id 
_pdbx_nonpoly_scheme.auth_mon_id 
_pdbx_nonpoly_scheme.pdb_strand_id 
_pdbx_nonpoly_scheme.pdb_ins_code 
B 2 MG  1   201 201 MG  MG  A . 
C 3 Y9Z 1   202 202 Y9Z Y9Z A . 
D 4 HOH 1   301 301 HOH HOH A . 
D 4 HOH 2   302 302 HOH HOH A . 
D 4 HOH 3   303 303 HOH HOH A . 
D 4 HOH 4   304 304 HOH HOH A . 
D 4 HOH 5   305 305 HOH HOH A . 
D 4 HOH 6   306 306 HOH HOH A . 
D 4 HOH 7   307 307 HOH HOH A . 
D 4 HOH 8   308 308 HOH HOH A . 
D 4 HOH 9   309 309 HOH HOH A . 
D 4 HOH 10  310 310 HOH HOH A . 
D 4 HOH 11  311 311 HOH HOH A . 
D 4 HOH 12  312 312 HOH HOH A . 
D 4 HOH 13  313 313 HOH HOH A . 
D 4 HOH 14  314 314 HOH HOH A . 
D 4 HOH 15  315 315 HOH HOH A . 
D 4 HOH 16  316 316 HOH HOH A . 
D 4 HOH 17  317 317 HOH HOH A . 
D 4 HOH 18  318 318 HOH HOH A . 
D 4 HOH 19  319 319 HOH HOH A . 
D 4 HOH 20  320 320 HOH HOH A . 
D 4 HOH 21  321 321 HOH HOH A . 
D 4 HOH 22  322 322 HOH HOH A . 
D 4 HOH 23  323 323 HOH HOH A . 
D 4 HOH 24  324 324 HOH HOH A . 
D 4 HOH 25  325 325 HOH HOH A . 
D 4 HOH 26  326 326 HOH HOH A . 
D 4 HOH 27  327 327 HOH HOH A . 
D 4 HOH 28  328 328 HOH HOH A . 
D 4 HOH 29  329 329 HOH HOH A . 
D 4 HOH 30  330 330 HOH HOH A . 
D 4 HOH 31  331 331 HOH HOH A . 
D 4 HOH 32  332 332 HOH HOH A . 
D 4 HOH 33  333 333 HOH HOH A . 
D 4 HOH 34  334 334 HOH HOH A . 
D 4 HOH 35  335 335 HOH HOH A . 
D 4 HOH 36  336 336 HOH HOH A . 
D 4 HOH 37  337 337 HOH HOH A . 
D 4 HOH 38  338 338 HOH HOH A . 
D 4 HOH 39  339 339 HOH HOH A . 
D 4 HOH 40  340 340 HOH HOH A . 
D 4 HOH 41  341 341 HOH HOH A . 
D 4 HOH 42  342 342 HOH HOH A . 
D 4 HOH 43  343 343 HOH HOH A . 
D 4 HOH 44  344 344 HOH HOH A . 
D 4 HOH 45  345 345 HOH HOH A . 
D 4 HOH 46  346 346 HOH HOH A . 
D 4 HOH 47  347 347 HOH HOH A . 
D 4 HOH 48  348 348 HOH HOH A . 
D 4 HOH 49  349 349 HOH HOH A . 
D 4 HOH 50  350 350 HOH HOH A . 
D 4 HOH 51  351 351 HOH HOH A . 
D 4 HOH 52  352 352 HOH HOH A . 
D 4 HOH 53  353 353 HOH HOH A . 
D 4 HOH 54  354 354 HOH HOH A . 
D 4 HOH 55  355 355 HOH HOH A . 
D 4 HOH 56  356 356 HOH HOH A . 
D 4 HOH 57  357 357 HOH HOH A . 
D 4 HOH 58  358 358 HOH HOH A . 
D 4 HOH 59  359 359 HOH HOH A . 
D 4 HOH 60  360 360 HOH HOH A . 
D 4 HOH 61  361 361 HOH HOH A . 
D 4 HOH 62  362 362 HOH HOH A . 
D 4 HOH 63  363 363 HOH HOH A . 
D 4 HOH 64  364 364 HOH HOH A . 
D 4 HOH 65  365 365 HOH HOH A . 
D 4 HOH 66  366 366 HOH HOH A . 
D 4 HOH 67  367 367 HOH HOH A . 
D 4 HOH 68  368 368 HOH HOH A . 
D 4 HOH 69  369 369 HOH HOH A . 
D 4 HOH 70  370 370 HOH HOH A . 
D 4 HOH 71  371 371 HOH HOH A . 
D 4 HOH 72  372 372 HOH HOH A . 
D 4 HOH 73  373 373 HOH HOH A . 
D 4 HOH 74  374 374 HOH HOH A . 
D 4 HOH 75  375 375 HOH HOH A . 
D 4 HOH 76  376 376 HOH HOH A . 
D 4 HOH 77  377 377 HOH HOH A . 
D 4 HOH 78  378 378 HOH HOH A . 
D 4 HOH 79  379 379 HOH HOH A . 
D 4 HOH 80  380 380 HOH HOH A . 
D 4 HOH 81  381 381 HOH HOH A . 
D 4 HOH 82  382 382 HOH HOH A . 
D 4 HOH 83  383 383 HOH HOH A . 
D 4 HOH 84  384 384 HOH HOH A . 
D 4 HOH 85  385 385 HOH HOH A . 
D 4 HOH 86  386 386 HOH HOH A . 
D 4 HOH 87  387 387 HOH HOH A . 
D 4 HOH 88  388 388 HOH HOH A . 
D 4 HOH 89  389 389 HOH HOH A . 
D 4 HOH 90  390 390 HOH HOH A . 
D 4 HOH 91  391 391 HOH HOH A . 
D 4 HOH 92  392 392 HOH HOH A . 
D 4 HOH 93  393 393 HOH HOH A . 
D 4 HOH 94  394 394 HOH HOH A . 
D 4 HOH 95  395 395 HOH HOH A . 
D 4 HOH 96  396 396 HOH HOH A . 
D 4 HOH 97  397 397 HOH HOH A . 
D 4 HOH 98  398 398 HOH HOH A . 
D 4 HOH 99  399 399 HOH HOH A . 
D 4 HOH 100 400 400 HOH HOH A . 
D 4 HOH 101 401 401 HOH HOH A . 
D 4 HOH 102 402 402 HOH HOH A . 
D 4 HOH 103 403 403 HOH HOH A . 
D 4 HOH 104 404 404 HOH HOH A . 
D 4 HOH 105 405 405 HOH HOH A . 
D 4 HOH 106 406 406 HOH HOH A . 
D 4 HOH 107 407 407 HOH HOH A . 
D 4 HOH 108 408 408 HOH HOH A . 
D 4 HOH 109 409 409 HOH HOH A . 
D 4 HOH 110 410 410 HOH HOH A . 
D 4 HOH 111 411 411 HOH HOH A . 
D 4 HOH 112 412 412 HOH HOH A . 
D 4 HOH 113 413 413 HOH HOH A . 
D 4 HOH 114 414 414 HOH HOH A . 
D 4 HOH 115 415 415 HOH HOH A . 
D 4 HOH 116 416 416 HOH HOH A . 
D 4 HOH 117 417 417 HOH HOH A . 
D 4 HOH 118 418 418 HOH HOH A . 
D 4 HOH 119 419 419 HOH HOH A . 
D 4 HOH 120 420 420 HOH HOH A . 
D 4 HOH 121 421 421 HOH HOH A . 
D 4 HOH 122 422 422 HOH HOH A . 
D 4 HOH 123 423 423 HOH HOH A . 
D 4 HOH 124 424 424 HOH HOH A . 
D 4 HOH 125 425 425 HOH HOH A . 
# 
loop_
_software.name 
_software.classification 
_software.version 
_software.citation_id 
_software.pdbx_ordinal 
HKL-3000 'data collection' .        ? 1 
PHASER   phasing           .        ? 2 
REFMAC   refinement        5.8.0049 ? 3 
HKL-3000 'data reduction'  .        ? 4 
HKL-3000 'data scaling'    .        ? 5 
# 
_cell.entry_id           4NMM 
_cell.length_a           39.088 
_cell.length_b           42.022 
_cell.length_c           91.159 
_cell.angle_alpha        90.00 
_cell.angle_beta         90.00 
_cell.angle_gamma        90.00 
_cell.Z_PDB              4 
_cell.pdbx_unique_axis   ? 
_cell.length_a_esd       ? 
_cell.length_b_esd       ? 
_cell.length_c_esd       ? 
_cell.angle_alpha_esd    ? 
_cell.angle_beta_esd     ? 
_cell.angle_gamma_esd    ? 
# 
_symmetry.entry_id                         4NMM 
_symmetry.space_group_name_H-M             'P 21 21 21' 
_symmetry.pdbx_full_space_group_name_H-M   ? 
_symmetry.cell_setting                     ? 
_symmetry.Int_Tables_number                19 
_symmetry.space_group_name_Hall            ? 
# 
_exptl.entry_id          4NMM 
_exptl.method            'X-RAY DIFFRACTION' 
_exptl.crystals_number   1 
# 
_exptl_crystal.id                    1 
_exptl_crystal.density_meas          ? 
_exptl_crystal.density_Matthews      1.93 
_exptl_crystal.density_percent_sol   36.34 
_exptl_crystal.description           ? 
_exptl_crystal.F_000                 ? 
_exptl_crystal.preparation           ? 
# 
_exptl_crystal_grow.crystal_id      1 
_exptl_crystal_grow.method          ? 
_exptl_crystal_grow.temp            277 
_exptl_crystal_grow.temp_details    ? 
_exptl_crystal_grow.pH              4.0 
_exptl_crystal_grow.pdbx_pH_range   ? 
_exptl_crystal_grow.pdbx_details    '0.2M MMT pH4.0, 28% PEG 6,000, VAPOR DIFFUSION, HANGING DROP, temperature 277K' 
# 
_diffrn.id                     1 
_diffrn.ambient_temp           100 
_diffrn.ambient_temp_details   ? 
_diffrn.crystal_id             1 
# 
_diffrn_detector.diffrn_id              1 
_diffrn_detector.detector               CCD 
_diffrn_detector.type                   'ADSC QUANTUM 315' 
_diffrn_detector.pdbx_collection_date   2013-06-12 
_diffrn_detector.details                ? 
# 
_diffrn_radiation.diffrn_id                        1 
_diffrn_radiation.wavelength_id                    1 
_diffrn_radiation.pdbx_monochromatic_or_laue_m_l   M 
_diffrn_radiation.monochromator                    'ROSENBAUM-ROCK HIGH-RESOLUTION DOUBLE-CRYSTAL MONOCHROMATOR' 
_diffrn_radiation.pdbx_diffrn_protocol             'SINGLE WAVELENGTH' 
_diffrn_radiation.pdbx_scattering_type             x-ray 
# 
_diffrn_radiation_wavelength.id           1 
_diffrn_radiation_wavelength.wavelength   0.97921 
_diffrn_radiation_wavelength.wt           1.0 
# 
_diffrn_source.diffrn_id                   1 
_diffrn_source.source                      SYNCHROTRON 
_diffrn_source.type                        'APS BEAMLINE 19-ID' 
_diffrn_source.pdbx_synchrotron_site       APS 
_diffrn_source.pdbx_synchrotron_beamline   19-ID 
_diffrn_source.pdbx_wavelength             0.97921 
_diffrn_source.pdbx_wavelength_list        ? 
# 
_reflns.pdbx_diffrn_id               1 
_reflns.pdbx_ordinal                 1 
_reflns.entry_id                     4NMM 
_reflns.observed_criterion_sigma_I   2.000 
_reflns.observed_criterion_sigma_F   ? 
_reflns.d_resolution_low             50.000 
_reflns.d_resolution_high            1.890 
_reflns.number_obs                   12363 
_reflns.number_all                   ? 
_reflns.percent_possible_obs         99.8 
_reflns.pdbx_Rmerge_I_obs            0.12600 
_reflns.pdbx_Rsym_value              ? 
_reflns.pdbx_netI_over_sigmaI        14.4690 
_reflns.B_iso_Wilson_estimate        23.29 
_reflns.pdbx_redundancy              5.800 
_reflns.R_free_details               ? 
_reflns.limit_h_max                  ? 
_reflns.limit_h_min                  ? 
_reflns.limit_k_max                  ? 
_reflns.limit_k_min                  ? 
_reflns.limit_l_max                  ? 
_reflns.limit_l_min                  ? 
_reflns.observed_criterion_F_max     ? 
_reflns.observed_criterion_F_min     ? 
_reflns.pdbx_chi_squared             ? 
_reflns.pdbx_scaling_rejects         ? 
# 
_reflns_shell.pdbx_diffrn_id         1 
_reflns_shell.pdbx_ordinal           1 
_reflns_shell.d_res_high             1.90 
_reflns_shell.d_res_low              1.93 
_reflns_shell.percent_possible_all   100.0 
_reflns_shell.Rmerge_I_obs           0.88300 
_reflns_shell.pdbx_Rsym_value        ? 
_reflns_shell.meanI_over_sigI_obs    2.036 
_reflns_shell.pdbx_redundancy        5.10 
_reflns_shell.percent_possible_obs   ? 
_reflns_shell.number_unique_all      ? 
_reflns_shell.number_measured_all    ? 
_reflns_shell.number_measured_obs    ? 
_reflns_shell.number_unique_obs      ? 
_reflns_shell.pdbx_chi_squared       ? 
# 
_refine.pdbx_refine_id                           'X-RAY DIFFRACTION' 
_refine.entry_id                                 4NMM 
_refine.pdbx_diffrn_id                           1 
_refine.pdbx_TLS_residual_ADP_flag               ? 
_refine.ls_number_reflns_obs                     11695 
_refine.ls_number_reflns_all                     12363 
_refine.pdbx_ls_sigma_I                          ? 
_refine.pdbx_ls_sigma_F                          ? 
_refine.pdbx_data_cutoff_high_absF               ? 
_refine.pdbx_data_cutoff_low_absF                ? 
_refine.pdbx_data_cutoff_high_rms_absF           ? 
_refine.ls_d_res_low                             45.58 
_refine.ls_d_res_high                            1.89 
_refine.ls_percent_reflns_obs                    ? 
_refine.ls_R_factor_obs                          0.186 
_refine.ls_R_factor_all                          ? 
_refine.ls_R_factor_R_work                       0.184 
_refine.ls_R_factor_R_free                       0.237 
_refine.ls_R_factor_R_free_error                 ? 
_refine.ls_R_factor_R_free_error_details         ? 
_refine.ls_percent_reflns_R_free                 5.000 
_refine.ls_number_reflns_R_free                  615 
_refine.ls_number_parameters                     ? 
_refine.ls_number_restraints                     ? 
_refine.occupancy_min                            ? 
_refine.occupancy_max                            ? 
_refine.correlation_coeff_Fo_to_Fc               0.957 
_refine.correlation_coeff_Fo_to_Fc_free          0.931 
_refine.B_iso_mean                               25.81 
_refine.aniso_B[1][1]                            -2.46000 
_refine.aniso_B[2][2]                            3.17000 
_refine.aniso_B[3][3]                            -0.71000 
_refine.aniso_B[1][2]                            0.00000 
_refine.aniso_B[1][3]                            0.00000 
_refine.aniso_B[2][3]                            0.00000 
_refine.solvent_model_details                    MASK 
_refine.solvent_model_param_ksol                 ? 
_refine.solvent_model_param_bsol                 ? 
_refine.pdbx_solvent_vdw_probe_radii             1.20 
_refine.pdbx_solvent_ion_probe_radii             0.80 
_refine.pdbx_solvent_shrinkage_radii             0.80 
_refine.pdbx_ls_cross_valid_method               THROUGHOUT 
_refine.details                                  'HYDROGENS HAVE BEEN ADDED IN THE RIDING POSITIONS' 
_refine.pdbx_starting_model                      'PDB ENTRY 4EPV' 
_refine.pdbx_method_to_determine_struct          'MOLECULAR REPLACEMENT' 
_refine.pdbx_isotropic_thermal_model             ? 
_refine.pdbx_stereochemistry_target_values       'MAXIMUM LIKELIHOOD' 
_refine.pdbx_stereochem_target_val_spec_case     ? 
_refine.pdbx_R_Free_selection_details            RANDOM 
_refine.pdbx_overall_ESU_R                       0.185 
_refine.pdbx_overall_ESU_R_Free                  0.166 
_refine.overall_SU_ML                            0.133 
_refine.pdbx_overall_phase_error                 ? 
_refine.overall_SU_B                             4.717 
_refine.overall_SU_R_Cruickshank_DPI             ? 
_refine.pdbx_overall_SU_R_free_Cruickshank_DPI   ? 
_refine.pdbx_overall_SU_R_Blow_DPI               ? 
_refine.pdbx_overall_SU_R_free_Blow_DPI          ? 
_refine.ls_redundancy_reflns_obs                 ? 
_refine.B_iso_min                                ? 
_refine.B_iso_max                                ? 
_refine.overall_SU_R_free                        ? 
_refine.ls_wR_factor_R_free                      ? 
_refine.ls_wR_factor_R_work                      ? 
_refine.overall_FOM_free_R_set                   ? 
_refine.overall_FOM_work_R_set                   ? 
# 
_refine_hist.pdbx_refine_id                   'X-RAY DIFFRACTION' 
_refine_hist.cycle_id                         LAST 
_refine_hist.pdbx_number_atoms_protein        1357 
_refine_hist.pdbx_number_atoms_nucleic_acid   0 
_refine_hist.pdbx_number_atoms_ligand         35 
_refine_hist.number_atoms_solvent             125 
_refine_hist.number_atoms_total               1517 
_refine_hist.d_res_high                       1.89 
_refine_hist.d_res_low                        45.58 
# 
loop_
_refine_ls_restr.type 
_refine_ls_restr.dev_ideal 
_refine_ls_restr.dev_ideal_target 
_refine_ls_restr.weight 
_refine_ls_restr.number 
_refine_ls_restr.pdbx_refine_id 
_refine_ls_restr.pdbx_restraint_function 
r_bond_refined_d             0.015  0.019  ? 1419 'X-RAY DIFFRACTION' ? 
r_bond_other_d               0.007  0.020  ? 1332 'X-RAY DIFFRACTION' ? 
r_angle_refined_deg          1.364  1.992  ? 1921 'X-RAY DIFFRACTION' ? 
r_angle_other_deg            0.768  3.001  ? 3072 'X-RAY DIFFRACTION' ? 
r_dihedral_angle_1_deg       5.011  5.000  ? 171  'X-RAY DIFFRACTION' ? 
r_dihedral_angle_2_deg       36.225 24.493 ? 69   'X-RAY DIFFRACTION' ? 
r_dihedral_angle_3_deg       12.006 15.000 ? 255  'X-RAY DIFFRACTION' ? 
r_dihedral_angle_4_deg       20.314 15.000 ? 10   'X-RAY DIFFRACTION' ? 
r_chiral_restr               0.075  0.200  ? 213  'X-RAY DIFFRACTION' ? 
r_gen_planes_refined         0.008  0.020  ? 1589 'X-RAY DIFFRACTION' ? 
r_gen_planes_other           0.004  0.020  ? 318  'X-RAY DIFFRACTION' ? 
r_nbd_refined                ?      ?      ? ?    'X-RAY DIFFRACTION' ? 
r_nbd_other                  ?      ?      ? ?    'X-RAY DIFFRACTION' ? 
r_nbtor_refined              ?      ?      ? ?    'X-RAY DIFFRACTION' ? 
r_nbtor_other                ?      ?      ? ?    'X-RAY DIFFRACTION' ? 
r_xyhbond_nbd_refined        ?      ?      ? ?    'X-RAY DIFFRACTION' ? 
r_xyhbond_nbd_other          ?      ?      ? ?    'X-RAY DIFFRACTION' ? 
r_metal_ion_refined          ?      ?      ? ?    'X-RAY DIFFRACTION' ? 
r_metal_ion_other            ?      ?      ? ?    'X-RAY DIFFRACTION' ? 
r_symmetry_vdw_refined       ?      ?      ? ?    'X-RAY DIFFRACTION' ? 
r_symmetry_vdw_other         ?      ?      ? ?    'X-RAY DIFFRACTION' ? 
r_symmetry_hbond_refined     ?      ?      ? ?    'X-RAY DIFFRACTION' ? 
r_symmetry_hbond_other       ?      ?      ? ?    'X-RAY DIFFRACTION' ? 
r_symmetry_metal_ion_refined ?      ?      ? ?    'X-RAY DIFFRACTION' ? 
r_symmetry_metal_ion_other   ?      ?      ? ?    'X-RAY DIFFRACTION' ? 
r_mcbond_it                  2.152  2.293  ? 683  'X-RAY DIFFRACTION' ? 
r_mcbond_other               2.108  2.289  ? 680  'X-RAY DIFFRACTION' ? 
r_mcangle_it                 2.963  3.430  ? 851  'X-RAY DIFFRACTION' ? 
r_mcangle_other              2.974  3.432  ? 851  'X-RAY DIFFRACTION' ? 
r_scbond_it                  3.257  2.770  ? 736  'X-RAY DIFFRACTION' ? 
r_scbond_other               3.259  2.771  ? 734  'X-RAY DIFFRACTION' ? 
r_scangle_it                 ?      ?      ? ?    'X-RAY DIFFRACTION' ? 
r_scangle_other              5.140  4.005  ? 1068 'X-RAY DIFFRACTION' ? 
r_long_range_B_refined       6.816  20.084 ? 1703 'X-RAY DIFFRACTION' ? 
r_long_range_B_other         6.723  19.749 ? 1658 'X-RAY DIFFRACTION' ? 
r_rigid_bond_restr           ?      ?      ? ?    'X-RAY DIFFRACTION' ? 
r_sphericity_free            ?      ?      ? ?    'X-RAY DIFFRACTION' ? 
r_sphericity_bonded          ?      ?      ? ?    'X-RAY DIFFRACTION' ? 
# 
_refine_ls_shell.pdbx_refine_id                   'X-RAY DIFFRACTION' 
_refine_ls_shell.pdbx_total_number_of_bins_used   20 
_refine_ls_shell.d_res_high                       1.89 
_refine_ls_shell.d_res_low                        1.94 
_refine_ls_shell.number_reflns_R_work             598 
_refine_ls_shell.R_factor_R_work                  0.3060 
_refine_ls_shell.percent_reflns_obs               67.75 
_refine_ls_shell.R_factor_R_free                  0.2600 
_refine_ls_shell.R_factor_R_free_error            ? 
_refine_ls_shell.percent_reflns_R_free            ? 
_refine_ls_shell.number_reflns_R_free             28 
_refine_ls_shell.number_reflns_all                ? 
_refine_ls_shell.R_factor_all                     ? 
_refine_ls_shell.redundancy_reflns_obs            ? 
_refine_ls_shell.number_reflns_obs                ? 
# 
_struct.entry_id                  4NMM 
_struct.title                     
'Crystal Structure of a G12C Oncogenic Variant of Human KRas Bound to a Novel GDP Competitive Covalent Inhibitor' 
_struct.pdbx_model_details        ? 
_struct.pdbx_CASP_flag            ? 
_struct.pdbx_model_type_details   ? 
# 
_struct_keywords.entry_id        4NMM 
_struct_keywords.pdbx_keywords   'HYDROLASE/HYDROLASE INHIBITOR' 
_struct_keywords.text            
'Small GTPase, GDP bound, oncogenic mutation, covalent inhibitor, HYDROLASE-HYDROLASE INHIBITOR complex' 
# 
loop_
_struct_asym.id 
_struct_asym.pdbx_blank_PDB_chainid_flag 
_struct_asym.pdbx_modified 
_struct_asym.entity_id 
_struct_asym.details 
A N N 1 ? 
B N N 2 ? 
C N N 3 ? 
D N N 4 ? 
# 
_struct_ref.id                         1 
_struct_ref.db_name                    UNP 
_struct_ref.db_code                    RASK_HUMAN 
_struct_ref.pdbx_db_accession          P01116 
_struct_ref.entity_id                  1 
_struct_ref.pdbx_seq_one_letter_code   
;MTEYKLVVVGAGGVGKSALTIQLIQNHFVDEYDPTIEDSYRKQVVIDGETCLLDILDTAGQEEYSAMRDQYMRTGEGFLC
VFAINNTKSFEDIHHYREQIKRVKDSEDVPMVLVGNKCDLPSRTVDTKQAQDLARSYGIPFIETSAKTRQRVEDAFYTLV
REIRQYRLK
;
_struct_ref.pdbx_align_begin           1 
_struct_ref.pdbx_db_isoform            ? 
# 
_struct_ref_seq.align_id                      1 
_struct_ref_seq.ref_id                        1 
_struct_ref_seq.pdbx_PDB_id_code              4NMM 
_struct_ref_seq.pdbx_strand_id                A 
_struct_ref_seq.seq_align_beg                 2 
_struct_ref_seq.pdbx_seq_align_beg_ins_code   ? 
_struct_ref_seq.seq_align_end                 170 
_struct_ref_seq.pdbx_seq_align_end_ins_code   ? 
_struct_ref_seq.pdbx_db_accession             P01116 
_struct_ref_seq.db_align_beg                  1 
_struct_ref_seq.pdbx_db_align_beg_ins_code    ? 
_struct_ref_seq.db_align_end                  169 
_struct_ref_seq.pdbx_db_align_end_ins_code    ? 
_struct_ref_seq.pdbx_auth_seq_align_beg       1 
_struct_ref_seq.pdbx_auth_seq_align_end       169 
# 
loop_
_struct_ref_seq_dif.align_id 
_struct_ref_seq_dif.pdbx_pdb_id_code 
_struct_ref_seq_dif.mon_id 
_struct_ref_seq_dif.pdbx_pdb_strand_id 
_struct_ref_seq_dif.seq_num 
_struct_ref_seq_dif.pdbx_pdb_ins_code 
_struct_ref_seq_dif.pdbx_seq_db_name 
_struct_ref_seq_dif.pdbx_seq_db_accession_code 
_struct_ref_seq_dif.db_mon_id 
_struct_ref_seq_dif.pdbx_seq_db_seq_num 
_struct_ref_seq_dif.details 
_struct_ref_seq_dif.pdbx_auth_seq_num 
_struct_ref_seq_dif.pdbx_ordinal 
1 4NMM GLY A 1  ? UNP P01116 ?   ?  'expression tag'      0  1 
1 4NMM CYS A 13 ? UNP P01116 GLY 12 'engineered mutation' 12 2 
# 
_pdbx_struct_assembly.id                   1 
_pdbx_struct_assembly.details              author_and_software_defined_assembly 
_pdbx_struct_assembly.method_details       PISA 
_pdbx_struct_assembly.oligomeric_details   monomeric 
_pdbx_struct_assembly.oligomeric_count     1 
# 
_pdbx_struct_assembly_gen.assembly_id       1 
_pdbx_struct_assembly_gen.oper_expression   1 
_pdbx_struct_assembly_gen.asym_id_list      A,B,C,D 
# 
_pdbx_struct_oper_list.id                   1 
_pdbx_struct_oper_list.type                 'identity operation' 
_pdbx_struct_oper_list.name                 1_555 
_pdbx_struct_oper_list.symmetry_operation   x,y,z 
_pdbx_struct_oper_list.matrix[1][1]         1.0000000000 
_pdbx_struct_oper_list.matrix[1][2]         0.0000000000 
_pdbx_struct_oper_list.matrix[1][3]         0.0000000000 
_pdbx_struct_oper_list.vector[1]            0.0000000000 
_pdbx_struct_oper_list.matrix[2][1]         0.0000000000 
_pdbx_struct_oper_list.matrix[2][2]         1.0000000000 
_pdbx_struct_oper_list.matrix[2][3]         0.0000000000 
_pdbx_struct_oper_list.vector[2]            0.0000000000 
_pdbx_struct_oper_list.matrix[3][1]         0.0000000000 
_pdbx_struct_oper_list.matrix[3][2]         0.0000000000 
_pdbx_struct_oper_list.matrix[3][3]         1.0000000000 
_pdbx_struct_oper_list.vector[3]            0.0000000000 
# 
_struct_biol.id        1 
_struct_biol.details   ? 
# 
loop_
_struct_conf.conf_type_id 
_struct_conf.id 
_struct_conf.pdbx_PDB_helix_id 
_struct_conf.beg_label_comp_id 
_struct_conf.beg_label_asym_id 
_struct_conf.beg_label_seq_id 
_struct_conf.pdbx_beg_PDB_ins_code 
_struct_conf.end_label_comp_id 
_struct_conf.end_label_asym_id 
_struct_conf.end_label_seq_id 
_struct_conf.pdbx_end_PDB_ins_code 
_struct_conf.beg_auth_comp_id 
_struct_conf.beg_auth_asym_id 
_struct_conf.beg_auth_seq_id 
_struct_conf.end_auth_comp_id 
_struct_conf.end_auth_asym_id 
_struct_conf.end_auth_seq_id 
_struct_conf.pdbx_PDB_helix_class 
_struct_conf.details 
_struct_conf.pdbx_PDB_helix_length 
HELX_P HELX_P1 1 GLY A 16  ? ASN A 27  ? GLY A 15  ASN A 26  1 ? 12 
HELX_P HELX_P2 2 TYR A 65  ? GLY A 76  ? TYR A 64  GLY A 75  1 ? 12 
HELX_P HELX_P3 3 ASN A 87  ? ASP A 106 ? ASN A 86  ASP A 105 1 ? 20 
HELX_P HELX_P4 4 ASP A 127 ? GLY A 139 ? ASP A 126 GLY A 138 1 ? 13 
HELX_P HELX_P5 5 GLY A 152 ? GLU A 169 ? GLY A 151 GLU A 168 1 ? 18 
# 
_struct_conf_type.id          HELX_P 
_struct_conf_type.criteria    ? 
_struct_conf_type.reference   ? 
# 
loop_
_struct_conn.id 
_struct_conn.conn_type_id 
_struct_conn.pdbx_leaving_atom_flag 
_struct_conn.pdbx_PDB_id 
_struct_conn.ptnr1_label_asym_id 
_struct_conn.ptnr1_label_comp_id 
_struct_conn.ptnr1_label_seq_id 
_struct_conn.ptnr1_label_atom_id 
_struct_conn.pdbx_ptnr1_label_alt_id 
_struct_conn.pdbx_ptnr1_PDB_ins_code 
_struct_conn.pdbx_ptnr1_standard_comp_id 
_struct_conn.ptnr1_symmetry 
_struct_conn.ptnr2_label_asym_id 
_struct_conn.ptnr2_label_comp_id 
_struct_conn.ptnr2_label_seq_id 
_struct_conn.ptnr2_label_atom_id 
_struct_conn.pdbx_ptnr2_label_alt_id 
_struct_conn.pdbx_ptnr2_PDB_ins_code 
_struct_conn.ptnr1_auth_asym_id 
_struct_conn.ptnr1_auth_comp_id 
_struct_conn.ptnr1_auth_seq_id 
_struct_conn.ptnr2_auth_asym_id 
_struct_conn.ptnr2_auth_comp_id 
_struct_conn.ptnr2_auth_seq_id 
_struct_conn.ptnr2_symmetry 
_struct_conn.pdbx_ptnr3_label_atom_id 
_struct_conn.pdbx_ptnr3_label_seq_id 
_struct_conn.pdbx_ptnr3_label_comp_id 
_struct_conn.pdbx_ptnr3_label_asym_id 
_struct_conn.pdbx_ptnr3_label_alt_id 
_struct_conn.pdbx_ptnr3_PDB_ins_code 
_struct_conn.details 
_struct_conn.pdbx_dist_value 
_struct_conn.pdbx_value_order 
_struct_conn.pdbx_role 
covale1 covale none ? A CYS 13 SG B ? ? 1_555 C Y9Z . C13 ? ? A CYS 12  A Y9Z 202 1_555 ? ? ? ? ? ? ? 1.804 ? ? 
metalc1 metalc ?    ? A SER 18 OG ? ? ? 1_555 B MG  . MG  ? ? A SER 17  A MG  201 1_555 ? ? ? ? ? ? ? 2.178 ? ? 
metalc2 metalc ?    ? B MG  .  MG ? ? ? 1_555 C Y9Z . O8  ? ? A MG  201 A Y9Z 202 1_555 ? ? ? ? ? ? ? 1.859 ? ? 
metalc3 metalc ?    ? B MG  .  MG ? ? ? 1_555 D HOH . O   ? ? A MG  201 A HOH 306 1_555 ? ? ? ? ? ? ? 2.370 ? ? 
metalc4 metalc ?    ? B MG  .  MG ? ? ? 1_555 D HOH . O   ? ? A MG  201 A HOH 424 1_555 ? ? ? ? ? ? ? 2.254 ? ? 
metalc5 metalc ?    ? B MG  .  MG ? ? ? 1_555 D HOH . O   ? ? A MG  201 A HOH 425 1_555 ? ? ? ? ? ? ? 2.340 ? ? 
# 
loop_
_struct_conn_type.id 
_struct_conn_type.criteria 
_struct_conn_type.reference 
covale ? ? 
metalc ? ? 
# 
loop_
_pdbx_struct_conn_angle.id 
_pdbx_struct_conn_angle.ptnr1_label_atom_id 
_pdbx_struct_conn_angle.ptnr1_label_alt_id 
_pdbx_struct_conn_angle.ptnr1_label_asym_id 
_pdbx_struct_conn_angle.ptnr1_label_comp_id 
_pdbx_struct_conn_angle.ptnr1_label_seq_id 
_pdbx_struct_conn_angle.ptnr1_auth_atom_id 
_pdbx_struct_conn_angle.ptnr1_auth_asym_id 
_pdbx_struct_conn_angle.ptnr1_auth_comp_id 
_pdbx_struct_conn_angle.ptnr1_auth_seq_id 
_pdbx_struct_conn_angle.ptnr1_PDB_ins_code 
_pdbx_struct_conn_angle.ptnr1_symmetry 
_pdbx_struct_conn_angle.ptnr2_label_atom_id 
_pdbx_struct_conn_angle.ptnr2_label_alt_id 
_pdbx_struct_conn_angle.ptnr2_label_asym_id 
_pdbx_struct_conn_angle.ptnr2_label_comp_id 
_pdbx_struct_conn_angle.ptnr2_label_seq_id 
_pdbx_struct_conn_angle.ptnr2_auth_atom_id 
_pdbx_struct_conn_angle.ptnr2_auth_asym_id 
_pdbx_struct_conn_angle.ptnr2_auth_comp_id 
_pdbx_struct_conn_angle.ptnr2_auth_seq_id 
_pdbx_struct_conn_angle.ptnr2_PDB_ins_code 
_pdbx_struct_conn_angle.ptnr2_symmetry 
_pdbx_struct_conn_angle.ptnr3_label_atom_id 
_pdbx_struct_conn_angle.ptnr3_label_alt_id 
_pdbx_struct_conn_angle.ptnr3_label_asym_id 
_pdbx_struct_conn_angle.ptnr3_label_comp_id 
_pdbx_struct_conn_angle.ptnr3_label_seq_id 
_pdbx_struct_conn_angle.ptnr3_auth_atom_id 
_pdbx_struct_conn_angle.ptnr3_auth_asym_id 
_pdbx_struct_conn_angle.ptnr3_auth_comp_id 
_pdbx_struct_conn_angle.ptnr3_auth_seq_id 
_pdbx_struct_conn_angle.ptnr3_PDB_ins_code 
_pdbx_struct_conn_angle.ptnr3_symmetry 
_pdbx_struct_conn_angle.value 
_pdbx_struct_conn_angle.value_esd 
1  OG ? A SER 18 ? A SER 17  ? 1_555 MG ? B MG . ? A MG 201 ? 1_555 O8 ? C Y9Z . ? A Y9Z 202 ? 1_555 94.6  ? 
2  OG ? A SER 18 ? A SER 17  ? 1_555 MG ? B MG . ? A MG 201 ? 1_555 O  ? D HOH . ? A HOH 306 ? 1_555 78.4  ? 
3  O8 ? C Y9Z .  ? A Y9Z 202 ? 1_555 MG ? B MG . ? A MG 201 ? 1_555 O  ? D HOH . ? A HOH 306 ? 1_555 85.7  ? 
4  OG ? A SER 18 ? A SER 17  ? 1_555 MG ? B MG . ? A MG 201 ? 1_555 O  ? D HOH . ? A HOH 424 ? 1_555 91.9  ? 
5  O8 ? C Y9Z .  ? A Y9Z 202 ? 1_555 MG ? B MG . ? A MG 201 ? 1_555 O  ? D HOH . ? A HOH 424 ? 1_555 171.7 ? 
6  O  ? D HOH .  ? A HOH 306 ? 1_555 MG ? B MG . ? A MG 201 ? 1_555 O  ? D HOH . ? A HOH 424 ? 1_555 90.5  ? 
7  OG ? A SER 18 ? A SER 17  ? 1_555 MG ? B MG . ? A MG 201 ? 1_555 O  ? D HOH . ? A HOH 425 ? 1_555 94.4  ? 
8  O8 ? C Y9Z .  ? A Y9Z 202 ? 1_555 MG ? B MG . ? A MG 201 ? 1_555 O  ? D HOH . ? A HOH 425 ? 1_555 105.1 ? 
9  O  ? D HOH .  ? A HOH 306 ? 1_555 MG ? B MG . ? A MG 201 ? 1_555 O  ? D HOH . ? A HOH 425 ? 1_555 167.6 ? 
10 O  ? D HOH .  ? A HOH 424 ? 1_555 MG ? B MG . ? A MG 201 ? 1_555 O  ? D HOH . ? A HOH 425 ? 1_555 79.5  ? 
# 
_pdbx_modification_feature.ordinal                            1 
_pdbx_modification_feature.label_comp_id                      Y9Z 
_pdbx_modification_feature.label_asym_id                      C 
_pdbx_modification_feature.label_seq_id                       . 
_pdbx_modification_feature.label_alt_id                       ? 
_pdbx_modification_feature.modified_residue_label_comp_id     CYS 
_pdbx_modification_feature.modified_residue_label_asym_id     A 
_pdbx_modification_feature.modified_residue_label_seq_id      13 
_pdbx_modification_feature.modified_residue_label_alt_id      B 
_pdbx_modification_feature.auth_comp_id                       Y9Z 
_pdbx_modification_feature.auth_asym_id                       A 
_pdbx_modification_feature.auth_seq_id                        202 
_pdbx_modification_feature.PDB_ins_code                       ? 
_pdbx_modification_feature.symmetry                           1_555 
_pdbx_modification_feature.modified_residue_auth_comp_id      CYS 
_pdbx_modification_feature.modified_residue_auth_asym_id      A 
_pdbx_modification_feature.modified_residue_auth_seq_id       12 
_pdbx_modification_feature.modified_residue_PDB_ins_code      ? 
_pdbx_modification_feature.modified_residue_symmetry          1_555 
_pdbx_modification_feature.comp_id_linking_atom               C13 
_pdbx_modification_feature.modified_residue_id_linking_atom   SG 
_pdbx_modification_feature.modified_residue_id                CYS 
_pdbx_modification_feature.ref_pcm_id                         1 
_pdbx_modification_feature.ref_comp_id                        Y9Z 
_pdbx_modification_feature.type                               None 
_pdbx_modification_feature.category                           'Covalent chemical modification' 
# 
_struct_sheet.id               A 
_struct_sheet.type             ? 
_struct_sheet.number_strands   6 
_struct_sheet.details          ? 
# 
loop_
_struct_sheet_order.sheet_id 
_struct_sheet_order.range_id_1 
_struct_sheet_order.range_id_2 
_struct_sheet_order.offset 
_struct_sheet_order.sense 
A 1 2 ? anti-parallel 
A 2 3 ? parallel      
A 3 4 ? parallel      
A 4 5 ? parallel      
A 5 6 ? parallel      
# 
loop_
_struct_sheet_range.sheet_id 
_struct_sheet_range.id 
_struct_sheet_range.beg_label_comp_id 
_struct_sheet_range.beg_label_asym_id 
_struct_sheet_range.beg_label_seq_id 
_struct_sheet_range.pdbx_beg_PDB_ins_code 
_struct_sheet_range.end_label_comp_id 
_struct_sheet_range.end_label_asym_id 
_struct_sheet_range.end_label_seq_id 
_struct_sheet_range.pdbx_end_PDB_ins_code 
_struct_sheet_range.beg_auth_comp_id 
_struct_sheet_range.beg_auth_asym_id 
_struct_sheet_range.beg_auth_seq_id 
_struct_sheet_range.end_auth_comp_id 
_struct_sheet_range.end_auth_asym_id 
_struct_sheet_range.end_auth_seq_id 
A 1 ASP A 39  ? ILE A 47  ? ASP A 38  ILE A 46  
A 2 GLU A 50  ? ASP A 58  ? GLU A 49  ASP A 57  
A 3 GLU A 4   ? VAL A 10  ? GLU A 3   VAL A 9   
A 4 GLY A 78  ? ALA A 84  ? GLY A 77  ALA A 83  
A 5 MET A 112 ? ASN A 117 ? MET A 111 ASN A 116 
A 6 PHE A 142 ? GLU A 144 ? PHE A 141 GLU A 143 
# 
loop_
_pdbx_struct_sheet_hbond.sheet_id 
_pdbx_struct_sheet_hbond.range_id_1 
_pdbx_struct_sheet_hbond.range_id_2 
_pdbx_struct_sheet_hbond.range_1_label_atom_id 
_pdbx_struct_sheet_hbond.range_1_label_comp_id 
_pdbx_struct_sheet_hbond.range_1_label_asym_id 
_pdbx_struct_sheet_hbond.range_1_label_seq_id 
_pdbx_struct_sheet_hbond.range_1_PDB_ins_code 
_pdbx_struct_sheet_hbond.range_1_auth_atom_id 
_pdbx_struct_sheet_hbond.range_1_auth_comp_id 
_pdbx_struct_sheet_hbond.range_1_auth_asym_id 
_pdbx_struct_sheet_hbond.range_1_auth_seq_id 
_pdbx_struct_sheet_hbond.range_2_label_atom_id 
_pdbx_struct_sheet_hbond.range_2_label_comp_id 
_pdbx_struct_sheet_hbond.range_2_label_asym_id 
_pdbx_struct_sheet_hbond.range_2_label_seq_id 
_pdbx_struct_sheet_hbond.range_2_PDB_ins_code 
_pdbx_struct_sheet_hbond.range_2_auth_atom_id 
_pdbx_struct_sheet_hbond.range_2_auth_comp_id 
_pdbx_struct_sheet_hbond.range_2_auth_asym_id 
_pdbx_struct_sheet_hbond.range_2_auth_seq_id 
A 1 2 N TYR A 41  ? N TYR A 40  O ILE A 56  ? O ILE A 55  
A 2 3 O LEU A 57  ? O LEU A 56  N LEU A 7   ? N LEU A 6   
A 3 4 N VAL A 10  ? N VAL A 9   O VAL A 82  ? O VAL A 81  
A 4 5 N PHE A 83  ? N PHE A 82  O ASN A 117 ? O ASN A 116 
A 5 6 N LEU A 114 ? N LEU A 113 O ILE A 143 ? O ILE A 142 
# 
loop_
_struct_site.id 
_struct_site.pdbx_evidence_code 
_struct_site.pdbx_auth_asym_id 
_struct_site.pdbx_auth_comp_id 
_struct_site.pdbx_auth_seq_id 
_struct_site.pdbx_auth_ins_code 
_struct_site.pdbx_num_residues 
_struct_site.details 
AC1 Software A MG  201 ? 6  'BINDING SITE FOR RESIDUE MG A 201'  
AC2 Software A Y9Z 202 ? 26 'BINDING SITE FOR RESIDUE Y9Z A 202' 
# 
loop_
_struct_site_gen.id 
_struct_site_gen.site_id 
_struct_site_gen.pdbx_num_res 
_struct_site_gen.label_comp_id 
_struct_site_gen.label_asym_id 
_struct_site_gen.label_seq_id 
_struct_site_gen.pdbx_auth_ins_code 
_struct_site_gen.auth_comp_id 
_struct_site_gen.auth_asym_id 
_struct_site_gen.auth_seq_id 
_struct_site_gen.label_atom_id 
_struct_site_gen.label_alt_id 
_struct_site_gen.symmetry 
_struct_site_gen.details 
1  AC1 6  SER A 18  ? SER A 17  . ? 1_555 ? 
2  AC1 6  TYR A 33  ? TYR A 32  . ? 1_555 ? 
3  AC1 6  Y9Z C .   ? Y9Z A 202 . ? 1_555 ? 
4  AC1 6  HOH D .   ? HOH A 306 . ? 1_555 ? 
5  AC1 6  HOH D .   ? HOH A 424 . ? 1_555 ? 
6  AC1 6  HOH D .   ? HOH A 425 . ? 1_555 ? 
7  AC2 26 CYS A 13  ? CYS A 12  . ? 1_555 ? 
8  AC2 26 GLY A 14  ? GLY A 13  . ? 1_555 ? 
9  AC2 26 VAL A 15  ? VAL A 14  . ? 1_555 ? 
10 AC2 26 GLY A 16  ? GLY A 15  . ? 1_555 ? 
11 AC2 26 LYS A 17  ? LYS A 16  . ? 1_555 ? 
12 AC2 26 SER A 18  ? SER A 17  . ? 1_555 ? 
13 AC2 26 ALA A 19  ? ALA A 18  . ? 1_555 ? 
14 AC2 26 PHE A 29  ? PHE A 28  . ? 1_555 ? 
15 AC2 26 VAL A 30  ? VAL A 29  . ? 1_555 ? 
16 AC2 26 ASP A 31  ? ASP A 30  . ? 1_555 ? 
17 AC2 26 TYR A 33  ? TYR A 32  . ? 1_555 ? 
18 AC2 26 PRO A 35  ? PRO A 34  . ? 1_555 ? 
19 AC2 26 ALA A 60  ? ALA A 59  . ? 1_555 ? 
20 AC2 26 ASN A 117 ? ASN A 116 . ? 1_555 ? 
21 AC2 26 LYS A 118 ? LYS A 117 . ? 1_555 ? 
22 AC2 26 ASP A 120 ? ASP A 119 . ? 1_555 ? 
23 AC2 26 LEU A 121 ? LEU A 120 . ? 1_555 ? 
24 AC2 26 SER A 146 ? SER A 145 . ? 1_555 ? 
25 AC2 26 ALA A 147 ? ALA A 146 . ? 1_555 ? 
26 AC2 26 LYS A 148 ? LYS A 147 . ? 1_555 ? 
27 AC2 26 MG  B .   ? MG  A 201 . ? 1_555 ? 
28 AC2 26 HOH D .   ? HOH A 306 . ? 1_555 ? 
29 AC2 26 HOH D .   ? HOH A 336 . ? 1_555 ? 
30 AC2 26 HOH D .   ? HOH A 375 . ? 1_555 ? 
31 AC2 26 HOH D .   ? HOH A 411 . ? 1_555 ? 
32 AC2 26 HOH D .   ? HOH A 425 . ? 1_555 ? 
# 
_pdbx_entry_details.sequence_details           'THE SEQUENCE MATCHES UNIPROT ENTRY P01116, ISOFORM 2B WITH IDENTIFIER P01116-2' 
_pdbx_entry_details.entry_id                   4NMM 
_pdbx_entry_details.nonpolymer_details         
;THE UNREACTED INHIBITOR IS 5'-O-[(S)-{[(S)-{2-[(CHLOROCARBONYL)AMINO]ETHOXY}(HYDROXY)PHOSPHORYL]OXY}(HYDROXY)PHOSPHORYL]GUANOSINE, THE CHLORO-ACETLY GROUP REACTS WITH CYS A12 RESIDUE ON THE PROTEIN TO FORM A THIO-ETHER LINKAGE BETWEEN C13 ATOM OF Y9Z AND SG ATOM of CYS A12 WITH THE CHLORINE ACTING AS A LEAVING GROUP. LIGAND Y9Z REPRESENT THE REACTED/BOUND FORM OF THE INHIBITOR.
;
_pdbx_entry_details.compound_details           ? 
_pdbx_entry_details.source_details             ? 
_pdbx_entry_details.has_ligand_of_interest     ? 
_pdbx_entry_details.has_protein_modification   Y 
# 
_pdbx_validate_rmsd_angle.id                         1 
_pdbx_validate_rmsd_angle.PDB_model_num              1 
_pdbx_validate_rmsd_angle.auth_atom_id_1             NE 
_pdbx_validate_rmsd_angle.auth_asym_id_1             A 
_pdbx_validate_rmsd_angle.auth_comp_id_1             ARG 
_pdbx_validate_rmsd_angle.auth_seq_id_1              123 
_pdbx_validate_rmsd_angle.PDB_ins_code_1             ? 
_pdbx_validate_rmsd_angle.label_alt_id_1             ? 
_pdbx_validate_rmsd_angle.auth_atom_id_2             CZ 
_pdbx_validate_rmsd_angle.auth_asym_id_2             A 
_pdbx_validate_rmsd_angle.auth_comp_id_2             ARG 
_pdbx_validate_rmsd_angle.auth_seq_id_2              123 
_pdbx_validate_rmsd_angle.PDB_ins_code_2             ? 
_pdbx_validate_rmsd_angle.label_alt_id_2             ? 
_pdbx_validate_rmsd_angle.auth_atom_id_3             NH1 
_pdbx_validate_rmsd_angle.auth_asym_id_3             A 
_pdbx_validate_rmsd_angle.auth_comp_id_3             ARG 
_pdbx_validate_rmsd_angle.auth_seq_id_3              123 
_pdbx_validate_rmsd_angle.PDB_ins_code_3             ? 
_pdbx_validate_rmsd_angle.label_alt_id_3             ? 
_pdbx_validate_rmsd_angle.angle_value                123.38 
_pdbx_validate_rmsd_angle.angle_target_value         120.30 
_pdbx_validate_rmsd_angle.angle_deviation            3.08 
_pdbx_validate_rmsd_angle.angle_standard_deviation   0.50 
_pdbx_validate_rmsd_angle.linker_flag                N 
# 
loop_
_pdbx_validate_torsion.id 
_pdbx_validate_torsion.PDB_model_num 
_pdbx_validate_torsion.auth_comp_id 
_pdbx_validate_torsion.auth_asym_id 
_pdbx_validate_torsion.auth_seq_id 
_pdbx_validate_torsion.PDB_ins_code 
_pdbx_validate_torsion.label_alt_id 
_pdbx_validate_torsion.phi 
_pdbx_validate_torsion.psi 
1 1 LYS A 117 ? ? 71.10 30.58 
2 1 ARG A 149 ? ? 74.32 -1.97 
# 
loop_
_chem_comp_atom.comp_id 
_chem_comp_atom.atom_id 
_chem_comp_atom.type_symbol 
_chem_comp_atom.pdbx_aromatic_flag 
_chem_comp_atom.pdbx_stereo_config 
_chem_comp_atom.pdbx_ordinal 
ALA N    N  N N 1   
ALA CA   C  N S 2   
ALA C    C  N N 3   
ALA O    O  N N 4   
ALA CB   C  N N 5   
ALA OXT  O  N N 6   
ALA H    H  N N 7   
ALA H2   H  N N 8   
ALA HA   H  N N 9   
ALA HB1  H  N N 10  
ALA HB2  H  N N 11  
ALA HB3  H  N N 12  
ALA HXT  H  N N 13  
ARG N    N  N N 14  
ARG CA   C  N S 15  
ARG C    C  N N 16  
ARG O    O  N N 17  
ARG CB   C  N N 18  
ARG CG   C  N N 19  
ARG CD   C  N N 20  
ARG NE   N  N N 21  
ARG CZ   C  N N 22  
ARG NH1  N  N N 23  
ARG NH2  N  N N 24  
ARG OXT  O  N N 25  
ARG H    H  N N 26  
ARG H2   H  N N 27  
ARG HA   H  N N 28  
ARG HB2  H  N N 29  
ARG HB3  H  N N 30  
ARG HG2  H  N N 31  
ARG HG3  H  N N 32  
ARG HD2  H  N N 33  
ARG HD3  H  N N 34  
ARG HE   H  N N 35  
ARG HH11 H  N N 36  
ARG HH12 H  N N 37  
ARG HH21 H  N N 38  
ARG HH22 H  N N 39  
ARG HXT  H  N N 40  
ASN N    N  N N 41  
ASN CA   C  N S 42  
ASN C    C  N N 43  
ASN O    O  N N 44  
ASN CB   C  N N 45  
ASN CG   C  N N 46  
ASN OD1  O  N N 47  
ASN ND2  N  N N 48  
ASN OXT  O  N N 49  
ASN H    H  N N 50  
ASN H2   H  N N 51  
ASN HA   H  N N 52  
ASN HB2  H  N N 53  
ASN HB3  H  N N 54  
ASN HD21 H  N N 55  
ASN HD22 H  N N 56  
ASN HXT  H  N N 57  
ASP N    N  N N 58  
ASP CA   C  N S 59  
ASP C    C  N N 60  
ASP O    O  N N 61  
ASP CB   C  N N 62  
ASP CG   C  N N 63  
ASP OD1  O  N N 64  
ASP OD2  O  N N 65  
ASP OXT  O  N N 66  
ASP H    H  N N 67  
ASP H2   H  N N 68  
ASP HA   H  N N 69  
ASP HB2  H  N N 70  
ASP HB3  H  N N 71  
ASP HD2  H  N N 72  
ASP HXT  H  N N 73  
CYS N    N  N N 74  
CYS CA   C  N R 75  
CYS C    C  N N 76  
CYS O    O  N N 77  
CYS CB   C  N N 78  
CYS SG   S  N N 79  
CYS OXT  O  N N 80  
CYS H    H  N N 81  
CYS H2   H  N N 82  
CYS HA   H  N N 83  
CYS HB2  H  N N 84  
CYS HB3  H  N N 85  
CYS HG   H  N N 86  
CYS HXT  H  N N 87  
GLN N    N  N N 88  
GLN CA   C  N S 89  
GLN C    C  N N 90  
GLN O    O  N N 91  
GLN CB   C  N N 92  
GLN CG   C  N N 93  
GLN CD   C  N N 94  
GLN OE1  O  N N 95  
GLN NE2  N  N N 96  
GLN OXT  O  N N 97  
GLN H    H  N N 98  
GLN H2   H  N N 99  
GLN HA   H  N N 100 
GLN HB2  H  N N 101 
GLN HB3  H  N N 102 
GLN HG2  H  N N 103 
GLN HG3  H  N N 104 
GLN HE21 H  N N 105 
GLN HE22 H  N N 106 
GLN HXT  H  N N 107 
GLU N    N  N N 108 
GLU CA   C  N S 109 
GLU C    C  N N 110 
GLU O    O  N N 111 
GLU CB   C  N N 112 
GLU CG   C  N N 113 
GLU CD   C  N N 114 
GLU OE1  O  N N 115 
GLU OE2  O  N N 116 
GLU OXT  O  N N 117 
GLU H    H  N N 118 
GLU H2   H  N N 119 
GLU HA   H  N N 120 
GLU HB2  H  N N 121 
GLU HB3  H  N N 122 
GLU HG2  H  N N 123 
GLU HG3  H  N N 124 
GLU HE2  H  N N 125 
GLU HXT  H  N N 126 
GLY N    N  N N 127 
GLY CA   C  N N 128 
GLY C    C  N N 129 
GLY O    O  N N 130 
GLY OXT  O  N N 131 
GLY H    H  N N 132 
GLY H2   H  N N 133 
GLY HA2  H  N N 134 
GLY HA3  H  N N 135 
GLY HXT  H  N N 136 
HIS N    N  N N 137 
HIS CA   C  N S 138 
HIS C    C  N N 139 
HIS O    O  N N 140 
HIS CB   C  N N 141 
HIS CG   C  Y N 142 
HIS ND1  N  Y N 143 
HIS CD2  C  Y N 144 
HIS CE1  C  Y N 145 
HIS NE2  N  Y N 146 
HIS OXT  O  N N 147 
HIS H    H  N N 148 
HIS H2   H  N N 149 
HIS HA   H  N N 150 
HIS HB2  H  N N 151 
HIS HB3  H  N N 152 
HIS HD1  H  N N 153 
HIS HD2  H  N N 154 
HIS HE1  H  N N 155 
HIS HE2  H  N N 156 
HIS HXT  H  N N 157 
HOH O    O  N N 158 
HOH H1   H  N N 159 
HOH H2   H  N N 160 
ILE N    N  N N 161 
ILE CA   C  N S 162 
ILE C    C  N N 163 
ILE O    O  N N 164 
ILE CB   C  N S 165 
ILE CG1  C  N N 166 
ILE CG2  C  N N 167 
ILE CD1  C  N N 168 
ILE OXT  O  N N 169 
ILE H    H  N N 170 
ILE H2   H  N N 171 
ILE HA   H  N N 172 
ILE HB   H  N N 173 
ILE HG12 H  N N 174 
ILE HG13 H  N N 175 
ILE HG21 H  N N 176 
ILE HG22 H  N N 177 
ILE HG23 H  N N 178 
ILE HD11 H  N N 179 
ILE HD12 H  N N 180 
ILE HD13 H  N N 181 
ILE HXT  H  N N 182 
LEU N    N  N N 183 
LEU CA   C  N S 184 
LEU C    C  N N 185 
LEU O    O  N N 186 
LEU CB   C  N N 187 
LEU CG   C  N N 188 
LEU CD1  C  N N 189 
LEU CD2  C  N N 190 
LEU OXT  O  N N 191 
LEU H    H  N N 192 
LEU H2   H  N N 193 
LEU HA   H  N N 194 
LEU HB2  H  N N 195 
LEU HB3  H  N N 196 
LEU HG   H  N N 197 
LEU HD11 H  N N 198 
LEU HD12 H  N N 199 
LEU HD13 H  N N 200 
LEU HD21 H  N N 201 
LEU HD22 H  N N 202 
LEU HD23 H  N N 203 
LEU HXT  H  N N 204 
LYS N    N  N N 205 
LYS CA   C  N S 206 
LYS C    C  N N 207 
LYS O    O  N N 208 
LYS CB   C  N N 209 
LYS CG   C  N N 210 
LYS CD   C  N N 211 
LYS CE   C  N N 212 
LYS NZ   N  N N 213 
LYS OXT  O  N N 214 
LYS H    H  N N 215 
LYS H2   H  N N 216 
LYS HA   H  N N 217 
LYS HB2  H  N N 218 
LYS HB3  H  N N 219 
LYS HG2  H  N N 220 
LYS HG3  H  N N 221 
LYS HD2  H  N N 222 
LYS HD3  H  N N 223 
LYS HE2  H  N N 224 
LYS HE3  H  N N 225 
LYS HZ1  H  N N 226 
LYS HZ2  H  N N 227 
LYS HZ3  H  N N 228 
LYS HXT  H  N N 229 
MET N    N  N N 230 
MET CA   C  N S 231 
MET C    C  N N 232 
MET O    O  N N 233 
MET CB   C  N N 234 
MET CG   C  N N 235 
MET SD   S  N N 236 
MET CE   C  N N 237 
MET OXT  O  N N 238 
MET H    H  N N 239 
MET H2   H  N N 240 
MET HA   H  N N 241 
MET HB2  H  N N 242 
MET HB3  H  N N 243 
MET HG2  H  N N 244 
MET HG3  H  N N 245 
MET HE1  H  N N 246 
MET HE2  H  N N 247 
MET HE3  H  N N 248 
MET HXT  H  N N 249 
MG  MG   MG N N 250 
PHE N    N  N N 251 
PHE CA   C  N S 252 
PHE C    C  N N 253 
PHE O    O  N N 254 
PHE CB   C  N N 255 
PHE CG   C  Y N 256 
PHE CD1  C  Y N 257 
PHE CD2  C  Y N 258 
PHE CE1  C  Y N 259 
PHE CE2  C  Y N 260 
PHE CZ   C  Y N 261 
PHE OXT  O  N N 262 
PHE H    H  N N 263 
PHE H2   H  N N 264 
PHE HA   H  N N 265 
PHE HB2  H  N N 266 
PHE HB3  H  N N 267 
PHE HD1  H  N N 268 
PHE HD2  H  N N 269 
PHE HE1  H  N N 270 
PHE HE2  H  N N 271 
PHE HZ   H  N N 272 
PHE HXT  H  N N 273 
PRO N    N  N N 274 
PRO CA   C  N S 275 
PRO C    C  N N 276 
PRO O    O  N N 277 
PRO CB   C  N N 278 
PRO CG   C  N N 279 
PRO CD   C  N N 280 
PRO OXT  O  N N 281 
PRO H    H  N N 282 
PRO HA   H  N N 283 
PRO HB2  H  N N 284 
PRO HB3  H  N N 285 
PRO HG2  H  N N 286 
PRO HG3  H  N N 287 
PRO HD2  H  N N 288 
PRO HD3  H  N N 289 
PRO HXT  H  N N 290 
SER N    N  N N 291 
SER CA   C  N S 292 
SER C    C  N N 293 
SER O    O  N N 294 
SER CB   C  N N 295 
SER OG   O  N N 296 
SER OXT  O  N N 297 
SER H    H  N N 298 
SER H2   H  N N 299 
SER HA   H  N N 300 
SER HB2  H  N N 301 
SER HB3  H  N N 302 
SER HG   H  N N 303 
SER HXT  H  N N 304 
THR N    N  N N 305 
THR CA   C  N S 306 
THR C    C  N N 307 
THR O    O  N N 308 
THR CB   C  N R 309 
THR OG1  O  N N 310 
THR CG2  C  N N 311 
THR OXT  O  N N 312 
THR H    H  N N 313 
THR H2   H  N N 314 
THR HA   H  N N 315 
THR HB   H  N N 316 
THR HG1  H  N N 317 
THR HG21 H  N N 318 
THR HG22 H  N N 319 
THR HG23 H  N N 320 
THR HXT  H  N N 321 
TYR N    N  N N 322 
TYR CA   C  N S 323 
TYR C    C  N N 324 
TYR O    O  N N 325 
TYR CB   C  N N 326 
TYR CG   C  Y N 327 
TYR CD1  C  Y N 328 
TYR CD2  C  Y N 329 
TYR CE1  C  Y N 330 
TYR CE2  C  Y N 331 
TYR CZ   C  Y N 332 
TYR OH   O  N N 333 
TYR OXT  O  N N 334 
TYR H    H  N N 335 
TYR H2   H  N N 336 
TYR HA   H  N N 337 
TYR HB2  H  N N 338 
TYR HB3  H  N N 339 
TYR HD1  H  N N 340 
TYR HD2  H  N N 341 
TYR HE1  H  N N 342 
TYR HE2  H  N N 343 
TYR HH   H  N N 344 
TYR HXT  H  N N 345 
VAL N    N  N N 346 
VAL CA   C  N S 347 
VAL C    C  N N 348 
VAL O    O  N N 349 
VAL CB   C  N N 350 
VAL CG1  C  N N 351 
VAL CG2  C  N N 352 
VAL OXT  O  N N 353 
VAL H    H  N N 354 
VAL H2   H  N N 355 
VAL HA   H  N N 356 
VAL HB   H  N N 357 
VAL HG11 H  N N 358 
VAL HG12 H  N N 359 
VAL HG13 H  N N 360 
VAL HG21 H  N N 361 
VAL HG22 H  N N 362 
VAL HG23 H  N N 363 
VAL HXT  H  N N 364 
Y9Z N    N  N N 365 
Y9Z C    C  N N 366 
Y9Z O    O  N N 367 
Y9Z P    P  N N 368 
Y9Z P1   P  N N 369 
Y9Z C1   C  N N 370 
Y9Z N1   N  N N 371 
Y9Z O1   O  N N 372 
Y9Z C2   C  Y N 373 
Y9Z N2   N  N N 374 
Y9Z O2   O  N N 375 
Y9Z C3   C  Y N 376 
Y9Z N3   N  Y N 377 
Y9Z O3   O  N N 378 
Y9Z C4   C  Y N 379 
Y9Z N4   N  Y N 380 
Y9Z O4   O  N N 381 
Y9Z C5   C  N R 382 
Y9Z N5   N  N N 383 
Y9Z O5   O  N N 384 
Y9Z C6   C  N R 385 
Y9Z O6   O  N N 386 
Y9Z C7   C  N S 387 
Y9Z O7   O  N N 388 
Y9Z C8   C  N R 389 
Y9Z O8   O  N N 390 
Y9Z C9   C  N N 391 
Y9Z O9   O  N N 392 
Y9Z C10  C  N N 393 
Y9Z O10  O  N N 394 
Y9Z C11  C  N N 395 
Y9Z O11  O  N N 396 
Y9Z C12  C  N N 397 
Y9Z C13  C  N N 398 
Y9Z H1   H  N N 399 
Y9Z H2   H  N N 400 
Y9Z H3   H  N N 401 
Y9Z H4   H  N N 402 
Y9Z H5   H  N N 403 
Y9Z H6   H  N N 404 
Y9Z H7   H  N N 405 
Y9Z H8   H  N N 406 
Y9Z H9   H  N N 407 
Y9Z H10  H  N N 408 
Y9Z H11  H  N N 409 
Y9Z H12  H  N N 410 
Y9Z H13  H  N N 411 
Y9Z H14  H  N N 412 
Y9Z H15  H  N N 413 
Y9Z H16  H  N N 414 
Y9Z H17  H  N N 415 
Y9Z H18  H  N N 416 
Y9Z H19  H  N N 417 
Y9Z H20  H  N N 418 
Y9Z H21  H  N N 419 
Y9Z H22  H  N N 420 
# 
loop_
_chem_comp_bond.comp_id 
_chem_comp_bond.atom_id_1 
_chem_comp_bond.atom_id_2 
_chem_comp_bond.value_order 
_chem_comp_bond.pdbx_aromatic_flag 
_chem_comp_bond.pdbx_stereo_config 
_chem_comp_bond.pdbx_ordinal 
ALA N   CA   sing N N 1   
ALA N   H    sing N N 2   
ALA N   H2   sing N N 3   
ALA CA  C    sing N N 4   
ALA CA  CB   sing N N 5   
ALA CA  HA   sing N N 6   
ALA C   O    doub N N 7   
ALA C   OXT  sing N N 8   
ALA CB  HB1  sing N N 9   
ALA CB  HB2  sing N N 10  
ALA CB  HB3  sing N N 11  
ALA OXT HXT  sing N N 12  
ARG N   CA   sing N N 13  
ARG N   H    sing N N 14  
ARG N   H2   sing N N 15  
ARG CA  C    sing N N 16  
ARG CA  CB   sing N N 17  
ARG CA  HA   sing N N 18  
ARG C   O    doub N N 19  
ARG C   OXT  sing N N 20  
ARG CB  CG   sing N N 21  
ARG CB  HB2  sing N N 22  
ARG CB  HB3  sing N N 23  
ARG CG  CD   sing N N 24  
ARG CG  HG2  sing N N 25  
ARG CG  HG3  sing N N 26  
ARG CD  NE   sing N N 27  
ARG CD  HD2  sing N N 28  
ARG CD  HD3  sing N N 29  
ARG NE  CZ   sing N N 30  
ARG NE  HE   sing N N 31  
ARG CZ  NH1  sing N N 32  
ARG CZ  NH2  doub N N 33  
ARG NH1 HH11 sing N N 34  
ARG NH1 HH12 sing N N 35  
ARG NH2 HH21 sing N N 36  
ARG NH2 HH22 sing N N 37  
ARG OXT HXT  sing N N 38  
ASN N   CA   sing N N 39  
ASN N   H    sing N N 40  
ASN N   H2   sing N N 41  
ASN CA  C    sing N N 42  
ASN CA  CB   sing N N 43  
ASN CA  HA   sing N N 44  
ASN C   O    doub N N 45  
ASN C   OXT  sing N N 46  
ASN CB  CG   sing N N 47  
ASN CB  HB2  sing N N 48  
ASN CB  HB3  sing N N 49  
ASN CG  OD1  doub N N 50  
ASN CG  ND2  sing N N 51  
ASN ND2 HD21 sing N N 52  
ASN ND2 HD22 sing N N 53  
ASN OXT HXT  sing N N 54  
ASP N   CA   sing N N 55  
ASP N   H    sing N N 56  
ASP N   H2   sing N N 57  
ASP CA  C    sing N N 58  
ASP CA  CB   sing N N 59  
ASP CA  HA   sing N N 60  
ASP C   O    doub N N 61  
ASP C   OXT  sing N N 62  
ASP CB  CG   sing N N 63  
ASP CB  HB2  sing N N 64  
ASP CB  HB3  sing N N 65  
ASP CG  OD1  doub N N 66  
ASP CG  OD2  sing N N 67  
ASP OD2 HD2  sing N N 68  
ASP OXT HXT  sing N N 69  
CYS N   CA   sing N N 70  
CYS N   H    sing N N 71  
CYS N   H2   sing N N 72  
CYS CA  C    sing N N 73  
CYS CA  CB   sing N N 74  
CYS CA  HA   sing N N 75  
CYS C   O    doub N N 76  
CYS C   OXT  sing N N 77  
CYS CB  SG   sing N N 78  
CYS CB  HB2  sing N N 79  
CYS CB  HB3  sing N N 80  
CYS SG  HG   sing N N 81  
CYS OXT HXT  sing N N 82  
GLN N   CA   sing N N 83  
GLN N   H    sing N N 84  
GLN N   H2   sing N N 85  
GLN CA  C    sing N N 86  
GLN CA  CB   sing N N 87  
GLN CA  HA   sing N N 88  
GLN C   O    doub N N 89  
GLN C   OXT  sing N N 90  
GLN CB  CG   sing N N 91  
GLN CB  HB2  sing N N 92  
GLN CB  HB3  sing N N 93  
GLN CG  CD   sing N N 94  
GLN CG  HG2  sing N N 95  
GLN CG  HG3  sing N N 96  
GLN CD  OE1  doub N N 97  
GLN CD  NE2  sing N N 98  
GLN NE2 HE21 sing N N 99  
GLN NE2 HE22 sing N N 100 
GLN OXT HXT  sing N N 101 
GLU N   CA   sing N N 102 
GLU N   H    sing N N 103 
GLU N   H2   sing N N 104 
GLU CA  C    sing N N 105 
GLU CA  CB   sing N N 106 
GLU CA  HA   sing N N 107 
GLU C   O    doub N N 108 
GLU C   OXT  sing N N 109 
GLU CB  CG   sing N N 110 
GLU CB  HB2  sing N N 111 
GLU CB  HB3  sing N N 112 
GLU CG  CD   sing N N 113 
GLU CG  HG2  sing N N 114 
GLU CG  HG3  sing N N 115 
GLU CD  OE1  doub N N 116 
GLU CD  OE2  sing N N 117 
GLU OE2 HE2  sing N N 118 
GLU OXT HXT  sing N N 119 
GLY N   CA   sing N N 120 
GLY N   H    sing N N 121 
GLY N   H2   sing N N 122 
GLY CA  C    sing N N 123 
GLY CA  HA2  sing N N 124 
GLY CA  HA3  sing N N 125 
GLY C   O    doub N N 126 
GLY C   OXT  sing N N 127 
GLY OXT HXT  sing N N 128 
HIS N   CA   sing N N 129 
HIS N   H    sing N N 130 
HIS N   H2   sing N N 131 
HIS CA  C    sing N N 132 
HIS CA  CB   sing N N 133 
HIS CA  HA   sing N N 134 
HIS C   O    doub N N 135 
HIS C   OXT  sing N N 136 
HIS CB  CG   sing N N 137 
HIS CB  HB2  sing N N 138 
HIS CB  HB3  sing N N 139 
HIS CG  ND1  sing Y N 140 
HIS CG  CD2  doub Y N 141 
HIS ND1 CE1  doub Y N 142 
HIS ND1 HD1  sing N N 143 
HIS CD2 NE2  sing Y N 144 
HIS CD2 HD2  sing N N 145 
HIS CE1 NE2  sing Y N 146 
HIS CE1 HE1  sing N N 147 
HIS NE2 HE2  sing N N 148 
HIS OXT HXT  sing N N 149 
HOH O   H1   sing N N 150 
HOH O   H2   sing N N 151 
ILE N   CA   sing N N 152 
ILE N   H    sing N N 153 
ILE N   H2   sing N N 154 
ILE CA  C    sing N N 155 
ILE CA  CB   sing N N 156 
ILE CA  HA   sing N N 157 
ILE C   O    doub N N 158 
ILE C   OXT  sing N N 159 
ILE CB  CG1  sing N N 160 
ILE CB  CG2  sing N N 161 
ILE CB  HB   sing N N 162 
ILE CG1 CD1  sing N N 163 
ILE CG1 HG12 sing N N 164 
ILE CG1 HG13 sing N N 165 
ILE CG2 HG21 sing N N 166 
ILE CG2 HG22 sing N N 167 
ILE CG2 HG23 sing N N 168 
ILE CD1 HD11 sing N N 169 
ILE CD1 HD12 sing N N 170 
ILE CD1 HD13 sing N N 171 
ILE OXT HXT  sing N N 172 
LEU N   CA   sing N N 173 
LEU N   H    sing N N 174 
LEU N   H2   sing N N 175 
LEU CA  C    sing N N 176 
LEU CA  CB   sing N N 177 
LEU CA  HA   sing N N 178 
LEU C   O    doub N N 179 
LEU C   OXT  sing N N 180 
LEU CB  CG   sing N N 181 
LEU CB  HB2  sing N N 182 
LEU CB  HB3  sing N N 183 
LEU CG  CD1  sing N N 184 
LEU CG  CD2  sing N N 185 
LEU CG  HG   sing N N 186 
LEU CD1 HD11 sing N N 187 
LEU CD1 HD12 sing N N 188 
LEU CD1 HD13 sing N N 189 
LEU CD2 HD21 sing N N 190 
LEU CD2 HD22 sing N N 191 
LEU CD2 HD23 sing N N 192 
LEU OXT HXT  sing N N 193 
LYS N   CA   sing N N 194 
LYS N   H    sing N N 195 
LYS N   H2   sing N N 196 
LYS CA  C    sing N N 197 
LYS CA  CB   sing N N 198 
LYS CA  HA   sing N N 199 
LYS C   O    doub N N 200 
LYS C   OXT  sing N N 201 
LYS CB  CG   sing N N 202 
LYS CB  HB2  sing N N 203 
LYS CB  HB3  sing N N 204 
LYS CG  CD   sing N N 205 
LYS CG  HG2  sing N N 206 
LYS CG  HG3  sing N N 207 
LYS CD  CE   sing N N 208 
LYS CD  HD2  sing N N 209 
LYS CD  HD3  sing N N 210 
LYS CE  NZ   sing N N 211 
LYS CE  HE2  sing N N 212 
LYS CE  HE3  sing N N 213 
LYS NZ  HZ1  sing N N 214 
LYS NZ  HZ2  sing N N 215 
LYS NZ  HZ3  sing N N 216 
LYS OXT HXT  sing N N 217 
MET N   CA   sing N N 218 
MET N   H    sing N N 219 
MET N   H2   sing N N 220 
MET CA  C    sing N N 221 
MET CA  CB   sing N N 222 
MET CA  HA   sing N N 223 
MET C   O    doub N N 224 
MET C   OXT  sing N N 225 
MET CB  CG   sing N N 226 
MET CB  HB2  sing N N 227 
MET CB  HB3  sing N N 228 
MET CG  SD   sing N N 229 
MET CG  HG2  sing N N 230 
MET CG  HG3  sing N N 231 
MET SD  CE   sing N N 232 
MET CE  HE1  sing N N 233 
MET CE  HE2  sing N N 234 
MET CE  HE3  sing N N 235 
MET OXT HXT  sing N N 236 
PHE N   CA   sing N N 237 
PHE N   H    sing N N 238 
PHE N   H2   sing N N 239 
PHE CA  C    sing N N 240 
PHE CA  CB   sing N N 241 
PHE CA  HA   sing N N 242 
PHE C   O    doub N N 243 
PHE C   OXT  sing N N 244 
PHE CB  CG   sing N N 245 
PHE CB  HB2  sing N N 246 
PHE CB  HB3  sing N N 247 
PHE CG  CD1  doub Y N 248 
PHE CG  CD2  sing Y N 249 
PHE CD1 CE1  sing Y N 250 
PHE CD1 HD1  sing N N 251 
PHE CD2 CE2  doub Y N 252 
PHE CD2 HD2  sing N N 253 
PHE CE1 CZ   doub Y N 254 
PHE CE1 HE1  sing N N 255 
PHE CE2 CZ   sing Y N 256 
PHE CE2 HE2  sing N N 257 
PHE CZ  HZ   sing N N 258 
PHE OXT HXT  sing N N 259 
PRO N   CA   sing N N 260 
PRO N   CD   sing N N 261 
PRO N   H    sing N N 262 
PRO CA  C    sing N N 263 
PRO CA  CB   sing N N 264 
PRO CA  HA   sing N N 265 
PRO C   O    doub N N 266 
PRO C   OXT  sing N N 267 
PRO CB  CG   sing N N 268 
PRO CB  HB2  sing N N 269 
PRO CB  HB3  sing N N 270 
PRO CG  CD   sing N N 271 
PRO CG  HG2  sing N N 272 
PRO CG  HG3  sing N N 273 
PRO CD  HD2  sing N N 274 
PRO CD  HD3  sing N N 275 
PRO OXT HXT  sing N N 276 
SER N   CA   sing N N 277 
SER N   H    sing N N 278 
SER N   H2   sing N N 279 
SER CA  C    sing N N 280 
SER CA  CB   sing N N 281 
SER CA  HA   sing N N 282 
SER C   O    doub N N 283 
SER C   OXT  sing N N 284 
SER CB  OG   sing N N 285 
SER CB  HB2  sing N N 286 
SER CB  HB3  sing N N 287 
SER OG  HG   sing N N 288 
SER OXT HXT  sing N N 289 
THR N   CA   sing N N 290 
THR N   H    sing N N 291 
THR N   H2   sing N N 292 
THR CA  C    sing N N 293 
THR CA  CB   sing N N 294 
THR CA  HA   sing N N 295 
THR C   O    doub N N 296 
THR C   OXT  sing N N 297 
THR CB  OG1  sing N N 298 
THR CB  CG2  sing N N 299 
THR CB  HB   sing N N 300 
THR OG1 HG1  sing N N 301 
THR CG2 HG21 sing N N 302 
THR CG2 HG22 sing N N 303 
THR CG2 HG23 sing N N 304 
THR OXT HXT  sing N N 305 
TYR N   CA   sing N N 306 
TYR N   H    sing N N 307 
TYR N   H2   sing N N 308 
TYR CA  C    sing N N 309 
TYR CA  CB   sing N N 310 
TYR CA  HA   sing N N 311 
TYR C   O    doub N N 312 
TYR C   OXT  sing N N 313 
TYR CB  CG   sing N N 314 
TYR CB  HB2  sing N N 315 
TYR CB  HB3  sing N N 316 
TYR CG  CD1  doub Y N 317 
TYR CG  CD2  sing Y N 318 
TYR CD1 CE1  sing Y N 319 
TYR CD1 HD1  sing N N 320 
TYR CD2 CE2  doub Y N 321 
TYR CD2 HD2  sing N N 322 
TYR CE1 CZ   doub Y N 323 
TYR CE1 HE1  sing N N 324 
TYR CE2 CZ   sing Y N 325 
TYR CE2 HE2  sing N N 326 
TYR CZ  OH   sing N N 327 
TYR OH  HH   sing N N 328 
TYR OXT HXT  sing N N 329 
VAL N   CA   sing N N 330 
VAL N   H    sing N N 331 
VAL N   H2   sing N N 332 
VAL CA  C    sing N N 333 
VAL CA  CB   sing N N 334 
VAL CA  HA   sing N N 335 
VAL C   O    doub N N 336 
VAL C   OXT  sing N N 337 
VAL CB  CG1  sing N N 338 
VAL CB  CG2  sing N N 339 
VAL CB  HB   sing N N 340 
VAL CG1 HG11 sing N N 341 
VAL CG1 HG12 sing N N 342 
VAL CG1 HG13 sing N N 343 
VAL CG2 HG21 sing N N 344 
VAL CG2 HG22 sing N N 345 
VAL CG2 HG23 sing N N 346 
VAL OXT HXT  sing N N 347 
Y9Z O   C    doub N N 348 
Y9Z C   N    sing N N 349 
Y9Z C   C3   sing N N 350 
Y9Z N   C1   sing N N 351 
Y9Z C3  N3   sing Y N 352 
Y9Z C3  C2   doub Y N 353 
Y9Z N3  C4   doub Y N 354 
Y9Z C1  N1   sing N N 355 
Y9Z C1  N2   doub N N 356 
Y9Z C4  N4   sing Y N 357 
Y9Z C2  N2   sing N N 358 
Y9Z C2  N4   sing Y N 359 
Y9Z O1  C6   sing N N 360 
Y9Z O9  P    doub N N 361 
Y9Z N4  C5   sing N N 362 
Y9Z C6  C5   sing N N 363 
Y9Z C6  C7   sing N N 364 
Y9Z C5  O11  sing N N 365 
Y9Z P   O3   sing N N 366 
Y9Z P   O10  sing N N 367 
Y9Z P   O4   sing N N 368 
Y9Z O3  C9   sing N N 369 
Y9Z O8  P1   doub N N 370 
Y9Z C7  O2   sing N N 371 
Y9Z C7  C8   sing N N 372 
Y9Z O11 C8   sing N N 373 
Y9Z O4  P1   sing N N 374 
Y9Z P1  O7   sing N N 375 
Y9Z P1  O5   sing N N 376 
Y9Z C8  C9   sing N N 377 
Y9Z C11 C10  sing N N 378 
Y9Z C11 N5   sing N N 379 
Y9Z O5  C10  sing N N 380 
Y9Z N5  C12  sing N N 381 
Y9Z O6  C12  doub N N 382 
Y9Z C12 C13  sing N N 383 
Y9Z N   H1   sing N N 384 
Y9Z N1  H2   sing N N 385 
Y9Z N1  H3   sing N N 386 
Y9Z O1  H4   sing N N 387 
Y9Z O2  H5   sing N N 388 
Y9Z C4  H6   sing N N 389 
Y9Z C5  H7   sing N N 390 
Y9Z N5  H8   sing N N 391 
Y9Z C6  H9   sing N N 392 
Y9Z C7  H10  sing N N 393 
Y9Z O7  H11  sing N N 394 
Y9Z C8  H12  sing N N 395 
Y9Z C9  H13  sing N N 396 
Y9Z C9  H14  sing N N 397 
Y9Z C10 H15  sing N N 398 
Y9Z C10 H16  sing N N 399 
Y9Z O10 H17  sing N N 400 
Y9Z C11 H18  sing N N 401 
Y9Z C11 H19  sing N N 402 
Y9Z C13 H20  sing N N 403 
Y9Z C13 H21  sing N N 404 
Y9Z C13 H22  sing N N 405 
# 
_pdbx_initial_refinement_model.id               1 
_pdbx_initial_refinement_model.entity_id_list   ? 
_pdbx_initial_refinement_model.type             'experimental model' 
_pdbx_initial_refinement_model.source_name      PDB 
_pdbx_initial_refinement_model.accession_code   4EPV 
_pdbx_initial_refinement_model.details          'PDB ENTRY 4EPV' 
# 
_atom_sites.entry_id                    4NMM 
_atom_sites.fract_transf_matrix[1][1]   -0.02362886 
_atom_sites.fract_transf_matrix[1][2]   -0.00227184 
_atom_sites.fract_transf_matrix[1][3]   0.00953970 
_atom_sites.fract_transf_matrix[2][1]   0.00627571 
_atom_sites.fract_transf_matrix[2][2]   -0.02030339 
_atom_sites.fract_transf_matrix[2][3]   0.01070912 
_atom_sites.fract_transf_matrix[3][1]   0.00305169 
_atom_sites.fract_transf_matrix[3][2]   0.00563840 
_atom_sites.fract_transf_matrix[3][3]   0.00890149 
_atom_sites.fract_transf_vector[1]      1.288638 
_atom_sites.fract_transf_vector[2]      1.057233 
_atom_sites.fract_transf_vector[3]      0.119108 
# 
loop_
_atom_type.symbol 
C  
CL 
MG 
N  
O  
P  
S  
# 
loop_
_atom_site.group_PDB 
_atom_site.id 
_atom_site.type_symbol 
_atom_site.label_atom_id 
_atom_site.label_alt_id 
_atom_site.label_comp_id 
_atom_site.label_asym_id 
_atom_site.label_entity_id 
_atom_site.label_seq_id 
_atom_site.pdbx_PDB_ins_code 
_atom_site.Cartn_x 
_atom_site.Cartn_y 
_atom_site.Cartn_z 
_atom_site.occupancy 
_atom_site.B_iso_or_equiv 
_atom_site.pdbx_formal_charge 
_atom_site.auth_seq_id 
_atom_site.auth_comp_id 
_atom_site.auth_asym_id 
_atom_site.auth_atom_id 
_atom_site.pdbx_PDB_model_num 
ATOM   1    N  N   . GLY A 1 1   ? -20.856 -12.958 -7.751  1.00 20.44 ?  0   GLY A N   1 
ATOM   2    C  CA  . GLY A 1 1   ? -20.012 -11.809 -8.050  1.00 22.05 ?  0   GLY A CA  1 
ATOM   3    C  C   . GLY A 1 1   ? -18.585 -12.291 -8.165  1.00 21.99 ?  0   GLY A C   1 
ATOM   4    O  O   . GLY A 1 1   ? -18.180 -13.257 -7.510  1.00 22.91 ?  0   GLY A O   1 
ATOM   5    N  N   . MET A 1 2   ? -17.809 -11.626 -8.995  1.00 20.64 ?  1   MET A N   1 
ATOM   6    C  CA  . MET A 1 2   ? -16.407 -11.922 -9.035  1.00 22.94 ?  1   MET A CA  1 
ATOM   7    C  C   . MET A 1 2   ? -15.764 -11.633 -7.669  1.00 20.82 ?  1   MET A C   1 
ATOM   8    O  O   . MET A 1 2   ? -16.274 -10.859 -6.860  1.00 18.76 ?  1   MET A O   1 
ATOM   9    C  CB  . MET A 1 2   ? -15.680 -11.109 -10.130 1.00 25.37 ?  1   MET A CB  1 
ATOM   10   C  CG  . MET A 1 2   ? -15.574 -9.615  -9.825  1.00 28.31 ?  1   MET A CG  1 
ATOM   11   S  SD  . MET A 1 2   ? -14.794 -8.740  -11.185 1.00 30.00 ?  1   MET A SD  1 
ATOM   12   C  CE  . MET A 1 2   ? -16.020 -9.072  -12.471 1.00 32.19 ?  1   MET A CE  1 
ATOM   13   N  N   . THR A 1 3   ? -14.633 -12.260 -7.433  1.00 20.64 ?  2   THR A N   1 
ATOM   14   C  CA  . THR A 1 3   ? -13.893 -12.051 -6.196  1.00 22.16 ?  2   THR A CA  1 
ATOM   15   C  C   . THR A 1 3   ? -13.436 -10.592 -6.082  1.00 21.89 ?  2   THR A C   1 
ATOM   16   O  O   . THR A 1 3   ? -12.964 -10.018 -7.046  1.00 19.25 ?  2   THR A O   1 
ATOM   17   C  CB  . THR A 1 3   ? -12.680 -12.979 -6.102  1.00 21.97 ?  2   THR A CB  1 
ATOM   18   O  OG1 . THR A 1 3   ? -13.170 -14.335 -6.107  1.00 23.10 ?  2   THR A OG1 1 
ATOM   19   C  CG2 . THR A 1 3   ? -11.875 -12.710 -4.874  1.00 21.94 ?  2   THR A CG2 1 
ATOM   20   N  N   . GLU A 1 4   ? -13.676 -10.013 -4.905  1.00 21.33 ?  3   GLU A N   1 
ATOM   21   C  CA  . GLU A 1 4   ? -13.219 -8.682  -4.565  1.00 25.07 ?  3   GLU A CA  1 
ATOM   22   C  C   . GLU A 1 4   ? -12.102 -8.759  -3.526  1.00 22.51 ?  3   GLU A C   1 
ATOM   23   O  O   . GLU A 1 4   ? -12.233 -9.435  -2.518  1.00 25.14 ?  3   GLU A O   1 
ATOM   24   C  CB  . GLU A 1 4   ? -14.346 -7.824  -3.997  1.00 27.83 ?  3   GLU A CB  1 
ATOM   25   C  CG  . GLU A 1 4   ? -15.531 -7.720  -4.938  1.00 37.49 ?  3   GLU A CG  1 
ATOM   26   C  CD  . GLU A 1 4   ? -16.668 -6.889  -4.387  1.00 41.21 ?  3   GLU A CD  1 
ATOM   27   O  OE1 . GLU A 1 4   ? -16.428 -6.067  -3.449  1.00 43.40 ?  3   GLU A OE1 1 
ATOM   28   O  OE2 . GLU A 1 4   ? -17.801 -7.085  -4.896  1.00 40.61 -1 3   GLU A OE2 1 
ATOM   29   N  N   . TYR A 1 5   ? -11.018 -8.037  -3.783  1.00 21.01 ?  4   TYR A N   1 
ATOM   30   C  CA  . TYR A 1 5   ? -9.918  -7.844  -2.826  1.00 18.30 ?  4   TYR A CA  1 
ATOM   31   C  C   . TYR A 1 5   ? -9.953  -6.437  -2.254  1.00 19.49 ?  4   TYR A C   1 
ATOM   32   O  O   . TYR A 1 5   ? -9.982  -5.411  -2.996  1.00 18.20 ?  4   TYR A O   1 
ATOM   33   C  CB  . TYR A 1 5   ? -8.619  -8.103  -3.501  1.00 19.19 ?  4   TYR A CB  1 
ATOM   34   C  CG  . TYR A 1 5   ? -8.498  -9.483  -4.062  1.00 18.23 ?  4   TYR A CG  1 
ATOM   35   C  CD1 . TYR A 1 5   ? -8.138  -10.577 -3.245  1.00 18.44 ?  4   TYR A CD1 1 
ATOM   36   C  CD2 . TYR A 1 5   ? -8.702  -9.711  -5.417  1.00 19.48 ?  4   TYR A CD2 1 
ATOM   37   C  CE1 . TYR A 1 5   ? -8.006  -11.848 -3.792  1.00 19.25 ?  4   TYR A CE1 1 
ATOM   38   C  CE2 . TYR A 1 5   ? -8.557  -10.965 -5.988  1.00 18.10 ?  4   TYR A CE2 1 
ATOM   39   C  CZ  . TYR A 1 5   ? -8.204  -12.029 -5.166  1.00 19.36 ?  4   TYR A CZ  1 
ATOM   40   O  OH  . TYR A 1 5   ? -8.099  -13.259 -5.698  1.00 21.93 ?  4   TYR A OH  1 
ATOM   41   N  N   . LYS A 1 6   ? -10.022 -6.361  -0.929  1.00 20.11 ?  5   LYS A N   1 
ATOM   42   C  CA  . LYS A 1 6   ? -10.128 -5.084  -0.262  1.00 22.28 ?  5   LYS A CA  1 
ATOM   43   C  C   . LYS A 1 6   ? -8.756  -4.703  0.162   1.00 19.67 ?  5   LYS A C   1 
ATOM   44   O  O   . LYS A 1 6   ? -8.186  -5.329  1.074   1.00 19.89 ?  5   LYS A O   1 
ATOM   45   C  CB  . LYS A 1 6   ? -11.054 -5.157  0.949   1.00 26.95 ?  5   LYS A CB  1 
ATOM   46   C  CG  . LYS A 1 6   ? -12.503 -5.324  0.559   1.00 34.24 ?  5   LYS A CG  1 
ATOM   47   C  CD  . LYS A 1 6   ? -13.457 -4.825  1.650   1.00 39.29 ?  5   LYS A CD  1 
ATOM   48   C  CE  . LYS A 1 6   ? -14.610 -3.925  1.145   1.00 48.98 ?  5   LYS A CE  1 
ATOM   49   N  NZ  . LYS A 1 6   ? -14.393 -3.111  -0.097  1.00 52.73 1  5   LYS A NZ  1 
ATOM   50   N  N   . LEU A 1 7   ? -8.200  -3.732  -0.523  1.00 17.57 ?  6   LEU A N   1 
ATOM   51   C  CA  . LEU A 1 7   ? -6.845  -3.311  -0.313  1.00 16.81 ?  6   LEU A CA  1 
ATOM   52   C  C   . LEU A 1 7   ? -6.818  -1.949  0.361   1.00 17.67 ?  6   LEU A C   1 
ATOM   53   O  O   . LEU A 1 7   ? -7.706  -1.070  0.084   1.00 16.46 ?  6   LEU A O   1 
ATOM   54   C  CB  . LEU A 1 7   ? -6.126  -3.192  -1.655  1.00 17.15 ?  6   LEU A CB  1 
ATOM   55   C  CG  . LEU A 1 7   ? -6.225  -4.353  -2.622  1.00 16.76 ?  6   LEU A CG  1 
ATOM   56   C  CD1 . LEU A 1 7   ? -5.359  -4.142  -3.834  1.00 16.18 ?  6   LEU A CD1 1 
ATOM   57   C  CD2 . LEU A 1 7   ? -5.782  -5.661  -1.887  1.00 18.11 ?  6   LEU A CD2 1 
ATOM   58   N  N   . VAL A 1 8   ? -5.773  -1.734  1.180   1.00 16.29 ?  7   VAL A N   1 
ATOM   59   C  CA  . VAL A 1 8   ? -5.654  -0.522  1.966   1.00 17.35 ?  7   VAL A CA  1 
ATOM   60   C  C   . VAL A 1 8   ? -4.230  -0.034  1.790   1.00 18.38 ?  7   VAL A C   1 
ATOM   61   O  O   . VAL A 1 8   ? -3.275  -0.803  2.003   1.00 18.11 ?  7   VAL A O   1 
ATOM   62   C  CB  . VAL A 1 8   ? -5.974  -0.706  3.455   1.00 17.32 ?  7   VAL A CB  1 
ATOM   63   C  CG1 . VAL A 1 8   ? -5.847  0.623   4.192   1.00 16.96 ?  7   VAL A CG1 1 
ATOM   64   C  CG2 . VAL A 1 8   ? -7.380  -1.265  3.707   1.00 17.97 ?  7   VAL A CG2 1 
ATOM   65   N  N   . VAL A 1 9   ? -4.101  1.233   1.394   1.00 16.44 ?  8   VAL A N   1 
ATOM   66   C  CA  . VAL A 1 9   ? -2.793  1.847   1.176   1.00 17.53 ?  8   VAL A CA  1 
ATOM   67   C  C   . VAL A 1 9   ? -2.497  2.780   2.351   1.00 18.48 ?  8   VAL A C   1 
ATOM   68   O  O   . VAL A 1 9   ? -3.144  3.798   2.534   1.00 18.88 ?  8   VAL A O   1 
ATOM   69   C  CB  . VAL A 1 9   ? -2.715  2.633   -0.177  1.00 16.78 ?  8   VAL A CB  1 
ATOM   70   C  CG1 . VAL A 1 9   ? -1.286  3.002   -0.468  1.00 17.39 ?  8   VAL A CG1 1 
ATOM   71   C  CG2 . VAL A 1 9   ? -3.313  1.822   -1.359  1.00 18.27 ?  8   VAL A CG2 1 
ATOM   72   N  N   . VAL A 1 10  ? -1.474  2.448   3.112   1.00 18.59 ?  9   VAL A N   1 
ATOM   73   C  CA  . VAL A 1 10  ? -1.100  3.230   4.277   1.00 17.40 ?  9   VAL A CA  1 
ATOM   74   C  C   . VAL A 1 10  ? 0.314   3.737   4.138   1.00 17.49 ?  9   VAL A C   1 
ATOM   75   O  O   . VAL A 1 10  ? 1.046   3.303   3.282   1.00 14.84 ?  9   VAL A O   1 
ATOM   76   C  CB  . VAL A 1 10  ? -1.220  2.431   5.586   1.00 17.95 ?  9   VAL A CB  1 
ATOM   77   C  CG1 . VAL A 1 10  ? -2.634  1.906   5.770   1.00 18.62 ?  9   VAL A CG1 1 
ATOM   78   C  CG2 . VAL A 1 10  ? -0.234  1.298   5.631   1.00 18.48 ?  9   VAL A CG2 1 
ATOM   79   N  N   . GLY A 1 11  ? 0.648   4.688   4.984   1.00 17.50 ?  10  GLY A N   1 
ATOM   80   C  CA  . GLY A 1 11  ? 1.927   5.380   4.883   1.00 20.03 ?  10  GLY A CA  1 
ATOM   81   C  C   . GLY A 1 11  ? 1.809   6.849   5.262   1.00 19.50 ?  10  GLY A C   1 
ATOM   82   O  O   . GLY A 1 11  ? 0.716   7.434   5.235   1.00 20.87 ?  10  GLY A O   1 
ATOM   83   N  N   . ALA A 1 12  ? 2.933   7.445   5.622   1.00 19.72 ?  11  ALA A N   1 
ATOM   84   C  CA  . ALA A 1 12  ? 2.980   8.866   6.012   1.00 21.70 ?  11  ALA A CA  1 
ATOM   85   C  C   . ALA A 1 12  ? 2.435   9.793   4.945   1.00 22.11 ?  11  ALA A C   1 
ATOM   86   O  O   . ALA A 1 12  ? 2.414   9.454   3.753   1.00 21.54 ?  11  ALA A O   1 
ATOM   87   C  CB  . ALA A 1 12  ? 4.406   9.247   6.338   1.00 21.00 ?  11  ALA A CB  1 
ATOM   88   N  N   . CYS A 1 13  ? 1.983   10.966  5.360   1.00 24.15 ?  12  CYS A N   1 
ATOM   89   C  CA  A CYS A 1 13  ? 1.499   11.984  4.405   0.50 25.11 ?  12  CYS A CA  1 
ATOM   90   C  CA  B CYS A 1 13  ? 1.466   11.947  4.424   0.50 25.72 ?  12  CYS A CA  1 
ATOM   91   C  C   . CYS A 1 13  ? 2.575   12.341  3.413   1.00 24.56 ?  12  CYS A C   1 
ATOM   92   O  O   . CYS A 1 13  ? 3.717   12.561  3.794   1.00 27.49 ?  12  CYS A O   1 
ATOM   93   C  CB  A CYS A 1 13  ? 1.037   13.288  5.091   0.50 25.97 ?  12  CYS A CB  1 
ATOM   94   C  CB  B CYS A 1 13  ? 0.848   13.151  5.195   0.50 27.39 ?  12  CYS A CB  1 
ATOM   95   S  SG  A CYS A 1 13  ? 0.312   14.511  3.931   0.50 28.07 ?  12  CYS A SG  1 
ATOM   96   S  SG  B CYS A 1 13  ? -0.515  12.711  6.296   0.50 30.63 ?  12  CYS A SG  1 
ATOM   97   N  N   . GLY A 1 14  ? 2.200   12.413  2.134   1.00 25.88 ?  13  GLY A N   1 
ATOM   98   C  CA  . GLY A 1 14  ? 3.098   12.822  1.038   1.00 25.24 ?  13  GLY A CA  1 
ATOM   99   C  C   . GLY A 1 14  ? 3.956   11.740  0.376   1.00 24.13 ?  13  GLY A C   1 
ATOM   100  O  O   . GLY A 1 14  ? 4.718   12.053  -0.551  1.00 22.70 ?  13  GLY A O   1 
ATOM   101  N  N   . VAL A 1 15  ? 3.843   10.481  0.827   1.00 21.10 ?  14  VAL A N   1 
ATOM   102  C  CA  . VAL A 1 15  ? 4.653   9.404   0.263   1.00 20.65 ?  14  VAL A CA  1 
ATOM   103  C  C   . VAL A 1 15  ? 4.221   9.026   -1.169  1.00 19.50 ?  14  VAL A C   1 
ATOM   104  O  O   . VAL A 1 15  ? 4.984   8.455   -1.930  1.00 22.34 ?  14  VAL A O   1 
ATOM   105  C  CB  . VAL A 1 15  ? 4.681   8.111   1.128   1.00 19.81 ?  14  VAL A CB  1 
ATOM   106  C  CG1 . VAL A 1 15  ? 5.312   8.389   2.484   1.00 20.45 ?  14  VAL A CG1 1 
ATOM   107  C  CG2 . VAL A 1 15  ? 3.341   7.514   1.272   1.00 18.99 ?  14  VAL A CG2 1 
ATOM   108  N  N   . GLY A 1 16  ? 2.979   9.296   -1.493  1.00 20.80 ?  15  GLY A N   1 
ATOM   109  C  CA  . GLY A 1 16  ? 2.423   9.061   -2.827  1.00 20.61 ?  15  GLY A CA  1 
ATOM   110  C  C   . GLY A 1 16  ? 1.323   8.013   -2.854  1.00 21.15 ?  15  GLY A C   1 
ATOM   111  O  O   . GLY A 1 16  ? 1.141   7.345   -3.869  1.00 20.92 ?  15  GLY A O   1 
ATOM   112  N  N   . LYS A 1 17  ? 0.627   7.843   -1.742  1.00 19.97 ?  16  LYS A N   1 
ATOM   113  C  CA  . LYS A 1 17  ? -0.419  6.831   -1.637  1.00 21.45 ?  16  LYS A CA  1 
ATOM   114  C  C   . LYS A 1 17  ? -1.513  7.043   -2.696  1.00 23.65 ?  16  LYS A C   1 
ATOM   115  O  O   . LYS A 1 17  ? -1.937  6.092   -3.372  1.00 23.57 ?  16  LYS A O   1 
ATOM   116  C  CB  . LYS A 1 17  ? -1.033  6.840   -0.242  1.00 20.93 ?  16  LYS A CB  1 
ATOM   117  C  CG  . LYS A 1 17  ? -0.069  6.420   0.876   1.00 19.37 ?  16  LYS A CG  1 
ATOM   118  C  CD  . LYS A 1 17  ? -0.797  6.442   2.223   1.00 20.95 ?  16  LYS A CD  1 
ATOM   119  C  CE  . LYS A 1 17  ? -1.302  7.836   2.625   1.00 20.46 ?  16  LYS A CE  1 
ATOM   120  N  NZ  . LYS A 1 17  ? -0.225  8.809   2.844   1.00 21.25 1  16  LYS A NZ  1 
ATOM   121  N  N   . SER A 1 18  ? -1.858  8.318   -2.900  1.00 24.54 ?  17  SER A N   1 
ATOM   122  C  CA  . SER A 1 18  ? -2.910  8.731   -3.810  1.00 23.78 ?  17  SER A CA  1 
ATOM   123  C  C   . SER A 1 18  ? -2.439  8.626   -5.204  1.00 20.94 ?  17  SER A C   1 
ATOM   124  O  O   . SER A 1 18  ? -3.137  8.108   -6.051  1.00 20.79 ?  17  SER A O   1 
ATOM   125  C  CB  . SER A 1 18  ? -3.301  10.207  -3.572  1.00 24.68 ?  17  SER A CB  1 
ATOM   126  O  OG  . SER A 1 18  ? -3.992  10.355  -2.369  1.00 26.73 ?  17  SER A OG  1 
ATOM   127  N  N   . ALA A 1 19  ? -1.256  9.148   -5.441  1.00 19.38 ?  18  ALA A N   1 
ATOM   128  C  CA  . ALA A 1 19  ? -0.627  9.038   -6.730  1.00 18.18 ?  18  ALA A CA  1 
ATOM   129  C  C   . ALA A 1 19  ? -0.500  7.628   -7.234  1.00 17.49 ?  18  ALA A C   1 
ATOM   130  O  O   . ALA A 1 19  ? -0.721  7.366   -8.417  1.00 17.34 ?  18  ALA A O   1 
ATOM   131  C  CB  . ALA A 1 19  ? 0.740   9.716   -6.708  1.00 18.63 ?  18  ALA A CB  1 
ATOM   132  N  N   . LEU A 1 20  ? -0.090  6.714   -6.356  1.00 17.33 ?  19  LEU A N   1 
ATOM   133  C  CA  . LEU A 1 20  ? -0.016  5.320   -6.721  1.00 16.20 ?  19  LEU A CA  1 
ATOM   134  C  C   . LEU A 1 20  ? -1.370  4.752   -7.090  1.00 17.60 ?  19  LEU A C   1 
ATOM   135  O  O   . LEU A 1 20  ? -1.497  4.033   -8.081  1.00 17.92 ?  19  LEU A O   1 
ATOM   136  C  CB  . LEU A 1 20  ? 0.577   4.479   -5.575  1.00 17.28 ?  19  LEU A CB  1 
ATOM   137  C  CG  . LEU A 1 20  ? 2.070   4.549   -5.373  1.00 17.56 ?  19  LEU A CG  1 
ATOM   138  C  CD1 . LEU A 1 20  ? 2.412   3.869   -4.077  1.00 19.51 ?  19  LEU A CD1 1 
ATOM   139  C  CD2 . LEU A 1 20  ? 2.783   3.930   -6.572  1.00 18.98 ?  19  LEU A CD2 1 
ATOM   140  N  N   . THR A 1 21  ? -2.365  5.010   -6.266  1.00 17.05 ?  20  THR A N   1 
ATOM   141  C  CA  . THR A 1 21  ? -3.676  4.460   -6.492  1.00 19.78 ?  20  THR A CA  1 
ATOM   142  C  C   . THR A 1 21  ? -4.258  4.985   -7.796  1.00 19.68 ?  20  THR A C   1 
ATOM   143  O  O   . THR A 1 21  ? -4.778  4.220   -8.572  1.00 24.02 ?  20  THR A O   1 
ATOM   144  C  CB  . THR A 1 21  ? -4.608  4.815   -5.302  1.00 21.25 ?  20  THR A CB  1 
ATOM   145  O  OG1 . THR A 1 21  ? -4.081  4.229   -4.090  1.00 22.94 ?  20  THR A OG1 1 
ATOM   146  C  CG2 . THR A 1 21  ? -6.020  4.244   -5.525  1.00 22.89 ?  20  THR A CG2 1 
ATOM   147  N  N   . ILE A 1 22  ? -4.161  6.282   -8.017  1.00 20.82 ?  21  ILE A N   1 
ATOM   148  C  CA  . ILE A 1 22  ? -4.730  6.911   -9.190  1.00 21.95 ?  21  ILE A CA  1 
ATOM   149  C  C   . ILE A 1 22  ? -4.037  6.421   -10.459 1.00 23.39 ?  21  ILE A C   1 
ATOM   150  O  O   . ILE A 1 22  ? -4.675  6.175   -11.487 1.00 24.93 ?  21  ILE A O   1 
ATOM   151  C  CB  . ILE A 1 22  ? -4.690  8.433   -9.083  1.00 24.95 ?  21  ILE A CB  1 
ATOM   152  C  CG1 . ILE A 1 22  ? -5.638  8.922   -7.977  1.00 27.89 ?  21  ILE A CG1 1 
ATOM   153  C  CG2 . ILE A 1 22  ? -5.092  9.087   -10.405 1.00 28.45 ?  21  ILE A CG2 1 
ATOM   154  C  CD1 . ILE A 1 22  ? -5.543  10.422  -7.736  1.00 29.19 ?  21  ILE A CD1 1 
ATOM   155  N  N   . GLN A 1 23  ? -2.735  6.243   -10.380 1.00 23.52 ?  22  GLN A N   1 
ATOM   156  C  CA  . GLN A 1 23  ? -1.968  5.690   -11.482 1.00 24.14 ?  22  GLN A CA  1 
ATOM   157  C  C   . GLN A 1 23  ? -2.458  4.292   -11.837 1.00 25.79 ?  22  GLN A C   1 
ATOM   158  O  O   . GLN A 1 23  ? -2.649  3.971   -13.010 1.00 27.01 ?  22  GLN A O   1 
ATOM   159  C  CB  . GLN A 1 23  ? -0.478  5.702   -11.116 1.00 25.19 ?  22  GLN A CB  1 
ATOM   160  C  CG  . GLN A 1 23  ? 0.467   5.215   -12.178 1.00 25.68 ?  22  GLN A CG  1 
ATOM   161  C  CD  . GLN A 1 23  ? 0.413   6.034   -13.490 1.00 27.62 ?  22  GLN A CD  1 
ATOM   162  O  OE1 . GLN A 1 23  ? -0.192  5.623   -14.459 1.00 29.43 ?  22  GLN A OE1 1 
ATOM   163  N  NE2 . GLN A 1 23  ? 1.088   7.146   -13.516 1.00 24.96 ?  22  GLN A NE2 1 
ATOM   164  N  N   . LEU A 1 24  ? -2.664  3.462   -10.830 1.00 23.69 ?  23  LEU A N   1 
ATOM   165  C  CA  . LEU A 1 24  ? -3.182  2.131   -11.049 1.00 27.03 ?  23  LEU A CA  1 
ATOM   166  C  C   . LEU A 1 24  ? -4.585  2.096   -11.710 1.00 28.03 ?  23  LEU A C   1 
ATOM   167  O  O   . LEU A 1 24  ? -4.804  1.374   -12.666 1.00 28.33 ?  23  LEU A O   1 
ATOM   168  C  CB  . LEU A 1 24  ? -3.248  1.387   -9.721  1.00 25.70 ?  23  LEU A CB  1 
ATOM   169  C  CG  . LEU A 1 24  ? -3.809  -0.020  -9.923  1.00 26.70 ?  23  LEU A CG  1 
ATOM   170  C  CD1 . LEU A 1 24  ? -2.706  -1.021  -10.274 1.00 25.96 ?  23  LEU A CD1 1 
ATOM   171  C  CD2 . LEU A 1 24  ? -4.547  -0.457  -8.689  1.00 27.65 ?  23  LEU A CD2 1 
ATOM   172  N  N   . ILE A 1 25  ? -5.486  2.910   -11.195 1.00 28.79 ?  24  ILE A N   1 
ATOM   173  C  CA  . ILE A 1 25  ? -6.880  2.908   -11.603 1.00 32.00 ?  24  ILE A CA  1 
ATOM   174  C  C   . ILE A 1 25  ? -7.053  3.713   -12.904 1.00 31.45 ?  24  ILE A C   1 
ATOM   175  O  O   . ILE A 1 25  ? -7.695  3.244   -13.849 1.00 29.90 ?  24  ILE A O   1 
ATOM   176  C  CB  . ILE A 1 25  ? -7.806  3.533   -10.536 1.00 32.41 ?  24  ILE A CB  1 
ATOM   177  C  CG1 . ILE A 1 25  ? -7.634  2.931   -9.166  1.00 34.40 ?  24  ILE A CG1 1 
ATOM   178  C  CG2 . ILE A 1 25  ? -9.268  3.340   -10.921 1.00 32.27 ?  24  ILE A CG2 1 
ATOM   179  C  CD1 . ILE A 1 25  ? -7.981  1.463   -9.105  1.00 36.69 ?  24  ILE A CD1 1 
ATOM   180  N  N   . GLN A 1 26  ? -6.483  4.907   -12.940 1.00 31.52 ?  25  GLN A N   1 
ATOM   181  C  CA  . GLN A 1 26  ? -6.776  5.884   -14.008 1.00 32.88 ?  25  GLN A CA  1 
ATOM   182  C  C   . GLN A 1 26  ? -5.645  6.089   -14.992 1.00 34.33 ?  25  GLN A C   1 
ATOM   183  O  O   . GLN A 1 26  ? -5.792  6.824   -15.981 1.00 31.26 ?  25  GLN A O   1 
ATOM   184  C  CB  . GLN A 1 26  ? -7.146  7.218   -13.405 1.00 30.52 ?  25  GLN A CB  1 
ATOM   185  C  CG  . GLN A 1 26  ? -8.402  7.117   -12.574 1.00 34.42 ?  25  GLN A CG  1 
ATOM   186  C  CD  . GLN A 1 26  ? -8.865  8.438   -11.995 1.00 40.17 ?  25  GLN A CD  1 
ATOM   187  O  OE1 . GLN A 1 26  ? -8.233  9.486   -12.181 1.00 42.63 ?  25  GLN A OE1 1 
ATOM   188  N  NE2 . GLN A 1 26  ? -9.992  8.389   -11.291 1.00 40.79 ?  25  GLN A NE2 1 
ATOM   189  N  N   . ASN A 1 27  ? -4.510  5.455   -14.730 1.00 34.39 ?  26  ASN A N   1 
ATOM   190  C  CA  . ASN A 1 27  ? -3.406  5.472   -15.674 1.00 34.91 ?  26  ASN A CA  1 
ATOM   191  C  C   . ASN A 1 27  ? -2.905  6.867   -15.983 1.00 33.61 ?  26  ASN A C   1 
ATOM   192  O  O   . ASN A 1 27  ? -2.527  7.186   -17.114 1.00 32.76 ?  26  ASN A O   1 
ATOM   193  C  CB  . ASN A 1 27  ? -3.821  4.746   -16.970 1.00 36.28 ?  26  ASN A CB  1 
ATOM   194  C  CG  . ASN A 1 27  ? -4.236  3.325   -16.702 1.00 41.51 ?  26  ASN A CG  1 
ATOM   195  O  OD1 . ASN A 1 27  ? -3.381  2.469   -16.494 1.00 51.85 ?  26  ASN A OD1 1 
ATOM   196  N  ND2 . ASN A 1 27  ? -5.540  3.071   -16.655 1.00 44.81 ?  26  ASN A ND2 1 
ATOM   197  N  N   . HIS A 1 28  ? -2.896  7.719   -14.975 1.00 33.96 ?  27  HIS A N   1 
ATOM   198  C  CA  . HIS A 1 28  ? -2.236  9.017   -15.139 1.00 36.13 ?  27  HIS A CA  1 
ATOM   199  C  C   . HIS A 1 28  ? -1.633  9.396   -13.817 1.00 32.95 ?  27  HIS A C   1 
ATOM   200  O  O   . HIS A 1 28  ? -2.051  8.893   -12.773 1.00 31.63 ?  27  HIS A O   1 
ATOM   201  C  CB  . HIS A 1 28  ? -3.190  10.106  -15.721 1.00 35.69 ?  27  HIS A CB  1 
ATOM   202  C  CG  . HIS A 1 28  ? -4.396  10.350  -14.887 1.00 34.96 ?  27  HIS A CG  1 
ATOM   203  N  ND1 . HIS A 1 28  ? -4.344  11.101  -13.732 1.00 38.03 ?  27  HIS A ND1 1 
ATOM   204  C  CD2 . HIS A 1 28  ? -5.677  9.920   -15.002 1.00 35.65 ?  27  HIS A CD2 1 
ATOM   205  C  CE1 . HIS A 1 28  ? -5.550  11.143  -13.183 1.00 36.42 ?  27  HIS A CE1 1 
ATOM   206  N  NE2 . HIS A 1 28  ? -6.373  10.428  -13.930 1.00 33.26 ?  27  HIS A NE2 1 
ATOM   207  N  N   . PHE A 1 29  ? -0.616  10.254  -13.898 1.00 33.64 ?  28  PHE A N   1 
ATOM   208  C  CA  . PHE A 1 29  ? 0.082   10.787  -12.769 1.00 28.31 ?  28  PHE A CA  1 
ATOM   209  C  C   . PHE A 1 29  ? -0.467  12.142  -12.338 1.00 34.80 ?  28  PHE A C   1 
ATOM   210  O  O   . PHE A 1 29  ? -0.588  13.087  -13.147 1.00 32.89 ?  28  PHE A O   1 
ATOM   211  C  CB  . PHE A 1 29  ? 1.581   10.873  -13.049 1.00 26.90 ?  28  PHE A CB  1 
ATOM   212  C  CG  . PHE A 1 29  ? 2.376   11.472  -11.896 1.00 29.60 ?  28  PHE A CG  1 
ATOM   213  C  CD1 . PHE A 1 29  ? 2.426   10.847  -10.666 1.00 29.48 ?  28  PHE A CD1 1 
ATOM   214  C  CD2 . PHE A 1 29  ? 3.069   12.650  -12.060 1.00 32.38 ?  28  PHE A CD2 1 
ATOM   215  C  CE1 . PHE A 1 29  ? 3.140   11.393  -9.594  1.00 30.90 ?  28  PHE A CE1 1 
ATOM   216  C  CE2 . PHE A 1 29  ? 3.819   13.203  -11.012 1.00 36.21 ?  28  PHE A CE2 1 
ATOM   217  C  CZ  . PHE A 1 29  ? 3.850   12.579  -9.765  1.00 32.67 ?  28  PHE A CZ  1 
ATOM   218  N  N   . VAL A 1 30  ? -0.754  12.259  -11.046 1.00 34.78 ?  29  VAL A N   1 
ATOM   219  C  CA  . VAL A 1 30  ? -1.270  13.509  -10.488 1.00 41.01 ?  29  VAL A CA  1 
ATOM   220  C  C   . VAL A 1 30  ? -0.184  14.278  -9.713  1.00 43.25 ?  29  VAL A C   1 
ATOM   221  O  O   . VAL A 1 30  ? 0.387   13.762  -8.736  1.00 43.26 ?  29  VAL A O   1 
ATOM   222  C  CB  . VAL A 1 30  ? -2.480  13.238  -9.594  1.00 46.46 ?  29  VAL A CB  1 
ATOM   223  C  CG1 . VAL A 1 30  ? -2.997  14.543  -9.004  1.00 50.24 ?  29  VAL A CG1 1 
ATOM   224  C  CG2 . VAL A 1 30  ? -3.594  12.576  -10.405 1.00 45.36 ?  29  VAL A CG2 1 
ATOM   225  N  N   . ASP A 1 31  ? 0.120   15.483  -10.198 1.00 45.94 ?  30  ASP A N   1 
ATOM   226  C  CA  . ASP A 1 31  ? 1.074   16.420  -9.569  1.00 52.48 ?  30  ASP A CA  1 
ATOM   227  C  C   . ASP A 1 31  ? 0.652   16.801  -8.149  1.00 53.66 ?  30  ASP A C   1 
ATOM   228  O  O   . ASP A 1 31  ? 1.486   16.886  -7.230  1.00 45.94 ?  30  ASP A O   1 
ATOM   229  C  CB  . ASP A 1 31  ? 1.180   17.725  -10.393 1.00 58.48 ?  30  ASP A CB  1 
ATOM   230  C  CG  . ASP A 1 31  ? 1.562   17.480  -11.865 1.00 68.44 ?  30  ASP A CG  1 
ATOM   231  O  OD1 . ASP A 1 31  ? 2.549   16.748  -12.125 1.00 74.14 ?  30  ASP A OD1 1 
ATOM   232  O  OD2 . ASP A 1 31  ? 0.879   18.025  -12.762 1.00 70.93 -1 30  ASP A OD2 1 
ATOM   233  N  N   . GLU A 1 32  ? -0.643  17.068  -7.990  1.00 56.40 ?  31  GLU A N   1 
ATOM   234  C  CA  . GLU A 1 32  ? -1.189  17.591  -6.742  1.00 61.90 ?  31  GLU A CA  1 
ATOM   235  C  C   . GLU A 1 32  ? -2.495  16.897  -6.459  1.00 60.69 ?  31  GLU A C   1 
ATOM   236  O  O   . GLU A 1 32  ? -3.429  16.949  -7.267  1.00 66.18 ?  31  GLU A O   1 
ATOM   237  C  CB  . GLU A 1 32  ? -1.432  19.108  -6.830  1.00 69.75 ?  31  GLU A CB  1 
ATOM   238  C  CG  . GLU A 1 32  ? -0.202  19.919  -7.254  1.00 78.98 ?  31  GLU A CG  1 
ATOM   239  C  CD  . GLU A 1 32  ? -0.390  21.419  -7.084  1.00 84.25 ?  31  GLU A CD  1 
ATOM   240  O  OE1 . GLU A 1 32  ? -1.509  21.889  -7.379  1.00 87.98 ?  31  GLU A OE1 1 
ATOM   241  O  OE2 . GLU A 1 32  ? 0.577   22.122  -6.679  1.00 81.16 -1 31  GLU A OE2 1 
ATOM   242  N  N   . TYR A 1 33  ? -2.532  16.226  -5.319  1.00 53.60 ?  32  TYR A N   1 
ATOM   243  C  CA  . TYR A 1 33  ? -3.767  15.654  -4.773  1.00 49.29 ?  32  TYR A CA  1 
ATOM   244  C  C   . TYR A 1 33  ? -3.955  16.064  -3.320  1.00 45.02 ?  32  TYR A C   1 
ATOM   245  O  O   . TYR A 1 33  ? -3.069  15.841  -2.476  1.00 42.61 ?  32  TYR A O   1 
ATOM   246  C  CB  . TYR A 1 33  ? -3.672  14.143  -4.820  1.00 53.11 ?  32  TYR A CB  1 
ATOM   247  C  CG  . TYR A 1 33  ? -4.978  13.449  -4.551  1.00 55.70 ?  32  TYR A CG  1 
ATOM   248  C  CD1 . TYR A 1 33  ? -5.973  13.426  -5.518  1.00 56.69 ?  32  TYR A CD1 1 
ATOM   249  C  CD2 . TYR A 1 33  ? -5.222  12.813  -3.338  1.00 51.36 ?  32  TYR A CD2 1 
ATOM   250  C  CE1 . TYR A 1 33  ? -7.178  12.788  -5.284  1.00 59.28 ?  32  TYR A CE1 1 
ATOM   251  C  CE2 . TYR A 1 33  ? -6.421  12.167  -3.103  1.00 54.24 ?  32  TYR A CE2 1 
ATOM   252  C  CZ  . TYR A 1 33  ? -7.393  12.150  -4.080  1.00 53.04 ?  32  TYR A CZ  1 
ATOM   253  O  OH  . TYR A 1 33  ? -8.601  11.487  -3.863  1.00 62.44 ?  32  TYR A OH  1 
ATOM   254  N  N   . ASP A 1 34  ? -5.103  16.667  -3.013  1.00 46.93 ?  33  ASP A N   1 
ATOM   255  C  CA  . ASP A 1 34  ? -5.361  17.172  -1.656  1.00 38.79 ?  33  ASP A CA  1 
ATOM   256  C  C   . ASP A 1 34  ? -4.959  16.099  -0.637  1.00 42.37 ?  33  ASP A C   1 
ATOM   257  O  O   . ASP A 1 34  ? -5.528  14.969  -0.647  1.00 38.28 ?  33  ASP A O   1 
ATOM   258  C  CB  . ASP A 1 34  ? -6.831  17.510  -1.507  1.00 36.98 ?  33  ASP A CB  1 
ATOM   259  C  CG  . ASP A 1 34  ? -7.155  18.195  -0.211  1.00 34.75 ?  33  ASP A CG  1 
ATOM   260  O  OD1 . ASP A 1 34  ? -6.440  18.031  0.833   1.00 28.26 ?  33  ASP A OD1 1 
ATOM   261  O  OD2 . ASP A 1 34  ? -8.163  18.929  -0.254  1.00 37.15 -1 33  ASP A OD2 1 
ATOM   262  N  N   . PRO A 1 35  ? -3.992  16.440  0.228   1.00 37.67 ?  34  PRO A N   1 
ATOM   263  C  CA  . PRO A 1 35  ? -3.505  15.541  1.261   1.00 41.85 ?  34  PRO A CA  1 
ATOM   264  C  C   . PRO A 1 35  ? -4.524  15.086  2.323   1.00 42.52 ?  34  PRO A C   1 
ATOM   265  O  O   . PRO A 1 35  ? -4.259  14.123  3.063   1.00 39.73 ?  34  PRO A O   1 
ATOM   266  C  CB  . PRO A 1 35  ? -2.373  16.346  1.927   1.00 44.41 ?  34  PRO A CB  1 
ATOM   267  C  CG  . PRO A 1 35  ? -2.638  17.773  1.580   1.00 43.42 ?  34  PRO A CG  1 
ATOM   268  C  CD  . PRO A 1 35  ? -3.235  17.704  0.197   1.00 43.73 ?  34  PRO A CD  1 
ATOM   269  N  N   . THR A 1 36  ? -5.668  15.772  2.399   1.00 34.36 ?  35  THR A N   1 
ATOM   270  C  CA  . THR A 1 36  ? -6.644  15.508  3.413   1.00 30.10 ?  35  THR A CA  1 
ATOM   271  C  C   . THR A 1 36  ? -7.754  14.578  2.915   1.00 27.27 ?  35  THR A C   1 
ATOM   272  O  O   . THR A 1 36  ? -8.678  14.312  3.640   1.00 26.91 ?  35  THR A O   1 
ATOM   273  C  CB  . THR A 1 36  ? -7.257  16.845  3.884   1.00 30.57 ?  35  THR A CB  1 
ATOM   274  O  OG1 . THR A 1 36  ? -7.975  17.478  2.816   1.00 25.30 ?  35  THR A OG1 1 
ATOM   275  C  CG2 . THR A 1 36  ? -6.131  17.774  4.398   1.00 32.65 ?  35  THR A CG2 1 
ATOM   276  N  N   . ILE A 1 37  ? -7.722  14.167  1.650   1.00 26.60 ?  36  ILE A N   1 
ATOM   277  C  CA  . ILE A 1 37  ? -8.839  13.417  1.090   1.00 32.54 ?  36  ILE A CA  1 
ATOM   278  C  C   . ILE A 1 37  ? -8.536  11.936  1.279   1.00 29.27 ?  36  ILE A C   1 
ATOM   279  O  O   . ILE A 1 37  ? -7.423  11.488  1.073   1.00 29.10 ?  36  ILE A O   1 
ATOM   280  C  CB  . ILE A 1 37  ? -9.151  13.755  -0.408  1.00 35.80 ?  36  ILE A CB  1 
ATOM   281  C  CG1 . ILE A 1 37  ? -9.470  15.257  -0.540  1.00 37.80 ?  36  ILE A CG1 1 
ATOM   282  C  CG2 . ILE A 1 37  ? -10.335 12.905  -0.916  1.00 39.77 ?  36  ILE A CG2 1 
ATOM   283  C  CD1 . ILE A 1 37  ? -9.879  15.701  -1.924  1.00 45.08 ?  36  ILE A CD1 1 
ATOM   284  N  N   . GLU A 1 38  ? -9.539  11.207  1.713   1.00 25.47 ?  37  GLU A N   1 
ATOM   285  C  CA  . GLU A 1 38  ? -9.453  9.768   1.862   1.00 25.97 ?  37  GLU A CA  1 
ATOM   286  C  C   . GLU A 1 38  ? -10.689 9.188   1.187   1.00 28.32 ?  37  GLU A C   1 
ATOM   287  O  O   . GLU A 1 38  ? -11.796 9.261   1.716   1.00 29.60 ?  37  GLU A O   1 
ATOM   288  C  CB  . GLU A 1 38  ? -9.343  9.364   3.327   1.00 25.22 ?  37  GLU A CB  1 
ATOM   289  C  CG  . GLU A 1 38  ? -9.408  7.864   3.596   1.00 27.26 ?  37  GLU A CG  1 
ATOM   290  C  CD  . GLU A 1 38  ? -9.251  7.547   5.054   1.00 27.75 ?  37  GLU A CD  1 
ATOM   291  O  OE1 . GLU A 1 38  ? -8.156  7.763   5.609   1.00 26.95 ?  37  GLU A OE1 1 
ATOM   292  O  OE2 . GLU A 1 38  ? -10.246 7.125   5.694   1.00 28.49 -1 37  GLU A OE2 1 
ATOM   293  N  N   . ASP A 1 39  ? -10.474 8.600   0.013   1.00 31.33 ?  38  ASP A N   1 
ATOM   294  C  CA  . ASP A 1 39  ? -11.529 7.924   -0.705  1.00 34.07 ?  38  ASP A CA  1 
ATOM   295  C  C   . ASP A 1 39  ? -11.089 6.508   -1.145  1.00 29.39 ?  38  ASP A C   1 
ATOM   296  O  O   . ASP A 1 39  ? -9.910  6.161   -1.125  1.00 23.20 ?  38  ASP A O   1 
ATOM   297  C  CB  . ASP A 1 39  ? -11.979 8.785   -1.890  1.00 40.19 ?  38  ASP A CB  1 
ATOM   298  C  CG  . ASP A 1 39  ? -13.336 8.351   -2.463  1.00 44.83 ?  38  ASP A CG  1 
ATOM   299  O  OD1 . ASP A 1 39  ? -14.132 7.644   -1.765  1.00 36.92 ?  38  ASP A OD1 1 
ATOM   300  O  OD2 . ASP A 1 39  ? -13.601 8.717   -3.638  1.00 59.36 -1 38  ASP A OD2 1 
ATOM   301  N  N   . SER A 1 40  ? -12.065 5.700   -1.531  1.00 26.79 ?  39  SER A N   1 
ATOM   302  C  CA  . SER A 1 40  ? -11.798 4.395   -2.088  1.00 27.66 ?  39  SER A CA  1 
ATOM   303  C  C   . SER A 1 40  ? -12.186 4.316   -3.587  1.00 30.58 ?  39  SER A C   1 
ATOM   304  O  O   . SER A 1 40  ? -13.052 5.076   -4.081  1.00 33.71 ?  39  SER A O   1 
ATOM   305  C  CB  . SER A 1 40  ? -12.460 3.326   -1.250  1.00 28.88 ?  39  SER A CB  1 
ATOM   306  O  OG  . SER A 1 40  ? -13.842 3.496   -1.204  1.00 30.60 ?  39  SER A OG  1 
ATOM   307  N  N   . TYR A 1 41  ? -11.467 3.466   -4.307  1.00 28.16 ?  40  TYR A N   1 
ATOM   308  C  CA  . TYR A 1 41  ? -11.587 3.301   -5.718  1.00 26.70 ?  40  TYR A CA  1 
ATOM   309  C  C   . TYR A 1 41  ? -11.754 1.797   -6.042  1.00 29.28 ?  40  TYR A C   1 
ATOM   310  O  O   . TYR A 1 41  ? -11.154 0.891   -5.381  1.00 24.01 ?  40  TYR A O   1 
ATOM   311  C  CB  . TYR A 1 41  ? -10.342 3.811   -6.398  1.00 31.56 ?  40  TYR A CB  1 
ATOM   312  C  CG  . TYR A 1 41  ? -10.112 5.285   -6.294  1.00 36.49 ?  40  TYR A CG  1 
ATOM   313  C  CD1 . TYR A 1 41  ? -9.437  5.829   -5.202  1.00 39.42 ?  40  TYR A CD1 1 
ATOM   314  C  CD2 . TYR A 1 41  ? -10.534 6.147   -7.309  1.00 41.35 ?  40  TYR A CD2 1 
ATOM   315  C  CE1 . TYR A 1 41  ? -9.200  7.197   -5.106  1.00 42.76 ?  40  TYR A CE1 1 
ATOM   316  C  CE2 . TYR A 1 41  ? -10.282 7.512   -7.232  1.00 46.70 ?  40  TYR A CE2 1 
ATOM   317  C  CZ  . TYR A 1 41  ? -9.622  8.029   -6.119  1.00 46.14 ?  40  TYR A CZ  1 
ATOM   318  O  OH  . TYR A 1 41  ? -9.365  9.380   -6.023  1.00 48.41 ?  40  TYR A OH  1 
ATOM   319  N  N   . ARG A 1 42  ? -12.533 1.532   -7.071  1.00 23.85 ?  41  ARG A N   1 
ATOM   320  C  CA  . ARG A 1 42  ? -12.759 0.170   -7.514  1.00 30.27 ?  41  ARG A CA  1 
ATOM   321  C  C   . ARG A 1 42  ? -12.356 0.030   -8.949  1.00 31.24 ?  41  ARG A C   1 
ATOM   322  O  O   . ARG A 1 42  ? -12.517 0.945   -9.761  1.00 29.63 ?  41  ARG A O   1 
ATOM   323  C  CB  . ARG A 1 42  ? -14.216 -0.305  -7.299  1.00 35.16 ?  41  ARG A CB  1 
ATOM   324  C  CG  . ARG A 1 42  ? -14.613 -0.406  -5.822  1.00 44.69 ?  41  ARG A CG  1 
ATOM   325  C  CD  . ARG A 1 42  ? -15.978 0.201   -5.522  1.00 52.42 ?  41  ARG A CD  1 
ATOM   326  N  NE  . ARG A 1 42  ? -15.939 1.001   -4.288  1.00 62.61 ?  41  ARG A NE  1 
ATOM   327  C  CZ  . ARG A 1 42  ? -16.388 2.256   -4.176  1.00 71.93 ?  41  ARG A CZ  1 
ATOM   328  N  NH1 . ARG A 1 42  ? -16.955 2.891   -5.209  1.00 74.29 1  41  ARG A NH1 1 
ATOM   329  N  NH2 . ARG A 1 42  ? -16.308 2.880   -3.005  1.00 80.54 ?  41  ARG A NH2 1 
ATOM   330  N  N   . LYS A 1 43  ? -11.776 -1.112  -9.265  1.00 28.17 ?  42  LYS A N   1 
ATOM   331  C  CA  . LYS A 1 43  ? -11.396 -1.407  -10.631 1.00 29.48 ?  42  LYS A CA  1 
ATOM   332  C  C   . LYS A 1 43  ? -11.352 -2.906  -10.864 1.00 27.54 ?  42  LYS A C   1 
ATOM   333  O  O   . LYS A 1 43  ? -10.647 -3.637  -10.158 1.00 24.69 ?  42  LYS A O   1 
ATOM   334  C  CB  . LYS A 1 43  ? -10.033 -0.797  -10.950 1.00 31.80 ?  42  LYS A CB  1 
ATOM   335  C  CG  . LYS A 1 43  ? -9.679  -0.867  -12.416 1.00 36.51 ?  42  LYS A CG  1 
ATOM   336  C  CD  . LYS A 1 43  ? -8.178  -0.716  -12.646 1.00 38.54 ?  42  LYS A CD  1 
ATOM   337  C  CE  . LYS A 1 43  ? -7.884  -0.427  -14.127 1.00 44.29 ?  42  LYS A CE  1 
ATOM   338  N  NZ  . LYS A 1 43  ? -8.534  0.825   -14.636 1.00 44.34 1  42  LYS A NZ  1 
ATOM   339  N  N   . GLN A 1 44  ? -12.082 -3.348  -11.875 1.00 27.32 ?  43  GLN A N   1 
ATOM   340  C  CA  . GLN A 1 44  ? -11.935 -4.706  -12.358 1.00 27.28 ?  43  GLN A CA  1 
ATOM   341  C  C   . GLN A 1 44  ? -10.588 -4.869  -13.099 1.00 27.40 ?  43  GLN A C   1 
ATOM   342  O  O   . GLN A 1 44  ? -10.202 -4.047  -13.921 1.00 29.20 ?  43  GLN A O   1 
ATOM   343  C  CB  . GLN A 1 44  ? -13.099 -5.043  -13.254 1.00 29.84 ?  43  GLN A CB  1 
ATOM   344  C  CG  . GLN A 1 44  ? -12.973 -6.366  -13.964 1.00 32.88 ?  43  GLN A CG  1 
ATOM   345  C  CD  . GLN A 1 44  ? -14.220 -6.681  -14.751 1.00 37.87 ?  43  GLN A CD  1 
ATOM   346  O  OE1 . GLN A 1 44  ? -15.340 -6.440  -14.278 1.00 42.95 ?  43  GLN A OE1 1 
ATOM   347  N  NE2 . GLN A 1 44  ? -14.043 -7.223  -15.958 1.00 42.06 ?  43  GLN A NE2 1 
ATOM   348  N  N   . VAL A 1 45  ? -9.864  -5.939  -12.779 1.00 24.97 ?  44  VAL A N   1 
ATOM   349  C  CA  . VAL A 1 45  ? -8.590  -6.251  -13.394 1.00 24.90 ?  44  VAL A CA  1 
ATOM   350  C  C   . VAL A 1 45  ? -8.460  -7.767  -13.590 1.00 24.10 ?  44  VAL A C   1 
ATOM   351  O  O   . VAL A 1 45  ? -9.333  -8.525  -13.216 1.00 20.70 ?  44  VAL A O   1 
ATOM   352  C  CB  . VAL A 1 45  ? -7.386  -5.781  -12.555 1.00 25.59 ?  44  VAL A CB  1 
ATOM   353  C  CG1 . VAL A 1 45  ? -7.399  -4.268  -12.380 1.00 29.58 ?  44  VAL A CG1 1 
ATOM   354  C  CG2 . VAL A 1 45  ? -7.353  -6.483  -11.201 1.00 24.55 ?  44  VAL A CG2 1 
ATOM   355  N  N   . VAL A 1 46  ? -7.399  -8.174  -14.268 1.00 22.01 ?  45  VAL A N   1 
ATOM   356  C  CA  . VAL A 1 46  ? -7.123  -9.569  -14.435 1.00 22.72 ?  45  VAL A CA  1 
ATOM   357  C  C   . VAL A 1 46  ? -5.759  -9.813  -13.845 1.00 21.33 ?  45  VAL A C   1 
ATOM   358  O  O   . VAL A 1 46  ? -4.751  -9.255  -14.299 1.00 21.28 ?  45  VAL A O   1 
ATOM   359  C  CB  . VAL A 1 46  ? -7.158  -10.003 -15.905 1.00 25.22 ?  45  VAL A CB  1 
ATOM   360  C  CG1 . VAL A 1 46  ? -6.812  -11.485 -16.002 1.00 27.27 ?  45  VAL A CG1 1 
ATOM   361  C  CG2 . VAL A 1 46  ? -8.528  -9.741  -16.523 1.00 25.80 ?  45  VAL A CG2 1 
ATOM   362  N  N   . ILE A 1 47  ? -5.721  -10.656 -12.823 1.00 19.07 ?  46  ILE A N   1 
ATOM   363  C  CA  . ILE A 1 47  ? -4.470  -10.976 -12.180 1.00 20.13 ?  46  ILE A CA  1 
ATOM   364  C  C   . ILE A 1 47  ? -4.259  -12.451 -12.211 1.00 19.61 ?  46  ILE A C   1 
ATOM   365  O  O   . ILE A 1 47  ? -5.025  -13.188 -11.607 1.00 21.19 ?  46  ILE A O   1 
ATOM   366  C  CB  . ILE A 1 47  ? -4.438  -10.521 -10.699 1.00 19.39 ?  46  ILE A CB  1 
ATOM   367  C  CG1 . ILE A 1 47  ? -4.594  -8.989  -10.646 1.00 21.50 ?  46  ILE A CG1 1 
ATOM   368  C  CG2 . ILE A 1 47  ? -3.122  -10.886 -10.019 1.00 19.52 ?  46  ILE A CG2 1 
ATOM   369  C  CD1 . ILE A 1 47  ? -4.897  -8.517  -9.242  1.00 20.12 ?  46  ILE A CD1 1 
ATOM   370  N  N   . ASP A 1 48  ? -3.237  -12.865 -12.948 1.00 19.99 ?  47  ASP A N   1 
ATOM   371  C  CA  . ASP A 1 48  ? -2.905  -14.273 -13.149 1.00 20.61 ?  47  ASP A CA  1 
ATOM   372  C  C   . ASP A 1 48  ? -4.095  -15.069 -13.667 1.00 20.24 ?  47  ASP A C   1 
ATOM   373  O  O   . ASP A 1 48  ? -4.327  -16.189 -13.212 1.00 20.18 ?  47  ASP A O   1 
ATOM   374  C  CB  . ASP A 1 48  ? -2.384  -14.896 -11.861 1.00 21.02 ?  47  ASP A CB  1 
ATOM   375  C  CG  . ASP A 1 48  ? -1.161  -14.185 -11.318 1.00 24.07 ?  47  ASP A CG  1 
ATOM   376  O  OD1 . ASP A 1 48  ? -0.321  -13.738 -12.105 1.00 25.16 ?  47  ASP A OD1 1 
ATOM   377  O  OD2 . ASP A 1 48  ? -1.058  -14.060 -10.090 1.00 26.82 -1 47  ASP A OD2 1 
ATOM   378  N  N   . GLY A 1 49  ? -4.826  -14.469 -14.607 1.00 18.86 ?  48  GLY A N   1 
ATOM   379  C  CA  . GLY A 1 49  ? -5.971  -15.110 -15.272 1.00 23.13 ?  48  GLY A CA  1 
ATOM   380  C  C   . GLY A 1 49  ? -7.275  -14.994 -14.527 1.00 22.57 ?  48  GLY A C   1 
ATOM   381  O  O   . GLY A 1 49  ? -8.317  -15.355 -15.039 1.00 26.56 ?  48  GLY A O   1 
ATOM   382  N  N   . GLU A 1 50  ? -7.226  -14.477 -13.314 1.00 21.13 ?  49  GLU A N   1 
ATOM   383  C  CA  . GLU A 1 50  ? -8.426  -14.262 -12.525 1.00 21.75 ?  49  GLU A CA  1 
ATOM   384  C  C   . GLU A 1 50  ? -8.964  -12.856 -12.774 1.00 24.19 ?  49  GLU A C   1 
ATOM   385  O  O   . GLU A 1 50  ? -8.325  -11.858 -12.480 1.00 22.75 ?  49  GLU A O   1 
ATOM   386  C  CB  . GLU A 1 50  ? -8.135  -14.456 -11.036 1.00 21.77 ?  49  GLU A CB  1 
ATOM   387  C  CG  . GLU A 1 50  ? -9.338  -14.219 -10.152 1.00 23.07 ?  49  GLU A CG  1 
ATOM   388  C  CD  . GLU A 1 50  ? -9.004  -14.322 -8.684  1.00 25.82 ?  49  GLU A CD  1 
ATOM   389  O  OE1 . GLU A 1 50  ? -8.173  -13.545 -8.167  1.00 25.32 ?  49  GLU A OE1 1 
ATOM   390  O  OE2 . GLU A 1 50  ? -9.579  -15.198 -8.059  1.00 27.67 -1 49  GLU A OE2 1 
ATOM   391  N  N   . THR A 1 51  ? -10.176 -12.805 -13.298 1.00 28.44 ?  50  THR A N   1 
ATOM   392  C  CA  . THR A 1 51  ? -10.952 -11.569 -13.332 1.00 26.95 ?  50  THR A CA  1 
ATOM   393  C  C   . THR A 1 51  ? -11.463 -11.283 -11.898 1.00 23.58 ?  50  THR A C   1 
ATOM   394  O  O   . THR A 1 51  ? -12.215 -12.055 -11.298 1.00 23.99 ?  50  THR A O   1 
ATOM   395  C  CB  . THR A 1 51  ? -12.132 -11.618 -14.348 1.00 29.01 ?  50  THR A CB  1 
ATOM   396  O  OG1 . THR A 1 51  ? -11.616 -11.712 -15.670 1.00 29.87 ?  50  THR A OG1 1 
ATOM   397  C  CG2 . THR A 1 51  ? -12.985 -10.328 -14.276 1.00 27.88 ?  50  THR A CG2 1 
ATOM   398  N  N   . CYS A 1 52  ? -11.061 -10.136 -11.366 1.00 20.98 ?  51  CYS A N   1 
ATOM   399  C  CA  . CYS A 1 52  ? -11.409 -9.770  -10.019 1.00 21.17 ?  51  CYS A CA  1 
ATOM   400  C  C   . CYS A 1 52  ? -11.613 -8.271  -9.853  1.00 19.84 ?  51  CYS A C   1 
ATOM   401  O  O   . CYS A 1 52  ? -11.317 -7.485  -10.730 1.00 19.40 ?  51  CYS A O   1 
ATOM   402  C  CB  . CYS A 1 52  ? -10.344 -10.249 -9.031  1.00 21.21 ?  51  CYS A CB  1 
ATOM   403  S  SG  . CYS A 1 52  ? -8.676  -9.606  -9.353  1.00 21.42 ?  51  CYS A SG  1 
ATOM   404  N  N   . LEU A 1 53  ? -12.142 -7.894  -8.691  1.00 21.42 ?  52  LEU A N   1 
ATOM   405  C  CA  . LEU A 1 53  ? -12.383 -6.503  -8.392  1.00 22.07 ?  52  LEU A CA  1 
ATOM   406  C  C   . LEU A 1 53  ? -11.413 -6.071  -7.288  1.00 23.31 ?  52  LEU A C   1 
ATOM   407  O  O   . LEU A 1 53  ? -11.345 -6.700  -6.254  1.00 23.34 ?  52  LEU A O   1 
ATOM   408  C  CB  . LEU A 1 53  ? -13.834 -6.315  -7.981  1.00 25.27 ?  52  LEU A CB  1 
ATOM   409  C  CG  . LEU A 1 53  ? -14.295 -4.872  -7.817  1.00 30.36 ?  52  LEU A CG  1 
ATOM   410  C  CD1 . LEU A 1 53  ? -14.457 -4.185  -9.174  1.00 31.36 ?  52  LEU A CD1 1 
ATOM   411  C  CD2 . LEU A 1 53  ? -15.609 -4.833  -7.047  1.00 32.18 ?  52  LEU A CD2 1 
ATOM   412  N  N   . LEU A 1 54  ? -10.677 -4.988  -7.517  1.00 21.73 ?  53  LEU A N   1 
ATOM   413  C  CA  . LEU A 1 54  ? -9.872  -4.352  -6.486  1.00 22.32 ?  53  LEU A CA  1 
ATOM   414  C  C   . LEU A 1 54  ? -10.660 -3.185  -5.849  1.00 22.13 ?  53  LEU A C   1 
ATOM   415  O  O   . LEU A 1 54  ? -11.126 -2.272  -6.556  1.00 24.19 ?  53  LEU A O   1 
ATOM   416  C  CB  . LEU A 1 54  ? -8.555  -3.835  -7.077  1.00 22.71 ?  53  LEU A CB  1 
ATOM   417  C  CG  . LEU A 1 54  ? -7.704  -4.837  -7.841  1.00 23.48 ?  53  LEU A CG  1 
ATOM   418  C  CD1 . LEU A 1 54  ? -6.296  -4.247  -8.158  1.00 21.83 ?  53  LEU A CD1 1 
ATOM   419  C  CD2 . LEU A 1 54  ? -7.628  -6.124  -7.001  1.00 22.01 ?  53  LEU A CD2 1 
ATOM   420  N  N   . ASP A 1 55  ? -10.888 -3.287  -4.554  1.00 19.68 ?  54  ASP A N   1 
ATOM   421  C  CA  . ASP A 1 55  ? -11.470 -2.207  -3.785  1.00 23.28 ?  54  ASP A CA  1 
ATOM   422  C  C   . ASP A 1 55  ? -10.389 -1.597  -2.919  1.00 20.76 ?  54  ASP A C   1 
ATOM   423  O  O   . ASP A 1 55  ? -9.921  -2.212  -1.938  1.00 20.96 ?  54  ASP A O   1 
ATOM   424  C  CB  . ASP A 1 55  ? -12.612 -2.691  -2.914  1.00 25.78 ?  54  ASP A CB  1 
ATOM   425  C  CG  . ASP A 1 55  ? -13.461 -1.541  -2.358  1.00 32.11 ?  54  ASP A CG  1 
ATOM   426  O  OD1 . ASP A 1 55  ? -13.006 -0.354  -2.341  1.00 28.28 ?  54  ASP A OD1 1 
ATOM   427  O  OD2 . ASP A 1 55  ? -14.630 -1.834  -1.972  1.00 40.45 -1 54  ASP A OD2 1 
ATOM   428  N  N   . ILE A 1 56  ? -9.980  -0.393  -3.298  1.00 17.39 ?  55  ILE A N   1 
ATOM   429  C  CA  . ILE A 1 56  ? -8.772  0.207   -2.736  1.00 17.70 ?  55  ILE A CA  1 
ATOM   430  C  C   . ILE A 1 56  ? -9.051  1.429   -1.900  1.00 18.62 ?  55  ILE A C   1 
ATOM   431  O  O   . ILE A 1 56  ? -9.506  2.450   -2.410  1.00 19.17 ?  55  ILE A O   1 
ATOM   432  C  CB  . ILE A 1 56  ? -7.721  0.525   -3.816  1.00 17.13 ?  55  ILE A CB  1 
ATOM   433  C  CG1 . ILE A 1 56  ? -7.422  -0.736  -4.617  1.00 18.42 ?  55  ILE A CG1 1 
ATOM   434  C  CG2 . ILE A 1 56  ? -6.454  1.074   -3.207  1.00 20.46 ?  55  ILE A CG2 1 
ATOM   435  C  CD1 . ILE A 1 56  ? -6.725  -0.509  -5.915  1.00 18.37 ?  55  ILE A CD1 1 
ATOM   436  N  N   . LEU A 1 57  ? -8.702  1.351   -0.633  1.00 19.21 ?  56  LEU A N   1 
ATOM   437  C  CA  . LEU A 1 57  ? -8.753  2.525   0.250   1.00 20.06 ?  56  LEU A CA  1 
ATOM   438  C  C   . LEU A 1 57  ? -7.417  3.281   0.273   1.00 20.43 ?  56  LEU A C   1 
ATOM   439  O  O   . LEU A 1 57  ? -6.405  2.773   0.732   1.00 17.08 ?  56  LEU A O   1 
ATOM   440  C  CB  . LEU A 1 57  ? -9.167  2.167   1.693   1.00 20.88 ?  56  LEU A CB  1 
ATOM   441  C  CG  . LEU A 1 57  ? -9.319  3.386   2.636   1.00 22.65 ?  56  LEU A CG  1 
ATOM   442  C  CD1 . LEU A 1 57  ? -10.486 4.315   2.226   1.00 23.29 ?  56  LEU A CD1 1 
ATOM   443  C  CD2 . LEU A 1 57  ? -9.486  2.890   4.080   1.00 22.92 ?  56  LEU A CD2 1 
ATOM   444  N  N   . ASP A 1 58  ? -7.453  4.522   -0.209  1.00 18.36 ?  57  ASP A N   1 
ATOM   445  C  CA  . ASP A 1 58  ? -6.370  5.425   -0.169  1.00 22.14 ?  57  ASP A CA  1 
ATOM   446  C  C   . ASP A 1 58  ? -6.497  6.298   1.101   1.00 24.93 ?  57  ASP A C   1 
ATOM   447  O  O   . ASP A 1 58  ? -7.215  7.307   1.105   1.00 25.34 ?  57  ASP A O   1 
ATOM   448  C  CB  . ASP A 1 58  ? -6.388  6.266   -1.454  1.00 27.41 ?  57  ASP A CB  1 
ATOM   449  C  CG  . ASP A 1 58  ? -5.397  7.384   -1.445  1.00 33.90 ?  57  ASP A CG  1 
ATOM   450  O  OD1 . ASP A 1 58  ? -4.354  7.213   -0.740  1.00 42.81 ?  57  ASP A OD1 1 
ATOM   451  O  OD2 . ASP A 1 58  ? -5.654  8.431   -2.147  1.00 36.25 -1 57  ASP A OD2 1 
ATOM   452  N  N   . THR A 1 59  ? -5.773  5.910   2.158   1.00 21.08 ?  58  THR A N   1 
ATOM   453  C  CA  . THR A 1 59  ? -5.934  6.497   3.471   1.00 22.33 ?  58  THR A CA  1 
ATOM   454  C  C   . THR A 1 59  ? -5.261  7.854   3.562   1.00 25.03 ?  58  THR A C   1 
ATOM   455  O  O   . THR A 1 59  ? -4.328  8.179   2.815   1.00 22.23 ?  58  THR A O   1 
ATOM   456  C  CB  . THR A 1 59  ? -5.317  5.623   4.605   1.00 21.58 ?  58  THR A CB  1 
ATOM   457  O  OG1 . THR A 1 59  ? -3.875  5.603   4.472   1.00 20.07 ?  58  THR A OG1 1 
ATOM   458  C  CG2 . THR A 1 59  ? -5.921  4.189   4.580   1.00 21.06 ?  58  THR A CG2 1 
ATOM   459  N  N   . ALA A 1 60  ? -5.694  8.613   4.562   1.00 24.31 ?  59  ALA A N   1 
ATOM   460  C  CA  . ALA A 1 60  ? -5.126  9.939   4.786   1.00 27.82 ?  59  ALA A CA  1 
ATOM   461  C  C   . ALA A 1 60  ? -4.770  10.174  6.219   1.00 25.37 ?  59  ALA A C   1 
ATOM   462  O  O   . ALA A 1 60  ? -4.634  11.305  6.603   1.00 30.96 ?  59  ALA A O   1 
ATOM   463  C  CB  . ALA A 1 60  ? -6.054  11.045  4.276   1.00 30.33 ?  59  ALA A CB  1 
ATOM   464  N  N   . GLY A 1 61  ? -4.576  9.094   6.972   1.00 23.73 ?  60  GLY A N   1 
ATOM   465  C  CA  . GLY A 1 61  ? -4.144  9.143   8.342   1.00 27.27 ?  60  GLY A CA  1 
ATOM   466  C  C   . GLY A 1 61  ? -5.305  9.263   9.327   1.00 28.52 ?  60  GLY A C   1 
ATOM   467  O  O   . GLY A 1 61  ? -6.114  8.333   9.491   1.00 35.08 ?  60  GLY A O   1 
ATOM   468  N  N   . GLN A 1 62  ? -5.371  10.395  9.994   1.00 27.26 ?  61  GLN A N   1 
ATOM   469  C  CA  . GLN A 1 62  ? -6.345  10.597  11.065  1.00 24.36 ?  61  GLN A CA  1 
ATOM   470  C  C   . GLN A 1 62  ? -7.756  10.625  10.566  1.00 22.95 ?  61  GLN A C   1 
ATOM   471  O  O   . GLN A 1 62  ? -8.059  11.040  9.436   1.00 25.39 ?  61  GLN A O   1 
ATOM   472  C  CB  . GLN A 1 62  ? -6.067  11.910  11.802  1.00 28.60 ?  61  GLN A CB  1 
ATOM   473  C  CG  . GLN A 1 62  ? -4.693  11.947  12.465  1.00 29.75 ?  61  GLN A CG  1 
ATOM   474  C  CD  . GLN A 1 62  ? -4.560  10.973  13.608  1.00 31.13 ?  61  GLN A CD  1 
ATOM   475  O  OE1 . GLN A 1 62  ? -5.531  10.614  14.267  1.00 34.70 ?  61  GLN A OE1 1 
ATOM   476  N  NE2 . GLN A 1 62  ? -3.347  10.639  13.918  1.00 33.17 ?  61  GLN A NE2 1 
ATOM   477  N  N   . GLU A 1 63  ? -8.660  10.226  11.437  1.00 22.10 ?  62  GLU A N   1 
ATOM   478  C  CA  . GLU A 1 63  ? -10.087 10.111  11.083  1.00 23.19 ?  62  GLU A CA  1 
ATOM   479  C  C   . GLU A 1 63  ? -10.885 10.980  12.052  1.00 22.73 ?  62  GLU A C   1 
ATOM   480  O  O   . GLU A 1 63  ? -10.403 11.327  13.150  1.00 21.33 ?  62  GLU A O   1 
ATOM   481  C  CB  . GLU A 1 63  ? -10.575 8.651   11.187  1.00 22.99 ?  62  GLU A CB  1 
ATOM   482  C  CG  . GLU A 1 63  ? -9.817  7.629   10.365  1.00 21.85 ?  62  GLU A CG  1 
ATOM   483  C  CD  . GLU A 1 63  ? -10.158 7.679   8.908   1.00 24.85 ?  62  GLU A CD  1 
ATOM   484  O  OE1 . GLU A 1 63  ? -11.055 8.456   8.539   1.00 25.56 ?  62  GLU A OE1 1 
ATOM   485  O  OE2 . GLU A 1 63  ? -9.509  6.967   8.108   1.00 28.32 -1 62  GLU A OE2 1 
ATOM   486  N  N   . GLU A 1 64  ? -12.124 11.288  11.657  1.00 25.96 ?  63  GLU A N   1 
ATOM   487  C  CA  . GLU A 1 64  ? -13.056 11.946  12.577  1.00 25.33 ?  63  GLU A CA  1 
ATOM   488  C  C   . GLU A 1 64  ? -13.086 11.180  13.924  1.00 24.12 ?  63  GLU A C   1 
ATOM   489  O  O   . GLU A 1 64  ? -12.985 11.784  15.019  1.00 27.74 ?  63  GLU A O   1 
ATOM   490  C  CB  . GLU A 1 64  ? -14.426 12.037  11.919  1.00 25.35 ?  63  GLU A CB  1 
ATOM   491  C  CG  . GLU A 1 64  ? -15.413 12.845  12.736  1.00 23.98 ?  63  GLU A CG  1 
ATOM   492  C  CD  . GLU A 1 64  ? -16.825 12.767  12.272  1.00 24.89 ?  63  GLU A CD  1 
ATOM   493  O  OE1 . GLU A 1 64  ? -17.156 12.000  11.348  1.00 27.85 ?  63  GLU A OE1 1 
ATOM   494  O  OE2 . GLU A 1 64  ? -17.659 13.436  12.903  1.00 29.55 -1 63  GLU A OE2 1 
ATOM   495  N  N   . TYR A 1 65  ? -13.227 9.861   13.827  1.00 23.18 ?  64  TYR A N   1 
ATOM   496  C  CA  . TYR A 1 65  ? -13.200 8.961   14.968  1.00 22.88 ?  64  TYR A CA  1 
ATOM   497  C  C   . TYR A 1 65  ? -12.241 7.839   14.745  1.00 22.63 ?  64  TYR A C   1 
ATOM   498  O  O   . TYR A 1 65  ? -12.152 7.264   13.655  1.00 20.20 ?  64  TYR A O   1 
ATOM   499  C  CB  . TYR A 1 65  ? -14.600 8.356   15.214  1.00 20.67 ?  64  TYR A CB  1 
ATOM   500  C  CG  . TYR A 1 65  ? -15.741 9.330   15.435  1.00 21.46 ?  64  TYR A CG  1 
ATOM   501  C  CD1 . TYR A 1 65  ? -15.874 10.043  16.638  1.00 21.77 ?  64  TYR A CD1 1 
ATOM   502  C  CD2 . TYR A 1 65  ? -16.698 9.530   14.461  1.00 22.80 ?  64  TYR A CD2 1 
ATOM   503  C  CE1 . TYR A 1 65  ? -16.900 10.943  16.838  1.00 21.20 ?  64  TYR A CE1 1 
ATOM   504  C  CE2 . TYR A 1 65  ? -17.766 10.395  14.665  1.00 21.95 ?  64  TYR A CE2 1 
ATOM   505  C  CZ  . TYR A 1 65  ? -17.859 11.102  15.860  1.00 22.14 ?  64  TYR A CZ  1 
ATOM   506  O  OH  . TYR A 1 65  ? -18.916 11.929  16.061  1.00 20.87 ?  64  TYR A OH  1 
ATOM   507  N  N   . SER A 1 66  ? -11.532 7.448   15.796  1.00 23.03 ?  65  SER A N   1 
ATOM   508  C  CA  . SER A 1 66  ? -10.525 6.424   15.642  1.00 25.42 ?  65  SER A CA  1 
ATOM   509  C  C   . SER A 1 66  ? -11.137 5.076   15.323  1.00 23.86 ?  65  SER A C   1 
ATOM   510  O  O   . SER A 1 66  ? -10.478 4.229   14.767  1.00 23.78 ?  65  SER A O   1 
ATOM   511  C  CB  . SER A 1 66  ? -9.635  6.304   16.863  1.00 28.32 ?  65  SER A CB  1 
ATOM   512  O  OG  . SER A 1 66  ? -10.309 5.616   17.869  1.00 35.93 ?  65  SER A OG  1 
ATOM   513  N  N   . ALA A 1 67  ? -12.395 4.892   15.709  1.00 24.79 ?  66  ALA A N   1 
ATOM   514  C  CA  . ALA A 1 67  ? -13.163 3.703   15.364  1.00 23.70 ?  66  ALA A CA  1 
ATOM   515  C  C   . ALA A 1 67  ? -13.202 3.479   13.831  1.00 23.32 ?  66  ALA A C   1 
ATOM   516  O  O   . ALA A 1 67  ? -13.216 2.339   13.377  1.00 21.95 ?  66  ALA A O   1 
ATOM   517  C  CB  . ALA A 1 67  ? -14.582 3.814   15.905  1.00 24.48 ?  66  ALA A CB  1 
ATOM   518  N  N   . MET A 1 68  ? -13.267 4.567   13.068  1.00 19.93 ?  67  MET A N   1 
ATOM   519  C  CA  . MET A 1 68  ? -13.207 4.472   11.627  1.00 20.56 ?  67  MET A CA  1 
ATOM   520  C  C   . MET A 1 68  ? -11.876 3.870   11.095  1.00 20.41 ?  67  MET A C   1 
ATOM   521  O  O   . MET A 1 68  ? -11.868 3.188   10.072  1.00 19.92 ?  67  MET A O   1 
ATOM   522  C  CB  . MET A 1 68  ? -13.411 5.842   11.018  1.00 19.85 ?  67  MET A CB  1 
ATOM   523  C  CG  . MET A 1 68  ? -14.672 6.492   11.458  1.00 18.78 ?  67  MET A CG  1 
ATOM   524  S  SD  . MET A 1 68  ? -14.825 8.251   11.105  1.00 22.20 ?  67  MET A SD  1 
ATOM   525  C  CE  . MET A 1 68  ? -14.715 8.327   9.340   1.00 20.93 ?  67  MET A CE  1 
ATOM   526  N  N   . ARG A 1 69  ? -10.759 4.229   11.720  1.00 17.64 ?  68  ARG A N   1 
ATOM   527  C  CA  . ARG A 1 69  ? -9.460  3.641   11.368  1.00 20.42 ?  68  ARG A CA  1 
ATOM   528  C  C   . ARG A 1 69  ? -9.489  2.130   11.671  1.00 19.95 ?  68  ARG A C   1 
ATOM   529  O  O   . ARG A 1 69  ? -9.109  1.322   10.840  1.00 21.00 ?  68  ARG A O   1 
ATOM   530  C  CB  . ARG A 1 69  ? -8.337  4.311   12.146  1.00 21.93 ?  68  ARG A CB  1 
ATOM   531  C  CG  . ARG A 1 69  ? -6.978  3.654   11.932  1.00 25.85 ?  68  ARG A CG  1 
ATOM   532  C  CD  . ARG A 1 69  ? -6.074  3.867   13.137  1.00 29.64 ?  68  ARG A CD  1 
ATOM   533  N  NE  . ARG A 1 69  ? -6.595  3.250   14.374  1.00 32.42 ?  68  ARG A NE  1 
ATOM   534  C  CZ  . ARG A 1 69  ? -6.278  3.637   15.615  1.00 33.31 ?  68  ARG A CZ  1 
ATOM   535  N  NH1 . ARG A 1 69  ? -5.406  4.617   15.810  1.00 39.52 1  68  ARG A NH1 1 
ATOM   536  N  NH2 . ARG A 1 69  ? -6.805  3.024   16.668  1.00 29.83 ?  68  ARG A NH2 1 
ATOM   537  N  N   . ASP A 1 70  ? -9.993  1.775   12.845  1.00 19.94 ?  69  ASP A N   1 
ATOM   538  C  CA  . ASP A 1 70  ? -10.052 0.378   13.274  1.00 21.27 ?  69  ASP A CA  1 
ATOM   539  C  C   . ASP A 1 70  ? -10.948 -0.391  12.312  1.00 19.66 ?  69  ASP A C   1 
ATOM   540  O  O   . ASP A 1 70  ? -10.675 -1.519  11.968  1.00 19.84 ?  69  ASP A O   1 
ATOM   541  C  CB  . ASP A 1 70  ? -10.610 0.286   14.710  1.00 26.06 ?  69  ASP A CB  1 
ATOM   542  C  CG  . ASP A 1 70  ? -9.651  0.867   15.758  1.00 30.13 ?  69  ASP A CG  1 
ATOM   543  O  OD1 . ASP A 1 70  ? -8.539  1.318   15.391  1.00 31.14 ?  69  ASP A OD1 1 
ATOM   544  O  OD2 . ASP A 1 70  ? -9.983  0.833   16.964  1.00 33.97 -1 69  ASP A OD2 1 
ATOM   545  N  N   . GLN A 1 71  ? -11.996 0.266   11.833  1.00 18.37 ?  70  GLN A N   1 
ATOM   546  C  CA  . GLN A 1 71  ? -12.978 -0.400  10.937  1.00 19.47 ?  70  GLN A CA  1 
ATOM   547  C  C   . GLN A 1 71  ? -12.331 -0.809  9.606   1.00 19.12 ?  70  GLN A C   1 
ATOM   548  O  O   . GLN A 1 71  ? -12.541 -1.925  9.109   1.00 20.54 ?  70  GLN A O   1 
ATOM   549  C  CB  . GLN A 1 71  ? -14.161 0.524   10.660  1.00 17.37 ?  70  GLN A CB  1 
ATOM   550  C  CG  . GLN A 1 71  ? -15.223 -0.075  9.769   1.00 19.57 ?  70  GLN A CG  1 
ATOM   551  C  CD  . GLN A 1 71  ? -16.078 -1.106  10.488  1.00 19.86 ?  70  GLN A CD  1 
ATOM   552  O  OE1 . GLN A 1 71  ? -15.998 -1.298  11.725  1.00 18.32 ?  70  GLN A OE1 1 
ATOM   553  N  NE2 . GLN A 1 71  ? -16.923 -1.746  9.734   1.00 19.77 ?  70  GLN A NE2 1 
ATOM   554  N  N   . TYR A 1 72  ? -11.537 0.079   9.039   1.00 20.64 ?  71  TYR A N   1 
ATOM   555  C  CA  . TYR A 1 72  ? -10.951 -0.186  7.697   1.00 19.68 ?  71  TYR A CA  1 
ATOM   556  C  C   . TYR A 1 72  ? -9.792  -1.134  7.765   1.00 19.00 ?  71  TYR A C   1 
ATOM   557  O  O   . TYR A 1 72  ? -9.476  -1.846  6.797   1.00 19.56 ?  71  TYR A O   1 
ATOM   558  C  CB  . TYR A 1 72  ? -10.596 1.098   6.976   1.00 17.89 ?  71  TYR A CB  1 
ATOM   559  C  CG  . TYR A 1 72  ? -9.375  1.893   7.370   1.00 17.32 ?  71  TYR A CG  1 
ATOM   560  C  CD1 . TYR A 1 72  ? -8.117  1.365   7.284   1.00 18.45 ?  71  TYR A CD1 1 
ATOM   561  C  CD2 . TYR A 1 72  ? -9.482  3.282   7.637   1.00 17.89 ?  71  TYR A CD2 1 
ATOM   562  C  CE1 . TYR A 1 72  ? -6.990  2.137   7.563   1.00 21.53 ?  71  TYR A CE1 1 
ATOM   563  C  CE2 . TYR A 1 72  ? -8.360  4.054   7.956   1.00 18.93 ?  71  TYR A CE2 1 
ATOM   564  C  CZ  . TYR A 1 72  ? -7.117  3.499   7.881   1.00 19.49 ?  71  TYR A CZ  1 
ATOM   565  O  OH  . TYR A 1 72  ? -5.999  4.271   8.216   1.00 18.72 ?  71  TYR A OH  1 
ATOM   566  N  N   . MET A 1 73  ? -9.131  -1.137  8.897   1.00 18.03 ?  72  MET A N   1 
ATOM   567  C  CA  . MET A 1 73  ? -8.079  -2.110  9.131   1.00 20.67 ?  72  MET A CA  1 
ATOM   568  C  C   . MET A 1 73  ? -8.643  -3.504  9.296   1.00 21.27 ?  72  MET A C   1 
ATOM   569  O  O   . MET A 1 73  ? -8.097  -4.448  8.739   1.00 21.73 ?  72  MET A O   1 
ATOM   570  C  CB  . MET A 1 73  ? -7.233  -1.720  10.343  1.00 21.53 ?  72  MET A CB  1 
ATOM   571  C  CG  . MET A 1 73  ? -6.334  -0.519  10.031  1.00 21.51 ?  72  MET A CG  1 
ATOM   572  S  SD  . MET A 1 73  ? -5.134  -0.117  11.320  1.00 25.76 ?  72  MET A SD  1 
ATOM   573  C  CE  . MET A 1 73  ? -4.339  1.288   10.539  1.00 26.14 ?  72  MET A CE  1 
ATOM   574  N  N   . ARG A 1 74  ? -9.755  -3.637  10.017  1.00 20.26 ?  73  ARG A N   1 
ATOM   575  C  CA  . ARG A 1 74  ? -10.376 -4.945  10.180  1.00 19.78 ?  73  ARG A CA  1 
ATOM   576  C  C   . ARG A 1 74  ? -10.995 -5.427  8.876   1.00 21.37 ?  73  ARG A C   1 
ATOM   577  O  O   . ARG A 1 74  ? -11.005 -6.625  8.596   1.00 19.75 ?  73  ARG A O   1 
ATOM   578  C  CB  . ARG A 1 74  ? -11.476 -4.884  11.213  1.00 22.92 ?  73  ARG A CB  1 
ATOM   579  C  CG  . ARG A 1 74  ? -10.966 -4.871  12.631  1.00 28.68 ?  73  ARG A CG  1 
ATOM   580  C  CD  . ARG A 1 74  ? -12.072 -5.256  13.668  1.00 29.41 ?  73  ARG A CD  1 
ATOM   581  N  NE  . ARG A 1 74  ? -11.579 -4.902  15.001  1.00 32.95 ?  73  ARG A NE  1 
ATOM   582  C  CZ  . ARG A 1 74  ? -11.864 -3.778  15.648  1.00 38.97 ?  73  ARG A CZ  1 
ATOM   583  N  NH1 . ARG A 1 74  ? -12.728 -2.885  15.140  1.00 35.80 1  73  ARG A NH1 1 
ATOM   584  N  NH2 . ARG A 1 74  ? -11.321 -3.576  16.841  1.00 44.27 ?  73  ARG A NH2 1 
ATOM   585  N  N   . THR A 1 75  ? -11.518 -4.474  8.082   1.00 17.36 ?  74  THR A N   1 
ATOM   586  C  CA  . THR A 1 75  ? -12.160 -4.814  6.837   1.00 22.26 ?  74  THR A CA  1 
ATOM   587  C  C   . THR A 1 75  ? -11.143 -5.091  5.722   1.00 20.25 ?  74  THR A C   1 
ATOM   588  O  O   . THR A 1 75  ? -11.371 -5.926  4.845   1.00 19.88 ?  74  THR A O   1 
ATOM   589  C  CB  . THR A 1 75  ? -13.103 -3.668  6.381   1.00 22.80 ?  74  THR A CB  1 
ATOM   590  O  OG1 . THR A 1 75  ? -14.090 -3.452  7.401   1.00 26.48 ?  74  THR A OG1 1 
ATOM   591  C  CG2 . THR A 1 75  ? -13.806 -4.030  5.090   1.00 29.05 ?  74  THR A CG2 1 
ATOM   592  N  N   . GLY A 1 76  ? -10.017 -4.380  5.777   1.00 21.90 ?  75  GLY A N   1 
ATOM   593  C  CA  . GLY A 1 76  ? -8.955  -4.560  4.834   1.00 20.41 ?  75  GLY A CA  1 
ATOM   594  C  C   . GLY A 1 76  ? -8.367  -5.957  4.843   1.00 20.04 ?  75  GLY A C   1 
ATOM   595  O  O   . GLY A 1 76  ? -8.047  -6.504  5.898   1.00 18.47 ?  75  GLY A O   1 
ATOM   596  N  N   . GLU A 1 77  ? -8.185  -6.531  3.647   1.00 19.17 ?  76  GLU A N   1 
ATOM   597  C  CA  . GLU A 1 77  ? -7.590  -7.867  3.532   1.00 17.37 ?  76  GLU A CA  1 
ATOM   598  C  C   . GLU A 1 77  ? -6.087  -7.790  3.360   1.00 16.12 ?  76  GLU A C   1 
ATOM   599  O  O   . GLU A 1 77  ? -5.329  -8.686  3.829   1.00 17.26 ?  76  GLU A O   1 
ATOM   600  C  CB  . GLU A 1 77  ? -8.193  -8.593  2.336   1.00 19.25 ?  76  GLU A CB  1 
ATOM   601  C  CG  . GLU A 1 77  ? -9.665  -8.889  2.491   1.00 23.28 ?  76  GLU A CG  1 
ATOM   602  C  CD  . GLU A 1 77  ? -10.203 -9.500  1.220   1.00 28.84 ?  76  GLU A CD  1 
ATOM   603  O  OE1 . GLU A 1 77  ? -10.708 -8.733  0.362   1.00 31.00 ?  76  GLU A OE1 1 
ATOM   604  O  OE2 . GLU A 1 77  ? -10.057 -10.736 1.064   1.00 33.49 -1 76  GLU A OE2 1 
ATOM   605  N  N   . GLY A 1 78  ? -5.643  -6.718  2.723   1.00 14.27 ?  77  GLY A N   1 
ATOM   606  C  CA  . GLY A 1 78  ? -4.206  -6.538  2.431   1.00 15.38 ?  77  GLY A CA  1 
ATOM   607  C  C   . GLY A 1 78  ? -3.842  -5.096  2.503   1.00 15.90 ?  77  GLY A C   1 
ATOM   608  O  O   . GLY A 1 78  ? -4.676  -4.193  2.232   1.00 15.01 ?  77  GLY A O   1 
ATOM   609  N  N   . PHE A 1 79  ? -2.574  -4.855  2.821   1.00 15.68 ?  78  PHE A N   1 
ATOM   610  C  CA  . PHE A 1 79  ? -2.141  -3.489  3.066   1.00 16.57 ?  78  PHE A CA  1 
ATOM   611  C  C   . PHE A 1 79  ? -0.842  -3.199  2.305   1.00 17.31 ?  78  PHE A C   1 
ATOM   612  O  O   . PHE A 1 79  ? 0.138   -3.956  2.422   1.00 16.50 ?  78  PHE A O   1 
ATOM   613  C  CB  . PHE A 1 79  ? -1.923  -3.284  4.564   1.00 19.12 ?  78  PHE A CB  1 
ATOM   614  C  CG  . PHE A 1 79  ? -3.161  -3.440  5.368   1.00 17.64 ?  78  PHE A CG  1 
ATOM   615  C  CD1 . PHE A 1 79  ? -3.637  -4.719  5.698   1.00 18.48 ?  78  PHE A CD1 1 
ATOM   616  C  CD2 . PHE A 1 79  ? -3.889  -2.320  5.751   1.00 17.87 ?  78  PHE A CD2 1 
ATOM   617  C  CE1 . PHE A 1 79  ? -4.820  -4.833  6.400   1.00 20.24 ?  78  PHE A CE1 1 
ATOM   618  C  CE2 . PHE A 1 79  ? -5.089  -2.439  6.439   1.00 18.90 ?  78  PHE A CE2 1 
ATOM   619  C  CZ  . PHE A 1 79  ? -5.547  -3.705  6.773   1.00 19.33 ?  78  PHE A CZ  1 
ATOM   620  N  N   . LEU A 1 80  ? -0.832  -2.105  1.558   1.00 17.12 ?  79  LEU A N   1 
ATOM   621  C  CA  . LEU A 1 80  ? 0.386   -1.560  0.957   1.00 18.75 ?  79  LEU A CA  1 
ATOM   622  C  C   . LEU A 1 80  ? 1.000   -0.581  1.951   1.00 18.56 ?  79  LEU A C   1 
ATOM   623  O  O   . LEU A 1 80  ? 0.430   0.451   2.248   1.00 20.82 ?  79  LEU A O   1 
ATOM   624  C  CB  . LEU A 1 80  ? 0.109   -0.820  -0.373  1.00 20.24 ?  79  LEU A CB  1 
ATOM   625  C  CG  . LEU A 1 80  ? -0.042  -1.652  -1.632  1.00 23.79 ?  79  LEU A CG  1 
ATOM   626  C  CD1 . LEU A 1 80  ? -0.150  -0.740  -2.858  1.00 24.08 ?  79  LEU A CD1 1 
ATOM   627  C  CD2 . LEU A 1 80  ? 1.062   -2.671  -1.832  1.00 21.23 ?  79  LEU A CD2 1 
ATOM   628  N  N   . CYS A 1 81  ? 2.187   -0.906  2.440   1.00 20.49 ?  80  CYS A N   1 
ATOM   629  C  CA  . CYS A 1 81  ? 2.883   -0.063  3.393   1.00 21.75 ?  80  CYS A CA  1 
ATOM   630  C  C   . CYS A 1 81  ? 3.880   0.771   2.616   1.00 20.40 ?  80  CYS A C   1 
ATOM   631  O  O   . CYS A 1 81  ? 4.932   0.284   2.225   1.00 19.17 ?  80  CYS A O   1 
ATOM   632  C  CB  . CYS A 1 81  ? 3.538   -0.908  4.484   1.00 22.85 ?  80  CYS A CB  1 
ATOM   633  S  SG  . CYS A 1 81  ? 2.343   -1.817  5.510   1.00 24.03 ?  80  CYS A SG  1 
ATOM   634  N  N   . VAL A 1 82  ? 3.513   2.027   2.360   1.00 20.14 ?  81  VAL A N   1 
ATOM   635  C  CA  . VAL A 1 82  ? 4.248   2.864   1.466   1.00 18.49 ?  81  VAL A CA  1 
ATOM   636  C  C   . VAL A 1 82  ? 5.113   3.860   2.215   1.00 17.62 ?  81  VAL A C   1 
ATOM   637  O  O   . VAL A 1 82  ? 4.665   4.528   3.130   1.00 18.32 ?  81  VAL A O   1 
ATOM   638  C  CB  . VAL A 1 82  ? 3.304   3.629   0.526   1.00 18.34 ?  81  VAL A CB  1 
ATOM   639  C  CG1 . VAL A 1 82  ? 4.106   4.400   -0.504  1.00 17.43 ?  81  VAL A CG1 1 
ATOM   640  C  CG2 . VAL A 1 82  ? 2.365   2.648   -0.175  1.00 19.05 ?  81  VAL A CG2 1 
ATOM   641  N  N   . PHE A 1 83  ? 6.356   3.966   1.785   1.00 17.36 ?  82  PHE A N   1 
ATOM   642  C  CA  . PHE A 1 83  ? 7.271   5.038   2.190   1.00 16.99 ?  82  PHE A CA  1 
ATOM   643  C  C   . PHE A 1 83  ? 7.860   5.619   0.914   1.00 18.13 ?  82  PHE A C   1 
ATOM   644  O  O   . PHE A 1 83  ? 7.682   5.064   -0.222  1.00 18.13 ?  82  PHE A O   1 
ATOM   645  C  CB  . PHE A 1 83  ? 8.365   4.520   3.164   1.00 15.44 ?  82  PHE A CB  1 
ATOM   646  C  CG  . PHE A 1 83  ? 9.388   3.633   2.505   1.00 15.81 ?  82  PHE A CG  1 
ATOM   647  C  CD1 . PHE A 1 83  ? 9.126   2.261   2.300   1.00 15.06 ?  82  PHE A CD1 1 
ATOM   648  C  CD2 . PHE A 1 83  ? 10.627  4.154   2.064   1.00 14.86 ?  82  PHE A CD2 1 
ATOM   649  C  CE1 . PHE A 1 83  ? 10.051  1.451   1.647   1.00 15.31 ?  82  PHE A CE1 1 
ATOM   650  C  CE2 . PHE A 1 83  ? 11.545  3.356   1.396   1.00 17.20 ?  82  PHE A CE2 1 
ATOM   651  C  CZ  . PHE A 1 83  ? 11.272  1.987   1.217   1.00 17.79 ?  82  PHE A CZ  1 
ATOM   652  N  N   . ALA A 1 84  ? 8.493   6.787   1.053   1.00 18.17 ?  83  ALA A N   1 
ATOM   653  C  CA  . ALA A 1 84  ? 9.139   7.447   -0.084  1.00 18.60 ?  83  ALA A CA  1 
ATOM   654  C  C   . ALA A 1 84  ? 10.653  7.336   0.098   1.00 18.02 ?  83  ALA A C   1 
ATOM   655  O  O   . ALA A 1 84  ? 11.168  7.531   1.200   1.00 18.57 ?  83  ALA A O   1 
ATOM   656  C  CB  . ALA A 1 84  ? 8.648   8.898   -0.242  1.00 17.38 ?  83  ALA A CB  1 
ATOM   657  N  N   . ILE A 1 85  ? 11.373  6.995   -0.979  1.00 17.63 ?  84  ILE A N   1 
ATOM   658  C  CA  . ILE A 1 85  ? 12.816  6.694   -0.877  1.00 19.37 ?  84  ILE A CA  1 
ATOM   659  C  C   . ILE A 1 85  ? 13.621  7.944   -0.485  1.00 19.23 ?  84  ILE A C   1 
ATOM   660  O  O   . ILE A 1 85  ? 14.801  7.835   -0.134  1.00 20.08 ?  84  ILE A O   1 
ATOM   661  C  CB  . ILE A 1 85  ? 13.420  6.120   -2.190  1.00 16.79 ?  84  ILE A CB  1 
ATOM   662  C  CG1 . ILE A 1 85  ? 13.306  7.167   -3.306  1.00 20.54 ?  84  ILE A CG1 1 
ATOM   663  C  CG2 . ILE A 1 85  ? 12.716  4.862   -2.619  1.00 18.08 ?  84  ILE A CG2 1 
ATOM   664  C  CD1 . ILE A 1 85  ? 14.299  6.965   -4.436  1.00 23.92 ?  84  ILE A CD1 1 
ATOM   665  N  N   . ASN A 1 86  ? 13.004  9.127   -0.616  1.00 19.08 ?  85  ASN A N   1 
ATOM   666  C  CA  . ASN A 1 86  ? 13.654  10.378  -0.188  1.00 22.42 ?  85  ASN A CA  1 
ATOM   667  C  C   . ASN A 1 86  ? 13.132  10.920  1.152   1.00 22.94 ?  85  ASN A C   1 
ATOM   668  O  O   . ASN A 1 86  ? 13.333  12.097  1.499   1.00 24.51 ?  85  ASN A O   1 
ATOM   669  C  CB  . ASN A 1 86  ? 13.526  11.434  -1.263  1.00 20.84 ?  85  ASN A CB  1 
ATOM   670  C  CG  . ASN A 1 86  ? 12.102  11.794  -1.571  1.00 23.12 ?  85  ASN A CG  1 
ATOM   671  O  OD1 . ASN A 1 86  ? 11.162  11.095  -1.229  1.00 22.92 ?  85  ASN A OD1 1 
ATOM   672  N  ND2 . ASN A 1 86  ? 11.934  12.928  -2.221  1.00 26.45 ?  85  ASN A ND2 1 
ATOM   673  N  N   . ASN A 1 87  ? 12.420  10.077  1.882   1.00 20.65 ?  86  ASN A N   1 
ATOM   674  C  CA  . ASN A 1 87  ? 11.830  10.482  3.171   1.00 20.57 ?  86  ASN A CA  1 
ATOM   675  C  C   . ASN A 1 87  ? 12.119  9.425   4.216   1.00 18.60 ?  86  ASN A C   1 
ATOM   676  O  O   . ASN A 1 87  ? 11.392  8.468   4.366   1.00 17.08 ?  86  ASN A O   1 
ATOM   677  C  CB  . ASN A 1 87  ? 10.342  10.746  3.005   1.00 23.51 ?  86  ASN A CB  1 
ATOM   678  C  CG  . ASN A 1 87  ? 9.639   11.206  4.293   1.00 24.27 ?  86  ASN A CG  1 
ATOM   679  O  OD1 . ASN A 1 87  ? 10.202  11.223  5.389   1.00 22.84 ?  86  ASN A OD1 1 
ATOM   680  N  ND2 . ASN A 1 87  ? 8.380   11.565  4.142   1.00 26.88 ?  86  ASN A ND2 1 
ATOM   681  N  N   . THR A 1 88  ? 13.222  9.600   4.933   1.00 16.62 ?  87  THR A N   1 
ATOM   682  C  CA  . THR A 1 88  ? 13.642  8.632   5.980   1.00 18.24 ?  87  THR A CA  1 
ATOM   683  C  C   . THR A 1 88  ? 12.582  8.450   7.074   1.00 20.19 ?  87  THR A C   1 
ATOM   684  O  O   . THR A 1 88  ? 12.319  7.347   7.537   1.00 22.11 ?  87  THR A O   1 
ATOM   685  C  CB  . THR A 1 88  ? 14.970  9.109   6.612   1.00 20.71 ?  87  THR A CB  1 
ATOM   686  O  OG1 . THR A 1 88  ? 15.941  9.121   5.575   1.00 20.77 ?  87  THR A OG1 1 
ATOM   687  C  CG2 . THR A 1 88  ? 15.430  8.190   7.731   1.00 21.81 ?  87  THR A CG2 1 
ATOM   688  N  N   . LYS A 1 89  ? 11.934  9.520   7.455   1.00 19.57 ?  88  LYS A N   1 
ATOM   689  C  CA  . LYS A 1 89  ? 10.888  9.448   8.467   1.00 22.22 ?  88  LYS A CA  1 
ATOM   690  C  C   . LYS A 1 89  ? 9.733   8.547   8.052   1.00 21.37 ?  88  LYS A C   1 
ATOM   691  O  O   . LYS A 1 89  ? 9.218   7.799   8.875   1.00 19.97 ?  88  LYS A O   1 
ATOM   692  C  CB  . LYS A 1 89  ? 10.384  10.835  8.752   1.00 23.90 ?  88  LYS A CB  1 
ATOM   693  C  CG  . LYS A 1 89  ? 9.261   10.931  9.757   1.00 32.38 ?  88  LYS A CG  1 
ATOM   694  C  CD  . LYS A 1 89  ? 9.748   10.732  11.170  1.00 37.11 ?  88  LYS A CD  1 
ATOM   695  C  CE  . LYS A 1 89  ? 8.590   10.862  12.157  1.00 42.69 ?  88  LYS A CE  1 
ATOM   696  N  NZ  . LYS A 1 89  ? 7.951   12.205  12.032  1.00 49.29 1  88  LYS A NZ  1 
ATOM   697  N  N   . SER A 1 90  ? 9.324   8.647   6.793   1.00 20.14 ?  89  SER A N   1 
ATOM   698  C  CA  . SER A 1 90  ? 8.284   7.781   6.248   1.00 18.87 ?  89  SER A CA  1 
ATOM   699  C  C   . SER A 1 90  ? 8.697   6.328   6.313   1.00 18.46 ?  89  SER A C   1 
ATOM   700  O  O   . SER A 1 90  ? 7.854   5.447   6.545   1.00 21.13 ?  89  SER A O   1 
ATOM   701  C  CB  . SER A 1 90  ? 7.903   8.160   4.808   1.00 17.19 ?  89  SER A CB  1 
ATOM   702  O  OG  . SER A 1 90  ? 8.891   7.881   3.838   1.00 15.85 ?  89  SER A OG  1 
ATOM   703  N  N   . PHE A 1 91  ? 9.962   6.064   6.074   1.00 17.26 ?  90  PHE A N   1 
ATOM   704  C  CA  . PHE A 1 91  ? 10.484  4.687   6.213   1.00 18.83 ?  90  PHE A CA  1 
ATOM   705  C  C   . PHE A 1 91  ? 10.448  4.229   7.660   1.00 19.72 ?  90  PHE A C   1 
ATOM   706  O  O   . PHE A 1 91  ? 10.091  3.064   7.994   1.00 21.83 ?  90  PHE A O   1 
ATOM   707  C  CB  . PHE A 1 91  ? 11.900  4.615   5.640   1.00 21.53 ?  90  PHE A CB  1 
ATOM   708  C  CG  . PHE A 1 91  ? 12.504  3.226   5.692   1.00 21.13 ?  90  PHE A CG  1 
ATOM   709  C  CD1 . PHE A 1 91  ? 12.015  2.213   4.862   1.00 20.76 ?  90  PHE A CD1 1 
ATOM   710  C  CD2 . PHE A 1 91  ? 13.494  2.927   6.597   1.00 22.27 ?  90  PHE A CD2 1 
ATOM   711  C  CE1 . PHE A 1 91  ? 12.526  0.919   4.962   1.00 21.88 ?  90  PHE A CE1 1 
ATOM   712  C  CE2 . PHE A 1 91  ? 14.068  1.653   6.649   1.00 21.98 ?  90  PHE A CE2 1 
ATOM   713  C  CZ  . PHE A 1 91  ? 13.572  0.651   5.834   1.00 22.44 ?  90  PHE A CZ  1 
ATOM   714  N  N   . GLU A 1 92  ? 10.792  5.141   8.569   1.00 21.24 ?  91  GLU A N   1 
ATOM   715  C  CA  . GLU A 1 92  ? 10.763  4.810   10.017  1.00 23.17 ?  91  GLU A CA  1 
ATOM   716  C  C   . GLU A 1 92  ? 9.332   4.618   10.495  1.00 21.43 ?  91  GLU A C   1 
ATOM   717  O  O   . GLU A 1 92  ? 9.067   3.744   11.315  1.00 22.91 ?  91  GLU A O   1 
ATOM   718  C  CB  . GLU A 1 92  ? 11.486  5.874   10.847  1.00 25.26 ?  91  GLU A CB  1 
ATOM   719  C  CG  . GLU A 1 92  ? 13.006  5.885   10.613  1.00 32.86 ?  91  GLU A CG  1 
ATOM   720  C  CD  . GLU A 1 92  ? 13.695  7.147   11.153  1.00 37.30 ?  91  GLU A CD  1 
ATOM   721  O  OE1 . GLU A 1 92  ? 13.026  8.111   11.627  1.00 39.51 ?  91  GLU A OE1 1 
ATOM   722  O  OE2 . GLU A 1 92  ? 14.943  7.180   11.071  1.00 45.97 -1 91  GLU A OE2 1 
ATOM   723  N  N   . ASP A 1 93  ? 8.397   5.347   9.903   1.00 21.31 ?  92  ASP A N   1 
ATOM   724  C  CA  . ASP A 1 93  ? 6.962   5.181   10.252  1.00 23.94 ?  92  ASP A CA  1 
ATOM   725  C  C   . ASP A 1 93  ? 6.394   3.800   9.931   1.00 22.07 ?  92  ASP A C   1 
ATOM   726  O  O   . ASP A 1 93  ? 5.423   3.399   10.525  1.00 20.16 ?  92  ASP A O   1 
ATOM   727  C  CB  . ASP A 1 93  ? 6.097   6.228   9.548   1.00 25.78 ?  92  ASP A CB  1 
ATOM   728  C  CG  . ASP A 1 93  ? 6.337   7.635   10.065  1.00 27.36 ?  92  ASP A CG  1 
ATOM   729  O  OD1 . ASP A 1 93  ? 6.924   7.763   11.156  1.00 23.97 ?  92  ASP A OD1 1 
ATOM   730  O  OD2 . ASP A 1 93  ? 5.941   8.577   9.362   1.00 28.45 -1 92  ASP A OD2 1 
ATOM   731  N  N   . ILE A 1 94  ? 7.000   3.086   8.984   1.00 19.45 ?  93  ILE A N   1 
ATOM   732  C  CA  . ILE A 1 94  ? 6.496   1.771   8.579   1.00 20.83 ?  93  ILE A CA  1 
ATOM   733  C  C   . ILE A 1 94  ? 6.362   0.835   9.797   1.00 22.65 ?  93  ILE A C   1 
ATOM   734  O  O   . ILE A 1 94  ? 5.398   0.037   9.910   1.00 19.66 ?  93  ILE A O   1 
ATOM   735  C  CB  . ILE A 1 94  ? 7.409   1.127   7.517   1.00 19.18 ?  93  ILE A CB  1 
ATOM   736  C  CG1 . ILE A 1 94  ? 7.429   1.952   6.258   1.00 19.67 ?  93  ILE A CG1 1 
ATOM   737  C  CG2 . ILE A 1 94  ? 7.019   -0.308  7.254   1.00 21.88 ?  93  ILE A CG2 1 
ATOM   738  C  CD1 . ILE A 1 94  ? 6.144   1.976   5.454   1.00 19.13 ?  93  ILE A CD1 1 
ATOM   739  N  N   . HIS A 1 95  ? 7.298   0.941   10.715  1.00 22.27 ?  94  HIS A N   1 
ATOM   740  C  CA  . HIS A 1 95  ? 7.254   0.142   11.953  1.00 26.62 ?  94  HIS A CA  1 
ATOM   741  C  C   . HIS A 1 95  ? 5.875   0.346   12.623  1.00 27.82 ?  94  HIS A C   1 
ATOM   742  O  O   . HIS A 1 95  ? 5.229   -0.610  13.052  1.00 26.66 ?  94  HIS A O   1 
ATOM   743  C  CB  . HIS A 1 95  ? 8.409   0.512   12.914  1.00 29.19 ?  94  HIS A CB  1 
ATOM   744  C  CG  . HIS A 1 95  ? 9.768   0.414   12.296  1.00 34.87 ?  94  HIS A CG  1 
ATOM   745  N  ND1 . HIS A 1 95  ? 10.324  1.432   11.550  1.00 42.28 ?  94  HIS A ND1 1 
ATOM   746  C  CD2 . HIS A 1 95  ? 10.677  -0.595  12.289  1.00 38.65 ?  94  HIS A CD2 1 
ATOM   747  C  CE1 . HIS A 1 95  ? 11.515  1.054   11.107  1.00 44.87 ?  94  HIS A CE1 1 
ATOM   748  N  NE2 . HIS A 1 95  ? 11.752  -0.172  11.543  1.00 41.46 ?  94  HIS A NE2 1 
ATOM   749  N  N   . HIS A 1 96  ? 5.421   1.603   12.679  1.00 26.17 ?  95  HIS A N   1 
ATOM   750  C  CA  . HIS A 1 96  ? 4.187   1.932   13.357  1.00 26.97 ?  95  HIS A CA  1 
ATOM   751  C  C   . HIS A 1 96  ? 2.954   1.413   12.588  1.00 25.79 ?  95  HIS A C   1 
ATOM   752  O  O   . HIS A 1 96  ? 1.998   0.943   13.181  1.00 21.38 ?  95  HIS A O   1 
ATOM   753  C  CB  . HIS A 1 96  ? 4.087   3.460   13.530  1.00 31.62 ?  95  HIS A CB  1 
ATOM   754  C  CG  . HIS A 1 96  ? 2.730   3.925   13.952  1.00 42.46 ?  95  HIS A CG  1 
ATOM   755  N  ND1 . HIS A 1 96  ? 2.155   3.502   15.134  1.00 45.73 ?  95  HIS A ND1 1 
ATOM   756  C  CD2 . HIS A 1 96  ? 1.824   4.745   13.355  1.00 47.66 ?  95  HIS A CD2 1 
ATOM   757  C  CE1 . HIS A 1 96  ? 0.959   4.048   15.254  1.00 48.42 ?  95  HIS A CE1 1 
ATOM   758  N  NE2 . HIS A 1 96  ? 0.732   4.804   14.190  1.00 48.95 ?  95  HIS A NE2 1 
ATOM   759  N  N   . TYR A 1 97  ? 2.965   1.505   11.266  1.00 22.95 ?  96  TYR A N   1 
ATOM   760  C  CA  . TYR A 1 97  ? 1.822   0.987   10.515  1.00 23.75 ?  96  TYR A CA  1 
ATOM   761  C  C   . TYR A 1 97  ? 1.740   -0.564  10.659  1.00 22.20 ?  96  TYR A C   1 
ATOM   762  O  O   . TYR A 1 97  ? 0.678   -1.133  10.854  1.00 24.88 ?  96  TYR A O   1 
ATOM   763  C  CB  . TYR A 1 97  ? 1.927   1.413   9.060   1.00 22.53 ?  96  TYR A CB  1 
ATOM   764  C  CG  . TYR A 1 97  ? 1.715   2.887   8.868   1.00 23.69 ?  96  TYR A CG  1 
ATOM   765  C  CD1 . TYR A 1 97  ? 0.474   3.476   9.109   1.00 22.32 ?  96  TYR A CD1 1 
ATOM   766  C  CD2 . TYR A 1 97  ? 2.766   3.705   8.505   1.00 25.48 ?  96  TYR A CD2 1 
ATOM   767  C  CE1 . TYR A 1 97  ? 0.270   4.833   8.927   1.00 23.34 ?  96  TYR A CE1 1 
ATOM   768  C  CE2 . TYR A 1 97  ? 2.592   5.078   8.346   1.00 25.63 ?  96  TYR A CE2 1 
ATOM   769  C  CZ  . TYR A 1 97  ? 1.360   5.644   8.594   1.00 26.06 ?  96  TYR A CZ  1 
ATOM   770  O  OH  . TYR A 1 97  ? 1.232   7.015   8.442   1.00 32.80 ?  96  TYR A OH  1 
ATOM   771  N  N   . ARG A 1 98  ? 2.873   -1.222  10.554  1.00 23.92 ?  97  ARG A N   1 
ATOM   772  C  CA  . ARG A 1 98  ? 2.970   -2.690  10.657  1.00 25.43 ?  97  ARG A CA  1 
ATOM   773  C  C   . ARG A 1 98  ? 2.327   -3.127  11.969  1.00 28.09 ?  97  ARG A C   1 
ATOM   774  O  O   . ARG A 1 98  ? 1.428   -3.978  12.018  1.00 28.75 ?  97  ARG A O   1 
ATOM   775  C  CB  . ARG A 1 98  ? 4.427   -3.066  10.638  1.00 31.45 ?  97  ARG A CB  1 
ATOM   776  C  CG  . ARG A 1 98  ? 4.751   -4.508  10.997  1.00 37.60 ?  97  ARG A CG  1 
ATOM   777  C  CD  . ARG A 1 98  ? 4.454   -5.405  9.836   1.00 36.12 ?  97  ARG A CD  1 
ATOM   778  N  NE  . ARG A 1 98  ? 4.939   -6.767  10.058  1.00 38.75 ?  97  ARG A NE  1 
ATOM   779  C  CZ  . ARG A 1 98  ? 4.633   -7.776  9.243   1.00 35.30 ?  97  ARG A CZ  1 
ATOM   780  N  NH1 . ARG A 1 98  ? 3.893   -7.539  8.165   1.00 36.25 1  97  ARG A NH1 1 
ATOM   781  N  NH2 . ARG A 1 98  ? 5.081   -9.011  9.484   1.00 36.49 ?  97  ARG A NH2 1 
ATOM   782  N  N   . GLU A 1 99  ? 2.794   -2.507  13.034  1.00 25.03 ?  98  GLU A N   1 
ATOM   783  C  CA  . GLU A 1 99  ? 2.355   -2.799  14.394  1.00 28.98 ?  98  GLU A CA  1 
ATOM   784  C  C   . GLU A 1 99  ? 0.856   -2.522  14.605  1.00 29.12 ?  98  GLU A C   1 
ATOM   785  O  O   . GLU A 1 99  ? 0.126   -3.328  15.182  1.00 27.58 ?  98  GLU A O   1 
ATOM   786  C  CB  . GLU A 1 99  ? 3.185   -1.955  15.331  1.00 30.63 ?  98  GLU A CB  1 
ATOM   787  C  CG  . GLU A 1 99  ? 2.739   -1.919  16.746  1.00 31.99 ?  98  GLU A CG  1 
ATOM   788  C  CD  . GLU A 1 99  ? 3.940   -1.547  17.636  1.00 40.19 ?  98  GLU A CD  1 
ATOM   789  O  OE1 . GLU A 1 99  ? 4.078   -0.311  17.884  1.00 45.79 ?  98  GLU A OE1 1 
ATOM   790  O  OE2 . GLU A 1 99  ? 4.771   -2.480  18.010  1.00 38.18 -1 98  GLU A OE2 1 
ATOM   791  N  N   . GLN A 1 100 ? 0.385   -1.383  14.103  1.00 28.00 ?  99  GLN A N   1 
ATOM   792  C  CA  . GLN A 1 100 ? -0.988  -0.976  14.290  1.00 25.43 ?  99  GLN A CA  1 
ATOM   793  C  C   . GLN A 1 100 ? -2.024  -1.875  13.582  1.00 21.55 ?  99  GLN A C   1 
ATOM   794  O  O   . GLN A 1 100 ? -3.105  -2.171  14.107  1.00 21.45 ?  99  GLN A O   1 
ATOM   795  C  CB  . GLN A 1 100 ? -1.134  0.478   13.815  1.00 30.09 ?  99  GLN A CB  1 
ATOM   796  C  CG  . GLN A 1 100 ? -2.360  1.100   14.317  1.00 34.25 ?  99  GLN A CG  1 
ATOM   797  C  CD  . GLN A 1 100 ? -2.420  2.566   13.982  1.00 38.35 ?  99  GLN A CD  1 
ATOM   798  O  OE1 . GLN A 1 100 ? -2.177  2.970   12.828  1.00 33.68 ?  99  GLN A OE1 1 
ATOM   799  N  NE2 . GLN A 1 100 ? -2.770  3.377   14.991  1.00 38.66 ?  99  GLN A NE2 1 
ATOM   800  N  N   . ILE A 1 101 ? -1.686  -2.320  12.386  1.00 19.08 ?  100 ILE A N   1 
ATOM   801  C  CA  . ILE A 1 101 ? -2.589  -3.125  11.603  1.00 19.03 ?  100 ILE A CA  1 
ATOM   802  C  C   . ILE A 1 101 ? -2.730  -4.515  12.280  1.00 21.21 ?  100 ILE A C   1 
ATOM   803  O  O   . ILE A 1 101 ? -3.839  -5.055  12.434  1.00 22.10 ?  100 ILE A O   1 
ATOM   804  C  CB  . ILE A 1 101 ? -2.025  -3.302  10.171  1.00 17.46 ?  100 ILE A CB  1 
ATOM   805  C  CG1 . ILE A 1 101 ? -2.112  -1.960  9.401   1.00 17.13 ?  100 ILE A CG1 1 
ATOM   806  C  CG2 . ILE A 1 101 ? -2.854  -4.314  9.443   1.00 18.68 ?  100 ILE A CG2 1 
ATOM   807  C  CD1 . ILE A 1 101 ? -1.275  -1.881  8.137   1.00 19.50 ?  100 ILE A CD1 1 
ATOM   808  N  N   . LYS A 1 102 ? -1.609  -5.080  12.674  1.00 19.88 ?  101 LYS A N   1 
ATOM   809  C  CA  . LYS A 1 102 ? -1.606  -6.409  13.303  1.00 23.12 ?  101 LYS A CA  1 
ATOM   810  C  C   . LYS A 1 102 ? -2.358  -6.352  14.618  1.00 22.04 ?  101 LYS A C   1 
ATOM   811  O  O   . LYS A 1 102 ? -3.102  -7.261  14.966  1.00 21.59 ?  101 LYS A O   1 
ATOM   812  C  CB  . LYS A 1 102 ? -0.188  -6.861  13.536  1.00 25.04 ?  101 LYS A CB  1 
ATOM   813  C  CG  . LYS A 1 102 ? 0.567   -7.207  12.251  1.00 24.63 ?  101 LYS A CG  1 
ATOM   814  C  CD  . LYS A 1 102 ? 2.034   -7.452  12.548  1.00 25.59 ?  101 LYS A CD  1 
ATOM   815  C  CE  . LYS A 1 102 ? 2.237   -8.692  13.418  1.00 27.03 ?  101 LYS A CE  1 
ATOM   816  N  NZ  . LYS A 1 102 ? 3.648   -8.891  13.834  1.00 26.33 1  101 LYS A NZ  1 
ATOM   817  N  N   . ARG A 1 103 ? -2.209  -5.222  15.304  1.00 20.43 ?  102 ARG A N   1 
ATOM   818  C  CA  . ARG A 1 103 ? -2.841  -4.992  16.565  1.00 22.26 ?  102 ARG A CA  1 
ATOM   819  C  C   . ARG A 1 103 ? -4.384  -4.951  16.451  1.00 23.52 ?  102 ARG A C   1 
ATOM   820  O  O   . ARG A 1 103 ? -5.066  -5.600  17.213  1.00 21.17 ?  102 ARG A O   1 
ATOM   821  C  CB  . ARG A 1 103 ? -2.298  -3.702  17.125  1.00 22.96 ?  102 ARG A CB  1 
ATOM   822  C  CG  . ARG A 1 103 ? -2.307  -3.561  18.577  1.00 27.93 ?  102 ARG A CG  1 
ATOM   823  C  CD  . ARG A 1 103 ? -1.250  -2.579  18.978  1.00 28.42 ?  102 ARG A CD  1 
ATOM   824  N  NE  . ARG A 1 103 ? 0.009   -3.221  19.312  1.00 29.68 ?  102 ARG A NE  1 
ATOM   825  C  CZ  . ARG A 1 103 ? 1.082   -2.556  19.726  1.00 29.83 ?  102 ARG A CZ  1 
ATOM   826  N  NH1 . ARG A 1 103 ? 1.084   -1.219  19.788  1.00 28.05 1  102 ARG A NH1 1 
ATOM   827  N  NH2 . ARG A 1 103 ? 2.176   -3.210  20.030  1.00 33.16 ?  102 ARG A NH2 1 
ATOM   828  N  N   . VAL A 1 104 ? -4.896  -4.198  15.470  1.00 23.97 ?  103 VAL A N   1 
ATOM   829  C  CA  . VAL A 1 104 ? -6.307  -4.051  15.244  1.00 22.98 ?  103 VAL A CA  1 
ATOM   830  C  C   . VAL A 1 104 ? -6.918  -5.345  14.790  1.00 21.62 ?  103 VAL A C   1 
ATOM   831  O  O   . VAL A 1 104 ? -7.987  -5.697  15.218  1.00 24.29 ?  103 VAL A O   1 
ATOM   832  C  CB  . VAL A 1 104 ? -6.599  -2.945  14.178  1.00 22.69 ?  103 VAL A CB  1 
ATOM   833  C  CG1 . VAL A 1 104 ? -8.059  -2.904  13.814  1.00 27.17 ?  103 VAL A CG1 1 
ATOM   834  C  CG2 . VAL A 1 104 ? -6.170  -1.606  14.709  1.00 24.44 ?  103 VAL A CG2 1 
ATOM   835  N  N   . LYS A 1 105 ? -6.275  -6.020  13.868  1.00 21.03 ?  104 LYS A N   1 
ATOM   836  C  CA  . LYS A 1 105 ? -6.814  -7.233  13.263  1.00 23.31 ?  104 LYS A CA  1 
ATOM   837  C  C   . LYS A 1 105 ? -6.559  -8.403  14.195  1.00 25.53 ?  104 LYS A C   1 
ATOM   838  O  O   . LYS A 1 105 ? -7.066  -9.483  13.957  1.00 29.65 ?  104 LYS A O   1 
ATOM   839  C  CB  . LYS A 1 105 ? -6.168  -7.522  11.872  1.00 21.56 ?  104 LYS A CB  1 
ATOM   840  C  CG  . LYS A 1 105 ? -6.408  -6.396  10.873  1.00 20.86 ?  104 LYS A CG  1 
ATOM   841  C  CD  . LYS A 1 105 ? -5.930  -6.694  9.454   1.00 21.25 ?  104 LYS A CD  1 
ATOM   842  C  CE  . LYS A 1 105 ? -6.723  -7.791  8.786   1.00 19.82 ?  104 LYS A CE  1 
ATOM   843  N  NZ  . LYS A 1 105 ? -8.091  -7.342  8.501   1.00 21.22 1  104 LYS A NZ  1 
ATOM   844  N  N   . ASP A 1 106 ? -5.769  -8.180  15.237  1.00 25.27 ?  105 ASP A N   1 
ATOM   845  C  CA  . ASP A 1 106 ? -5.378  -9.221  16.192  1.00 24.71 ?  105 ASP A CA  1 
ATOM   846  C  C   . ASP A 1 106 ? -4.829  -10.444 15.474  1.00 25.82 ?  105 ASP A C   1 
ATOM   847  O  O   . ASP A 1 106 ? -5.255  -11.588 15.704  1.00 26.45 ?  105 ASP A O   1 
ATOM   848  C  CB  . ASP A 1 106 ? -6.562  -9.592  17.103  1.00 29.86 ?  105 ASP A CB  1 
ATOM   849  C  CG  . ASP A 1 106 ? -6.128  -10.483 18.266  1.00 33.95 ?  105 ASP A CG  1 
ATOM   850  O  OD1 . ASP A 1 106 ? -5.006  -10.253 18.758  1.00 33.40 ?  105 ASP A OD1 1 
ATOM   851  O  OD2 . ASP A 1 106 ? -6.881  -11.395 18.653  1.00 39.34 -1 105 ASP A OD2 1 
ATOM   852  N  N   . SER A 1 107 ? -3.869  -10.203 14.582  1.00 24.53 ?  106 SER A N   1 
ATOM   853  C  CA  . SER A 1 107 ? -3.289  -11.268 13.809  1.00 29.54 ?  106 SER A CA  1 
ATOM   854  C  C   . SER A 1 107 ? -1.813  -11.055 13.614  1.00 27.57 ?  106 SER A C   1 
ATOM   855  O  O   . SER A 1 107 ? -1.331  -9.927  13.518  1.00 26.63 ?  106 SER A O   1 
ATOM   856  C  CB  . SER A 1 107 ? -3.991  -11.379 12.448  1.00 33.12 ?  106 SER A CB  1 
ATOM   857  O  OG  . SER A 1 107 ? -3.280  -12.248 11.567  1.00 35.39 ?  106 SER A OG  1 
ATOM   858  N  N   . GLU A 1 108 ? -1.092  -12.163 13.567  1.00 29.87 ?  107 GLU A N   1 
ATOM   859  C  CA  . GLU A 1 108 ? 0.314   -12.134 13.236  1.00 36.45 ?  107 GLU A CA  1 
ATOM   860  C  C   . GLU A 1 108 ? 0.523   -12.356 11.738  1.00 33.33 ?  107 GLU A C   1 
ATOM   861  O  O   . GLU A 1 108 ? 1.557   -11.986 11.193  1.00 37.84 ?  107 GLU A O   1 
ATOM   862  C  CB  . GLU A 1 108 ? 1.068   -13.153 14.092  1.00 45.57 ?  107 GLU A CB  1 
ATOM   863  C  CG  . GLU A 1 108 ? 2.344   -13.695 13.455  1.00 53.41 ?  107 GLU A CG  1 
ATOM   864  C  CD  . GLU A 1 108 ? 3.378   -14.078 14.502  1.00 67.58 ?  107 GLU A CD  1 
ATOM   865  O  OE1 . GLU A 1 108 ? 3.034   -14.901 15.391  1.00 71.62 ?  107 GLU A OE1 1 
ATOM   866  O  OE2 . GLU A 1 108 ? 4.528   -13.550 14.438  1.00 72.93 -1 107 GLU A OE2 1 
ATOM   867  N  N   . ASP A 1 109 ? -0.483  -12.917 11.067  1.00 30.83 ?  108 ASP A N   1 
ATOM   868  C  CA  . ASP A 1 109 ? -0.407  -13.156 9.612   1.00 30.88 ?  108 ASP A CA  1 
ATOM   869  C  C   . ASP A 1 109 ? -1.344  -12.240 8.817   1.00 27.36 ?  108 ASP A C   1 
ATOM   870  O  O   . ASP A 1 109 ? -2.479  -12.594 8.522   1.00 30.56 ?  108 ASP A O   1 
ATOM   871  C  CB  . ASP A 1 109 ? -0.712  -14.618 9.261   1.00 34.89 ?  108 ASP A CB  1 
ATOM   872  C  CG  . ASP A 1 109 ? -0.318  -14.966 7.816   1.00 37.48 ?  108 ASP A CG  1 
ATOM   873  O  OD1 . ASP A 1 109 ? 0.771   -14.538 7.376   1.00 43.60 ?  108 ASP A OD1 1 
ATOM   874  O  OD2 . ASP A 1 109 ? -1.057  -15.691 7.134   1.00 44.32 -1 108 ASP A OD2 1 
ATOM   875  N  N   . VAL A 1 110 ? -0.879  -11.034 8.532   1.00 23.17 ?  109 VAL A N   1 
ATOM   876  C  CA  . VAL A 1 110 ? -1.641  -10.056 7.730   1.00 21.09 ?  109 VAL A CA  1 
ATOM   877  C  C   . VAL A 1 110 ? -0.900  -9.765  6.418   1.00 17.97 ?  109 VAL A C   1 
ATOM   878  O  O   . VAL A 1 110 ? 0.213   -9.299  6.444   1.00 19.02 ?  109 VAL A O   1 
ATOM   879  C  CB  . VAL A 1 110 ? -1.827  -8.750  8.481   1.00 20.82 ?  109 VAL A CB  1 
ATOM   880  C  CG1 . VAL A 1 110 ? -2.589  -7.764  7.604   1.00 20.34 ?  109 VAL A CG1 1 
ATOM   881  C  CG2 . VAL A 1 110 ? -2.560  -8.996  9.794   1.00 22.02 ?  109 VAL A CG2 1 
ATOM   882  N  N   . PRO A 1 111 ? -1.528  -10.049 5.265   1.00 17.63 ?  110 PRO A N   1 
ATOM   883  C  CA  . PRO A 1 111 ? -0.953  -9.796  3.947   1.00 17.25 ?  110 PRO A CA  1 
ATOM   884  C  C   . PRO A 1 111 ? -0.567  -8.313  3.802   1.00 18.21 ?  110 PRO A C   1 
ATOM   885  O  O   . PRO A 1 111 ? -1.411  -7.437  3.962   1.00 16.09 ?  110 PRO A O   1 
ATOM   886  C  CB  . PRO A 1 111 ? -2.103  -10.135 3.014   1.00 18.00 ?  110 PRO A CB  1 
ATOM   887  C  CG  . PRO A 1 111 ? -2.844  -11.167 3.729   1.00 17.43 ?  110 PRO A CG  1 
ATOM   888  C  CD  . PRO A 1 111 ? -2.853  -10.702 5.138   1.00 16.85 ?  110 PRO A CD  1 
ATOM   889  N  N   . MET A 1 112 ? 0.729   -8.056  3.614   1.00 18.48 ?  111 MET A N   1 
ATOM   890  C  CA  . MET A 1 112 ? 1.288   -6.717  3.470   1.00 18.91 ?  111 MET A CA  1 
ATOM   891  C  C   . MET A 1 112 ? 2.373   -6.758  2.399   1.00 17.69 ?  111 MET A C   1 
ATOM   892  O  O   . MET A 1 112 ? 3.010   -7.812  2.163   1.00 14.41 ?  111 MET A O   1 
ATOM   893  C  CB  . MET A 1 112 ? 1.923   -6.208  4.761   1.00 21.10 ?  111 MET A CB  1 
ATOM   894  C  CG  . MET A 1 112 ? 0.955   -6.065  5.913   1.00 24.79 ?  111 MET A CG  1 
ATOM   895  S  SD  . MET A 1 112 ? 1.738   -5.106  7.221   1.00 27.34 ?  111 MET A SD  1 
ATOM   896  C  CE  . MET A 1 112 ? 0.652   -5.460  8.628   1.00 27.74 ?  111 MET A CE  1 
ATOM   897  N  N   . VAL A 1 113 ? 2.521   -5.640  1.692   1.00 15.46 ?  112 VAL A N   1 
ATOM   898  C  CA  . VAL A 1 113 ? 3.688   -5.437  0.823   1.00 16.14 ?  112 VAL A CA  1 
ATOM   899  C  C   . VAL A 1 113 ? 4.362   -4.099  1.137   1.00 17.22 ?  112 VAL A C   1 
ATOM   900  O  O   . VAL A 1 113 ? 3.664   -3.073  1.274   1.00 17.95 ?  112 VAL A O   1 
ATOM   901  C  CB  . VAL A 1 113 ? 3.253   -5.475  -0.669  1.00 16.89 ?  112 VAL A CB  1 
ATOM   902  C  CG1 . VAL A 1 113 ? 4.392   -5.093  -1.571  1.00 16.49 ?  112 VAL A CG1 1 
ATOM   903  C  CG2 . VAL A 1 113 ? 2.731   -6.871  -1.021  1.00 16.54 ?  112 VAL A CG2 1 
ATOM   904  N  N   . LEU A 1 114 ? 5.695   -4.099  1.264   1.00 16.76 ?  113 LEU A N   1 
ATOM   905  C  CA  . LEU A 1 114 ? 6.442   -2.887  1.475   1.00 17.05 ?  113 LEU A CA  1 
ATOM   906  C  C   . LEU A 1 114 ? 6.715   -2.176  0.168   1.00 16.38 ?  113 LEU A C   1 
ATOM   907  O  O   . LEU A 1 114 ? 7.213   -2.792  -0.793  1.00 15.60 ?  113 LEU A O   1 
ATOM   908  C  CB  . LEU A 1 114 ? 7.741   -3.158  2.200   1.00 17.13 ?  113 LEU A CB  1 
ATOM   909  C  CG  . LEU A 1 114 ? 8.626   -1.984  2.613   1.00 18.26 ?  113 LEU A CG  1 
ATOM   910  C  CD1 . LEU A 1 114 ? 7.877   -1.036  3.529   1.00 19.48 ?  113 LEU A CD1 1 
ATOM   911  C  CD2 . LEU A 1 114 ? 9.909   -2.461  3.316   1.00 18.31 ?  113 LEU A CD2 1 
ATOM   912  N  N   . VAL A 1 115 ? 6.359   -0.890  0.111   1.00 17.02 ?  114 VAL A N   1 
ATOM   913  C  CA  . VAL A 1 115 ? 6.483   -0.135  -1.151  1.00 18.28 ?  114 VAL A CA  1 
ATOM   914  C  C   . VAL A 1 115 ? 7.341   1.103   -0.919  1.00 18.29 ?  114 VAL A C   1 
ATOM   915  O  O   . VAL A 1 115 ? 6.984   1.971   -0.099  1.00 19.60 ?  114 VAL A O   1 
ATOM   916  C  CB  . VAL A 1 115 ? 5.131   0.319   -1.674  1.00 19.60 ?  114 VAL A CB  1 
ATOM   917  C  CG1 . VAL A 1 115 ? 5.291   1.199   -2.915  1.00 19.93 ?  114 VAL A CG1 1 
ATOM   918  C  CG2 . VAL A 1 115 ? 4.240   -0.880  -1.957  1.00 22.05 ?  114 VAL A CG2 1 
ATOM   919  N  N   . GLY A 1 116 ? 8.460   1.158   -1.629  1.00 17.83 ?  115 GLY A N   1 
ATOM   920  C  CA  . GLY A 1 116 ? 9.333   2.334   -1.620  1.00 18.04 ?  115 GLY A CA  1 
ATOM   921  C  C   . GLY A 1 116 ? 9.028   3.172   -2.857  1.00 17.84 ?  115 GLY A C   1 
ATOM   922  O  O   . GLY A 1 116 ? 9.488   2.863   -3.930  1.00 16.74 ?  115 GLY A O   1 
ATOM   923  N  N   . ASN A 1 117 ? 8.274   4.232   -2.688  1.00 17.38 ?  116 ASN A N   1 
ATOM   924  C  CA  . ASN A 1 117 ? 7.782   5.021   -3.814  1.00 18.79 ?  116 ASN A CA  1 
ATOM   925  C  C   . ASN A 1 117 ? 8.719   6.136   -4.199  1.00 21.66 ?  116 ASN A C   1 
ATOM   926  O  O   . ASN A 1 117 ? 9.630   6.454   -3.479  1.00 20.07 ?  116 ASN A O   1 
ATOM   927  C  CB  . ASN A 1 117 ? 6.358   5.539   -3.504  1.00 18.75 ?  116 ASN A CB  1 
ATOM   928  C  CG  . ASN A 1 117 ? 5.697   6.193   -4.746  1.00 18.49 ?  116 ASN A CG  1 
ATOM   929  O  OD1 . ASN A 1 117 ? 5.817   5.678   -5.876  1.00 17.78 ?  116 ASN A OD1 1 
ATOM   930  N  ND2 . ASN A 1 117 ? 5.029   7.324   -4.541  1.00 19.66 ?  116 ASN A ND2 1 
ATOM   931  N  N   . LYS A 1 118 ? 8.469   6.746   -5.363  1.00 23.19 ?  117 LYS A N   1 
ATOM   932  C  CA  . LYS A 1 118 ? 9.261   7.867   -5.900  1.00 24.29 ?  117 LYS A CA  1 
ATOM   933  C  C   . LYS A 1 118 ? 10.641  7.436   -6.370  1.00 24.23 ?  117 LYS A C   1 
ATOM   934  O  O   . LYS A 1 118 ? 11.595  8.207   -6.317  1.00 25.75 ?  117 LYS A O   1 
ATOM   935  C  CB  . LYS A 1 118 ? 9.369   9.036   -4.895  1.00 22.65 ?  117 LYS A CB  1 
ATOM   936  C  CG  . LYS A 1 118 ? 8.026   9.516   -4.380  1.00 22.21 ?  117 LYS A CG  1 
ATOM   937  C  CD  . LYS A 1 118 ? 8.127   10.821  -3.618  1.00 22.26 ?  117 LYS A CD  1 
ATOM   938  C  CE  . LYS A 1 118 ? 6.782   11.262  -3.077  1.00 22.04 ?  117 LYS A CE  1 
ATOM   939  N  NZ  . LYS A 1 118 ? 6.857   12.547  -2.332  1.00 21.83 1  117 LYS A NZ  1 
ATOM   940  N  N   . CYS A 1 119 ? 10.745  6.204   -6.830  1.00 24.84 ?  118 CYS A N   1 
ATOM   941  C  CA  . CYS A 1 119 ? 12.055  5.649   -7.172  1.00 26.07 ?  118 CYS A CA  1 
ATOM   942  C  C   . CYS A 1 119 ? 12.589  6.271   -8.468  1.00 28.08 ?  118 CYS A C   1 
ATOM   943  O  O   . CYS A 1 119 ? 13.714  5.964   -8.910  1.00 25.90 ?  118 CYS A O   1 
ATOM   944  C  CB  . CYS A 1 119 ? 12.007  4.120   -7.226  1.00 28.78 ?  118 CYS A CB  1 
ATOM   945  S  SG  . CYS A 1 119 ? 11.213  3.406   -8.715  1.00 35.29 ?  118 CYS A SG  1 
ATOM   946  N  N   . ASP A 1 120 ? 11.782  7.148   -9.076  1.00 25.92 ?  119 ASP A N   1 
ATOM   947  C  CA  . ASP A 1 120 ? 12.226  7.925   -10.252 1.00 27.77 ?  119 ASP A CA  1 
ATOM   948  C  C   . ASP A 1 120 ? 13.151  9.083   -9.883  1.00 28.19 ?  119 ASP A C   1 
ATOM   949  O  O   . ASP A 1 120 ? 13.858  9.609   -10.711 1.00 27.24 ?  119 ASP A O   1 
ATOM   950  C  CB  . ASP A 1 120 ? 11.046  8.520   -10.999 1.00 26.34 ?  119 ASP A CB  1 
ATOM   951  C  CG  . ASP A 1 120 ? 10.172  9.340   -10.106 1.00 30.65 ?  119 ASP A CG  1 
ATOM   952  O  OD1 . ASP A 1 120 ? 9.416   8.711   -9.304  1.00 27.28 ?  119 ASP A OD1 1 
ATOM   953  O  OD2 . ASP A 1 120 ? 10.237  10.602  -10.174 1.00 25.81 -1 119 ASP A OD2 1 
ATOM   954  N  N   . LEU A 1 121 ? 13.129  9.485   -8.626  1.00 32.01 ?  120 LEU A N   1 
ATOM   955  C  CA  . LEU A 1 121 ? 13.969  10.584  -8.185  1.00 31.48 ?  120 LEU A CA  1 
ATOM   956  C  C   . LEU A 1 121 ? 15.361  10.114  -7.882  1.00 30.94 ?  120 LEU A C   1 
ATOM   957  O  O   . LEU A 1 121 ? 15.551  9.055   -7.290  1.00 29.32 ?  120 LEU A O   1 
ATOM   958  C  CB  . LEU A 1 121 ? 13.349  11.262  -6.968  1.00 30.31 ?  120 LEU A CB  1 
ATOM   959  C  CG  . LEU A 1 121 ? 12.016  11.931  -7.262  1.00 31.96 ?  120 LEU A CG  1 
ATOM   960  C  CD1 . LEU A 1 121 ? 11.400  12.526  -6.009  1.00 32.83 ?  120 LEU A CD1 1 
ATOM   961  C  CD2 . LEU A 1 121 ? 12.207  12.988  -8.318  1.00 33.93 ?  120 LEU A CD2 1 
ATOM   962  N  N   . PRO A 1 122 ? 16.364  10.909  -8.289  1.00 38.35 ?  121 PRO A N   1 
ATOM   963  C  CA  . PRO A 1 122 ? 17.758  10.556  -8.001  1.00 37.15 ?  121 PRO A CA  1 
ATOM   964  C  C   . PRO A 1 122 ? 18.045  10.754  -6.506  1.00 33.03 ?  121 PRO A C   1 
ATOM   965  O  O   . PRO A 1 122 ? 18.814  9.981   -5.906  1.00 32.59 ?  121 PRO A O   1 
ATOM   966  C  CB  . PRO A 1 122 ? 18.551  11.553  -8.855  1.00 40.65 ?  121 PRO A CB  1 
ATOM   967  C  CG  . PRO A 1 122 ? 17.638  12.754  -8.999  1.00 43.35 ?  121 PRO A CG  1 
ATOM   968  C  CD  . PRO A 1 122 ? 16.237  12.195  -9.016  1.00 42.12 ?  121 PRO A CD  1 
ATOM   969  N  N   . SER A 1 123 ? 17.374  11.745  -5.936  1.00 29.22 ?  122 SER A N   1 
ATOM   970  C  CA  . SER A 1 123 ? 17.453  12.092  -4.511  1.00 29.54 ?  122 SER A CA  1 
ATOM   971  C  C   . SER A 1 123 ? 16.887  10.924  -3.680  1.00 27.20 ?  122 SER A C   1 
ATOM   972  O  O   . SER A 1 123 ? 15.726  10.502  -3.855  1.00 32.46 ?  122 SER A O   1 
ATOM   973  C  CB  . SER A 1 123 ? 16.694  13.376  -4.270  1.00 30.28 ?  122 SER A CB  1 
ATOM   974  O  OG  . SER A 1 123 ? 16.954  13.918  -3.003  1.00 37.49 ?  122 SER A OG  1 
ATOM   975  N  N   . ARG A 1 124 ? 17.737  10.336  -2.878  1.00 23.05 ?  123 ARG A N   1 
ATOM   976  C  CA  . ARG A 1 124 ? 17.380  9.180   -2.090  1.00 20.67 ?  123 ARG A CA  1 
ATOM   977  C  C   . ARG A 1 124 ? 18.074  9.213   -0.739  1.00 20.55 ?  123 ARG A C   1 
ATOM   978  O  O   . ARG A 1 124 ? 19.286  9.467   -0.647  1.00 20.02 ?  123 ARG A O   1 
ATOM   979  C  CB  . ARG A 1 124 ? 17.782  7.915   -2.817  1.00 22.52 ?  123 ARG A CB  1 
ATOM   980  C  CG  . ARG A 1 124 ? 17.768  6.655   -1.964  1.00 23.71 ?  123 ARG A CG  1 
ATOM   981  C  CD  . ARG A 1 124 ? 18.372  5.505   -2.694  1.00 22.07 ?  123 ARG A CD  1 
ATOM   982  N  NE  . ARG A 1 124 ? 17.611  5.103   -3.862  1.00 22.40 ?  123 ARG A NE  1 
ATOM   983  C  CZ  . ARG A 1 124 ? 16.741  4.081   -3.919  1.00 22.88 ?  123 ARG A CZ  1 
ATOM   984  N  NH1 . ARG A 1 124 ? 16.359  3.366   -2.835  1.00 24.02 1  123 ARG A NH1 1 
ATOM   985  N  NH2 . ARG A 1 124 ? 16.191  3.795   -5.083  1.00 21.36 ?  123 ARG A NH2 1 
ATOM   986  N  N   . THR A 1 125 ? 17.313  8.951   0.306   1.00 18.72 ?  124 THR A N   1 
ATOM   987  C  CA  . THR A 1 125 ? 17.858  8.884   1.646   1.00 19.52 ?  124 THR A CA  1 
ATOM   988  C  C   . THR A 1 125 ? 17.748  7.454   2.171   1.00 20.13 ?  124 THR A C   1 
ATOM   989  O  O   . THR A 1 125 ? 18.371  7.122   3.149   1.00 21.74 ?  124 THR A O   1 
ATOM   990  C  CB  . THR A 1 125 ? 17.117  9.833   2.603   1.00 20.67 ?  124 THR A CB  1 
ATOM   991  O  OG1 . THR A 1 125 ? 15.726  9.481   2.676   1.00 22.23 ?  124 THR A OG1 1 
ATOM   992  C  CG2 . THR A 1 125 ? 17.273  11.274  2.188   1.00 21.73 ?  124 THR A CG2 1 
ATOM   993  N  N   . VAL A 1 126 ? 16.869  6.633   1.570   1.00 20.33 ?  125 VAL A N   1 
ATOM   994  C  CA  . VAL A 1 126 ? 16.674  5.262   1.994   1.00 22.05 ?  125 VAL A CA  1 
ATOM   995  C  C   . VAL A 1 126 ? 17.157  4.290   0.894   1.00 24.53 ?  125 VAL A C   1 
ATOM   996  O  O   . VAL A 1 126 ? 16.514  4.182   -0.184  1.00 21.14 ?  125 VAL A O   1 
ATOM   997  C  CB  . VAL A 1 126 ? 15.190  4.996   2.292   1.00 20.97 ?  125 VAL A CB  1 
ATOM   998  C  CG1 . VAL A 1 126 ? 14.987  3.545   2.687   1.00 23.20 ?  125 VAL A CG1 1 
ATOM   999  C  CG2 . VAL A 1 126 ? 14.707  5.891   3.439   1.00 21.42 ?  125 VAL A CG2 1 
ATOM   1000 N  N   . ASP A 1 127 ? 18.275  3.596   1.159   1.00 23.91 ?  126 ASP A N   1 
ATOM   1001 C  CA  . ASP A 1 127 ? 18.852  2.684   0.185   1.00 25.91 ?  126 ASP A CA  1 
ATOM   1002 C  C   . ASP A 1 127 ? 17.985  1.441   0.112   1.00 23.72 ?  126 ASP A C   1 
ATOM   1003 O  O   . ASP A 1 127 ? 17.335  1.089   1.077   1.00 19.70 ?  126 ASP A O   1 
ATOM   1004 C  CB  . ASP A 1 127 ? 20.262  2.252   0.561   1.00 29.89 ?  126 ASP A CB  1 
ATOM   1005 C  CG  . ASP A 1 127 ? 21.308  3.293   0.178   1.00 34.41 ?  126 ASP A CG  1 
ATOM   1006 O  OD1 . ASP A 1 127 ? 20.904  4.426   -0.204  1.00 33.44 ?  126 ASP A OD1 1 
ATOM   1007 O  OD2 . ASP A 1 127 ? 22.521  2.977   0.243   1.00 39.48 -1 126 ASP A OD2 1 
ATOM   1008 N  N   . THR A 1 128 ? 17.985  0.847   -1.070  1.00 19.45 ?  127 THR A N   1 
ATOM   1009 C  CA  . THR A 1 128 ? 17.256  -0.363  -1.365  1.00 20.82 ?  127 THR A CA  1 
ATOM   1010 C  C   . THR A 1 128 ? 17.596  -1.438  -0.343  1.00 21.23 ?  127 THR A C   1 
ATOM   1011 O  O   . THR A 1 128 ? 16.704  -2.143  0.145   1.00 19.33 ?  127 THR A O   1 
ATOM   1012 C  CB  . THR A 1 128 ? 17.600  -0.868  -2.786  1.00 19.99 ?  127 THR A CB  1 
ATOM   1013 O  OG1 . THR A 1 128 ? 17.157  0.122   -3.761  1.00 18.99 ?  127 THR A OG1 1 
ATOM   1014 C  CG2 . THR A 1 128 ? 16.986  -2.210  -3.066  1.00 20.21 ?  127 THR A CG2 1 
ATOM   1015 N  N   . LYS A 1 129 ? 18.870  -1.572  -0.005  1.00 20.76 ?  128 LYS A N   1 
ATOM   1016 C  CA  . LYS A 1 129 ? 19.285  -2.611  0.944   1.00 21.93 ?  128 LYS A CA  1 
ATOM   1017 C  C   . LYS A 1 129 ? 18.633  -2.423  2.341   1.00 21.76 ?  128 LYS A C   1 
ATOM   1018 O  O   . LYS A 1 129 ? 18.340  -3.384  3.036   1.00 19.83 ?  128 LYS A O   1 
ATOM   1019 C  CB  . LYS A 1 129 ? 20.807  -2.588  1.103   1.00 29.69 ?  128 LYS A CB  1 
ATOM   1020 C  CG  . LYS A 1 129 ? 21.294  -3.709  2.010   1.00 36.02 ?  128 LYS A CG  1 
ATOM   1021 C  CD  . LYS A 1 129 ? 22.799  -3.842  2.036   1.00 43.41 ?  128 LYS A CD  1 
ATOM   1022 C  CE  . LYS A 1 129 ? 23.190  -5.128  2.755   1.00 48.22 ?  128 LYS A CE  1 
ATOM   1023 N  NZ  . LYS A 1 129 ? 22.685  -5.131  4.168   1.00 50.55 1  128 LYS A NZ  1 
ATOM   1024 N  N   . GLN A 1 130 ? 18.422  -1.180  2.747   1.00 20.05 ?  129 GLN A N   1 
ATOM   1025 C  CA  . GLN A 1 130 ? 17.805  -0.926  4.066   1.00 21.52 ?  129 GLN A CA  1 
ATOM   1026 C  C   . GLN A 1 130 ? 16.366  -1.425  4.099   1.00 20.72 ?  129 GLN A C   1 
ATOM   1027 O  O   . GLN A 1 130 ? 15.944  -2.043  5.084   1.00 17.31 ?  129 GLN A O   1 
ATOM   1028 C  CB  . GLN A 1 130 ? 17.926  0.560   4.377   1.00 28.12 ?  129 GLN A CB  1 
ATOM   1029 C  CG  . GLN A 1 130 ? 17.142  1.043   5.570   1.00 31.05 ?  129 GLN A CG  1 
ATOM   1030 C  CD  . GLN A 1 130 ? 17.589  2.410   6.090   1.00 35.30 ?  129 GLN A CD  1 
ATOM   1031 O  OE1 . GLN A 1 130 ? 18.266  3.196   5.414   1.00 35.59 ?  129 GLN A OE1 1 
ATOM   1032 N  NE2 . GLN A 1 130 ? 17.199  2.695   7.316   1.00 42.09 ?  129 GLN A NE2 1 
ATOM   1033 N  N   . ALA A 1 131 ? 15.624  -1.223  2.997   1.00 19.61 ?  130 ALA A N   1 
ATOM   1034 C  CA  . ALA A 1 131 ? 14.252  -1.666  2.877   1.00 19.00 ?  130 ALA A CA  1 
ATOM   1035 C  C   . ALA A 1 131 ? 14.171  -3.157  2.694   1.00 18.11 ?  130 ALA A C   1 
ATOM   1036 O  O   . ALA A 1 131 ? 13.304  -3.790  3.239   1.00 18.31 ?  130 ALA A O   1 
ATOM   1037 C  CB  . ALA A 1 131 ? 13.558  -0.934  1.715   1.00 19.65 ?  130 ALA A CB  1 
ATOM   1038 N  N   . GLN A 1 132 ? 15.067  -3.732  1.921   1.00 18.76 ?  131 GLN A N   1 
ATOM   1039 C  CA  . GLN A 1 132 ? 15.164  -5.170  1.812   1.00 18.48 ?  131 GLN A CA  1 
ATOM   1040 C  C   . GLN A 1 132 ? 15.375  -5.872  3.148   1.00 18.73 ?  131 GLN A C   1 
ATOM   1041 O  O   . GLN A 1 132 ? 14.815  -6.929  3.387   1.00 18.43 ?  131 GLN A O   1 
ATOM   1042 C  CB  . GLN A 1 132 ? 16.337  -5.556  0.879   1.00 19.36 ?  131 GLN A CB  1 
ATOM   1043 C  CG  . GLN A 1 132 ? 16.079  -5.335  -0.586  1.00 19.65 ?  131 GLN A CG  1 
ATOM   1044 C  CD  . GLN A 1 132 ? 17.324  -5.556  -1.409  1.00 18.55 ?  131 GLN A CD  1 
ATOM   1045 O  OE1 . GLN A 1 132 ? 18.437  -5.403  -0.911  1.00 19.52 ?  131 GLN A OE1 1 
ATOM   1046 N  NE2 . GLN A 1 132 ? 17.136  -5.899  -2.692  1.00 21.49 ?  131 GLN A NE2 1 
ATOM   1047 N  N   . ASP A 1 133 ? 16.231  -5.305  3.999   1.00 21.03 ?  132 ASP A N   1 
ATOM   1048 C  CA  . ASP A 1 133 ? 16.475  -5.879  5.336   1.00 22.56 ?  132 ASP A CA  1 
ATOM   1049 C  C   . ASP A 1 133 ? 15.169  -5.838  6.140   1.00 19.05 ?  132 ASP A C   1 
ATOM   1050 O  O   . ASP A 1 133 ? 14.842  -6.768  6.818   1.00 15.52 ?  132 ASP A O   1 
ATOM   1051 C  CB  . ASP A 1 133 ? 17.592  -5.095  6.071   1.00 23.32 ?  132 ASP A CB  1 
ATOM   1052 C  CG  . ASP A 1 133 ? 18.952  -5.185  5.344   1.00 25.27 ?  132 ASP A CG  1 
ATOM   1053 O  OD1 . ASP A 1 133 ? 19.121  -6.101  4.519   1.00 26.56 ?  132 ASP A OD1 1 
ATOM   1054 O  OD2 . ASP A 1 133 ? 19.871  -4.337  5.586   1.00 27.76 -1 132 ASP A OD2 1 
ATOM   1055 N  N   . LEU A 1 134 ? 14.420  -4.763  6.014   1.00 19.19 ?  133 LEU A N   1 
ATOM   1056 C  CA  . LEU A 1 134 ? 13.206  -4.607  6.812   1.00 18.83 ?  133 LEU A CA  1 
ATOM   1057 C  C   . LEU A 1 134 ? 12.152  -5.620  6.342   1.00 19.67 ?  133 LEU A C   1 
ATOM   1058 O  O   . LEU A 1 134 ? 11.561  -6.326  7.139   1.00 22.11 ?  133 LEU A O   1 
ATOM   1059 C  CB  . LEU A 1 134 ? 12.666  -3.194  6.689   1.00 17.98 ?  133 LEU A CB  1 
ATOM   1060 C  CG  . LEU A 1 134 ? 11.388  -2.947  7.462   1.00 18.21 ?  133 LEU A CG  1 
ATOM   1061 C  CD1 . LEU A 1 134 ? 11.603  -3.186  8.946   1.00 19.40 ?  133 LEU A CD1 1 
ATOM   1062 C  CD2 . LEU A 1 134 ? 10.834  -1.547  7.240   1.00 17.67 ?  133 LEU A CD2 1 
ATOM   1063 N  N   . ALA A 1 135 ? 11.955  -5.685  5.033   1.00 19.64 ?  134 ALA A N   1 
ATOM   1064 C  CA  . ALA A 1 135 ? 11.000  -6.619  4.443   1.00 21.10 ?  134 ALA A CA  1 
ATOM   1065 C  C   . ALA A 1 135 ? 11.376  -8.066  4.771   1.00 19.57 ?  134 ALA A C   1 
ATOM   1066 O  O   . ALA A 1 135 ? 10.518  -8.854  5.021   1.00 20.51 ?  134 ALA A O   1 
ATOM   1067 C  CB  . ALA A 1 135 ? 10.965  -6.438  2.963   1.00 21.12 ?  134 ALA A CB  1 
ATOM   1068 N  N   . ARG A 1 136 ? 12.668  -8.375  4.765   1.00 21.74 ?  135 ARG A N   1 
ATOM   1069 C  CA  . ARG A 1 136 ? 13.160  -9.694  5.188   1.00 20.85 ?  135 ARG A CA  1 
ATOM   1070 C  C   . ARG A 1 136 ? 12.718  -10.000 6.631   1.00 19.64 ?  135 ARG A C   1 
ATOM   1071 O  O   . ARG A 1 136 ? 12.169  -11.050 6.909   1.00 17.64 ?  135 ARG A O   1 
ATOM   1072 C  CB  . ARG A 1 136 ? 14.684  -9.754  5.055   1.00 24.62 ?  135 ARG A CB  1 
ATOM   1073 C  CG  . ARG A 1 136 ? 15.265  -11.103 5.485   1.00 28.43 ?  135 ARG A CG  1 
ATOM   1074 C  CD  . ARG A 1 136 ? 16.785  -11.134 5.430   1.00 27.86 ?  135 ARG A CD  1 
ATOM   1075 N  NE  . ARG A 1 136 ? 17.405  -10.222 6.393   1.00 28.38 ?  135 ARG A NE  1 
ATOM   1076 C  CZ  . ARG A 1 136 ? 18.194  -9.191  6.096   1.00 31.36 ?  135 ARG A CZ  1 
ATOM   1077 N  NH1 . ARG A 1 136 ? 18.494  -8.902  4.816   1.00 29.97 1  135 ARG A NH1 1 
ATOM   1078 N  NH2 . ARG A 1 136 ? 18.687  -8.419  7.084   1.00 28.09 ?  135 ARG A NH2 1 
ATOM   1079 N  N   . SER A 1 137 ? 12.915  -9.048  7.531   1.00 21.11 ?  136 SER A N   1 
ATOM   1080 C  CA  . SER A 1 137 ? 12.528  -9.228  8.929   1.00 20.31 ?  136 SER A CA  1 
ATOM   1081 C  C   . SER A 1 137 ? 11.029  -9.429  9.075   1.00 20.60 ?  136 SER A C   1 
ATOM   1082 O  O   . SER A 1 137 ? 10.603  -10.049 10.013  1.00 20.26 ?  136 SER A O   1 
ATOM   1083 C  CB  . SER A 1 137 ? 12.951  -8.021  9.763   1.00 21.75 ?  136 SER A CB  1 
ATOM   1084 O  OG  . SER A 1 137 ? 12.170  -6.870  9.479   1.00 20.52 ?  136 SER A OG  1 
ATOM   1085 N  N   . TYR A 1 138 ? 10.225  -8.848  8.159   1.00 21.81 ?  137 TYR A N   1 
ATOM   1086 C  CA  . TYR A 1 138 ? 8.759   -8.967  8.210   1.00 19.96 ?  137 TYR A CA  1 
ATOM   1087 C  C   . TYR A 1 138 ? 8.293   -10.222 7.465   1.00 21.35 ?  137 TYR A C   1 
ATOM   1088 O  O   . TYR A 1 138 ? 7.192   -10.678 7.666   1.00 23.05 ?  137 TYR A O   1 
ATOM   1089 C  CB  . TYR A 1 138 ? 8.097   -7.716  7.573   1.00 20.11 ?  137 TYR A CB  1 
ATOM   1090 C  CG  . TYR A 1 138 ? 8.172   -6.437  8.345   1.00 19.00 ?  137 TYR A CG  1 
ATOM   1091 C  CD1 . TYR A 1 138 ? 8.514   -6.417  9.690   1.00 19.74 ?  137 TYR A CD1 1 
ATOM   1092 C  CD2 . TYR A 1 138 ? 7.892   -5.233  7.744   1.00 20.43 ?  137 TYR A CD2 1 
ATOM   1093 C  CE1 . TYR A 1 138 ? 8.580   -5.248  10.393  1.00 20.06 ?  137 TYR A CE1 1 
ATOM   1094 C  CE2 . TYR A 1 138 ? 7.955   -4.057  8.448   1.00 21.92 ?  137 TYR A CE2 1 
ATOM   1095 C  CZ  . TYR A 1 138 ? 8.309   -4.065  9.768   1.00 19.68 ?  137 TYR A CZ  1 
ATOM   1096 O  OH  . TYR A 1 138 ? 8.348   -2.860  10.436  1.00 22.06 ?  137 TYR A OH  1 
ATOM   1097 N  N   . GLY A 1 139 ? 9.121   -10.757 6.576   1.00 19.81 ?  138 GLY A N   1 
ATOM   1098 C  CA  . GLY A 1 139 ? 8.727   -11.804 5.686   1.00 19.92 ?  138 GLY A CA  1 
ATOM   1099 C  C   . GLY A 1 139 ? 7.659   -11.362 4.710   1.00 20.15 ?  138 GLY A C   1 
ATOM   1100 O  O   . GLY A 1 139 ? 6.659   -12.066 4.503   1.00 18.56 ?  138 GLY A O   1 
ATOM   1101 N  N   . ILE A 1 140 ? 7.821   -10.152 4.157   1.00 18.44 ?  139 ILE A N   1 
ATOM   1102 C  CA  . ILE A 1 140 ? 6.921   -9.683  3.113   1.00 17.42 ?  139 ILE A CA  1 
ATOM   1103 C  C   . ILE A 1 140 ? 7.695   -9.244  1.872   1.00 15.49 ?  139 ILE A C   1 
ATOM   1104 O  O   . ILE A 1 140 ? 8.878   -8.913  1.965   1.00 16.10 ?  139 ILE A O   1 
ATOM   1105 C  CB  . ILE A 1 140 ? 6.049   -8.527  3.615   1.00 17.39 ?  139 ILE A CB  1 
ATOM   1106 C  CG1 . ILE A 1 140 ? 6.923   -7.290  3.932   1.00 16.21 ?  139 ILE A CG1 1 
ATOM   1107 C  CG2 . ILE A 1 140 ? 5.218   -9.030  4.788   1.00 16.55 ?  139 ILE A CG2 1 
ATOM   1108 C  CD1 . ILE A 1 140 ? 6.155   -6.108  4.438   1.00 18.02 ?  139 ILE A CD1 1 
ATOM   1109 N  N   . PRO A 1 141 ? 6.999   -9.152  0.715   1.00 16.05 ?  140 PRO A N   1 
ATOM   1110 C  CA  . PRO A 1 141 ? 7.638   -8.630  -0.485  1.00 18.03 ?  140 PRO A CA  1 
ATOM   1111 C  C   . PRO A 1 141 ? 7.962   -7.131  -0.365  1.00 17.10 ?  140 PRO A C   1 
ATOM   1112 O  O   . PRO A 1 141 ? 7.284   -6.415  0.357   1.00 16.01 ?  140 PRO A O   1 
ATOM   1113 C  CB  . PRO A 1 141 ? 6.603   -8.913  -1.582  1.00 17.36 ?  140 PRO A CB  1 
ATOM   1114 C  CG  . PRO A 1 141 ? 5.704   -9.945  -1.026  1.00 16.41 ?  140 PRO A CG  1 
ATOM   1115 C  CD  . PRO A 1 141 ? 5.632   -9.624  0.418   1.00 16.73 ?  140 PRO A CD  1 
ATOM   1116 N  N   . PHE A 1 142 ? 9.069   -6.721  -0.967  1.00 18.02 ?  141 PHE A N   1 
ATOM   1117 C  CA  . PHE A 1 142 ? 9.405   -5.310  -1.095  1.00 17.25 ?  141 PHE A CA  1 
ATOM   1118 C  C   . PHE A 1 142 ? 9.531   -4.918  -2.575  1.00 17.25 ?  141 PHE A C   1 
ATOM   1119 O  O   . PHE A 1 142 ? 10.278  -5.516  -3.324  1.00 17.60 ?  141 PHE A O   1 
ATOM   1120 C  CB  . PHE A 1 142 ? 10.689  -4.986  -0.343  1.00 17.50 ?  141 PHE A CB  1 
ATOM   1121 C  CG  . PHE A 1 142 ? 11.275  -3.652  -0.680  1.00 16.52 ?  141 PHE A CG  1 
ATOM   1122 C  CD1 . PHE A 1 142 ? 10.540  -2.466  -0.502  1.00 17.18 ?  141 PHE A CD1 1 
ATOM   1123 C  CD2 . PHE A 1 142 ? 12.541  -3.576  -1.226  1.00 17.85 ?  141 PHE A CD2 1 
ATOM   1124 C  CE1 . PHE A 1 142 ? 11.088  -1.235  -0.835  1.00 18.27 ?  141 PHE A CE1 1 
ATOM   1125 C  CE2 . PHE A 1 142 ? 13.086  -2.359  -1.591  1.00 18.39 ?  141 PHE A CE2 1 
ATOM   1126 C  CZ  . PHE A 1 142 ? 12.390  -1.189  -1.391  1.00 16.98 ?  141 PHE A CZ  1 
ATOM   1127 N  N   . ILE A 1 143 ? 8.869   -3.849  -2.948  1.00 16.18 ?  142 ILE A N   1 
ATOM   1128 C  CA  . ILE A 1 143 ? 8.883   -3.371  -4.337  1.00 18.09 ?  142 ILE A CA  1 
ATOM   1129 C  C   . ILE A 1 143 ? 9.081   -1.875  -4.352  1.00 18.42 ?  142 ILE A C   1 
ATOM   1130 O  O   . ILE A 1 143 ? 8.402   -1.156  -3.612  1.00 18.93 ?  142 ILE A O   1 
ATOM   1131 C  CB  . ILE A 1 143 ? 7.549   -3.716  -5.055  1.00 20.68 ?  142 ILE A CB  1 
ATOM   1132 C  CG1 . ILE A 1 143 ? 7.384   -5.226  -5.149  1.00 21.32 ?  142 ILE A CG1 1 
ATOM   1133 C  CG2 . ILE A 1 143 ? 7.466   -3.132  -6.496  1.00 21.65 ?  142 ILE A CG2 1 
ATOM   1134 C  CD1 . ILE A 1 143 ? 5.984   -5.649  -5.417  1.00 23.40 ?  142 ILE A CD1 1 
ATOM   1135 N  N   . GLU A 1 144 ? 10.034  -1.416  -5.158  1.00 18.25 ?  143 GLU A N   1 
ATOM   1136 C  CA  . GLU A 1 144 ? 10.208  0.011   -5.433  1.00 19.11 ?  143 GLU A CA  1 
ATOM   1137 C  C   . GLU A 1 144 ? 9.322   0.441   -6.584  1.00 19.13 ?  143 GLU A C   1 
ATOM   1138 O  O   . GLU A 1 144 ? 9.275   -0.210  -7.601  1.00 22.63 ?  143 GLU A O   1 
ATOM   1139 C  CB  . GLU A 1 144 ? 11.687  0.407   -5.703  1.00 20.95 ?  143 GLU A CB  1 
ATOM   1140 C  CG  . GLU A 1 144 ? 12.520  0.441   -4.421  1.00 23.93 ?  143 GLU A CG  1 
ATOM   1141 C  CD  . GLU A 1 144 ? 13.961  0.910   -4.634  1.00 27.89 ?  143 GLU A CD  1 
ATOM   1142 O  OE1 . GLU A 1 144 ? 14.378  1.097   -5.817  1.00 37.40 ?  143 GLU A OE1 1 
ATOM   1143 O  OE2 . GLU A 1 144 ? 14.671  1.059   -3.608  1.00 24.78 -1 143 GLU A OE2 1 
ATOM   1144 N  N   . THR A 1 145 ? 8.633   1.553   -6.403  1.00 18.57 ?  144 THR A N   1 
ATOM   1145 C  CA  . THR A 1 145 ? 7.680   2.038   -7.359  1.00 18.40 ?  144 THR A CA  1 
ATOM   1146 C  C   . THR A 1 145 ? 7.916   3.503   -7.698  1.00 18.17 ?  144 THR A C   1 
ATOM   1147 O  O   . THR A 1 145 ? 8.592   4.245   -6.976  1.00 18.15 ?  144 THR A O   1 
ATOM   1148 C  CB  . THR A 1 145 ? 6.224   1.902   -6.879  1.00 18.54 ?  144 THR A CB  1 
ATOM   1149 O  OG1 . THR A 1 145 ? 6.072   2.729   -5.720  1.00 18.13 ?  144 THR A OG1 1 
ATOM   1150 C  CG2 . THR A 1 145 ? 5.855   0.474   -6.566  1.00 19.48 ?  144 THR A CG2 1 
ATOM   1151 N  N   . SER A 1 146 ? 7.348   3.912   -8.814  1.00 21.19 ?  145 SER A N   1 
ATOM   1152 C  CA  . SER A 1 146 ? 7.227   5.330   -9.174  1.00 19.49 ?  145 SER A CA  1 
ATOM   1153 C  C   . SER A 1 146 ? 5.829   5.514   -9.724  1.00 19.11 ?  145 SER A C   1 
ATOM   1154 O  O   . SER A 1 146 ? 5.480   4.941   -10.765 1.00 20.30 ?  145 SER A O   1 
ATOM   1155 C  CB  . SER A 1 146 ? 8.209   5.707   -10.236 1.00 20.04 ?  145 SER A CB  1 
ATOM   1156 O  OG  . SER A 1 146 ? 7.919   7.043   -10.730 1.00 21.47 ?  145 SER A OG  1 
ATOM   1157 N  N   . ALA A 1 147 ? 5.028   6.301   -9.030  1.00 18.75 ?  146 ALA A N   1 
ATOM   1158 C  CA  . ALA A 1 147 ? 3.671   6.622   -9.480  1.00 19.73 ?  146 ALA A CA  1 
ATOM   1159 C  C   . ALA A 1 147 ? 3.741   7.518   -10.695 1.00 20.95 ?  146 ALA A C   1 
ATOM   1160 O  O   . ALA A 1 147 ? 2.767   7.654   -11.432 1.00 22.96 ?  146 ALA A O   1 
ATOM   1161 C  CB  . ALA A 1 147 ? 2.878   7.311   -8.344  1.00 21.24 ?  146 ALA A CB  1 
ATOM   1162 N  N   . LYS A 1 148 ? 4.899   8.129   -10.901 1.00 23.21 ?  147 LYS A N   1 
ATOM   1163 C  CA  . LYS A 1 148 ? 5.103   9.090   -12.015 1.00 26.82 ?  147 LYS A CA  1 
ATOM   1164 C  C   . LYS A 1 148 ? 5.359   8.348   -13.321 1.00 25.83 ?  147 LYS A C   1 
ATOM   1165 O  O   . LYS A 1 148 ? 4.696   8.582   -14.309 1.00 29.54 ?  147 LYS A O   1 
ATOM   1166 C  CB  . LYS A 1 148 ? 6.266   10.044  -11.673 1.00 27.40 ?  147 LYS A CB  1 
ATOM   1167 C  CG  . LYS A 1 148 ? 6.546   11.096  -12.751 1.00 31.12 ?  147 LYS A CG  1 
ATOM   1168 C  CD  . LYS A 1 148 ? 7.534   12.110  -12.245 1.00 33.83 ?  147 LYS A CD  1 
ATOM   1169 C  CE  . LYS A 1 148 ? 7.695   13.251  -13.235 1.00 40.47 ?  147 LYS A CE  1 
ATOM   1170 N  NZ  . LYS A 1 148 ? 8.710   14.245  -12.753 1.00 42.08 1  147 LYS A NZ  1 
ATOM   1171 N  N   . THR A 1 149 ? 6.291   7.412   -13.305 1.00 24.58 ?  148 THR A N   1 
ATOM   1172 C  CA  . THR A 1 149 ? 6.626   6.673   -14.487 1.00 24.88 ?  148 THR A CA  1 
ATOM   1173 C  C   . THR A 1 149 ? 5.853   5.369   -14.583 1.00 24.10 ?  148 THR A C   1 
ATOM   1174 O  O   . THR A 1 149 ? 6.016   4.645   -15.558 1.00 24.90 ?  148 THR A O   1 
ATOM   1175 C  CB  . THR A 1 149 ? 8.104   6.300   -14.531 1.00 25.71 ?  148 THR A CB  1 
ATOM   1176 O  OG1 . THR A 1 149 ? 8.383   5.282   -13.522 1.00 22.27 ?  148 THR A OG1 1 
ATOM   1177 C  CG2 . THR A 1 149 ? 9.016   7.571   -14.420 1.00 24.90 ?  148 THR A CG2 1 
ATOM   1178 N  N   . ARG A 1 150 ? 5.092   5.056   -13.538 1.00 22.60 ?  149 ARG A N   1 
ATOM   1179 C  CA  . ARG A 1 150 ? 4.286   3.828   -13.413 1.00 25.09 ?  149 ARG A CA  1 
ATOM   1180 C  C   . ARG A 1 150 ? 5.120   2.578   -13.127 1.00 23.72 ?  149 ARG A C   1 
ATOM   1181 O  O   . ARG A 1 150 ? 4.589   1.491   -12.986 1.00 26.64 ?  149 ARG A O   1 
ATOM   1182 C  CB  . ARG A 1 150 ? 3.377   3.584   -14.628 1.00 25.83 ?  149 ARG A CB  1 
ATOM   1183 C  CG  . ARG A 1 150 ? 2.079   2.860   -14.288 1.00 31.22 ?  149 ARG A CG  1 
ATOM   1184 C  CD  . ARG A 1 150 ? 1.087   2.847   -15.468 1.00 36.66 ?  149 ARG A CD  1 
ATOM   1185 N  NE  . ARG A 1 150 ? -0.262  2.452   -15.023 1.00 35.44 ?  149 ARG A NE  1 
ATOM   1186 C  CZ  . ARG A 1 150 ? -0.593  1.208   -14.739 1.00 38.65 ?  149 ARG A CZ  1 
ATOM   1187 N  NH1 . ARG A 1 150 ? 0.305   0.254   -14.876 1.00 38.67 1  149 ARG A NH1 1 
ATOM   1188 N  NH2 . ARG A 1 150 ? -1.829  0.904   -14.326 1.00 45.61 ?  149 ARG A NH2 1 
ATOM   1189 N  N   . GLN A 1 151 ? 6.414   2.734   -13.071 1.00 22.51 ?  150 GLN A N   1 
ATOM   1190 C  CA  . GLN A 1 151 ? 7.310   1.627   -12.715 1.00 24.14 ?  150 GLN A CA  1 
ATOM   1191 C  C   . GLN A 1 151 ? 6.926   0.947   -11.401 1.00 22.05 ?  150 GLN A C   1 
ATOM   1192 O  O   . GLN A 1 151 ? 6.795   1.589   -10.345 1.00 21.48 ?  150 GLN A O   1 
ATOM   1193 C  CB  . GLN A 1 151 ? 8.751   2.114   -12.605 1.00 25.41 ?  150 GLN A CB  1 
ATOM   1194 C  CG  . GLN A 1 151 ? 9.639   1.099   -11.925 1.00 28.61 ?  150 GLN A CG  1 
ATOM   1195 C  CD  . GLN A 1 151 ? 11.098  1.459   -11.933 1.00 33.96 ?  150 GLN A CD  1 
ATOM   1196 O  OE1 . GLN A 1 151 ? 11.467  2.608   -12.067 1.00 35.35 ?  150 GLN A OE1 1 
ATOM   1197 N  NE2 . GLN A 1 151 ? 11.942  0.456   -11.825 1.00 43.74 ?  150 GLN A NE2 1 
ATOM   1198 N  N   . GLY A 1 152 ? 6.681   -0.352  -11.492 1.00 20.31 ?  151 GLY A N   1 
ATOM   1199 C  CA  . GLY A 1 152 ? 6.361   -1.176  -10.351 1.00 20.04 ?  151 GLY A CA  1 
ATOM   1200 C  C   . GLY A 1 152 ? 4.967   -1.098  -9.757  1.00 18.95 ?  151 GLY A C   1 
ATOM   1201 O  O   . GLY A 1 152 ? 4.676   -1.786  -8.763  1.00 19.22 ?  151 GLY A O   1 
ATOM   1202 N  N   . VAL A 1 153 ? 4.129   -0.236  -10.318 1.00 18.47 ?  152 VAL A N   1 
ATOM   1203 C  CA  . VAL A 1 153 ? 2.807   0.052   -9.772  1.00 19.72 ?  152 VAL A CA  1 
ATOM   1204 C  C   . VAL A 1 153 ? 1.893   -1.162  -9.811  1.00 19.02 ?  152 VAL A C   1 
ATOM   1205 O  O   . VAL A 1 153 ? 1.312   -1.534  -8.835  1.00 19.42 ?  152 VAL A O   1 
ATOM   1206 C  CB  . VAL A 1 153 ? 2.122   1.253   -10.523 1.00 19.79 ?  152 VAL A CB  1 
ATOM   1207 C  CG1 . VAL A 1 153 ? 0.720   1.478   -10.011 1.00 21.55 ?  152 VAL A CG1 1 
ATOM   1208 C  CG2 . VAL A 1 153 ? 2.905   2.522   -10.297 1.00 21.59 ?  152 VAL A CG2 1 
ATOM   1209 N  N   . ASP A 1 154 ? 1.740   -1.763  -10.974 1.00 20.87 ?  153 ASP A N   1 
ATOM   1210 C  CA  . ASP A 1 154 ? 0.917   -2.987  -11.069 1.00 21.70 ?  153 ASP A CA  1 
ATOM   1211 C  C   . ASP A 1 154 ? 1.508   -4.088  -10.186 1.00 20.26 ?  153 ASP A C   1 
ATOM   1212 O  O   . ASP A 1 154 ? 0.793   -4.778  -9.535  1.00 19.63 ?  153 ASP A O   1 
ATOM   1213 C  CB  . ASP A 1 154 ? 0.811   -3.504  -12.510 1.00 24.87 ?  153 ASP A CB  1 
ATOM   1214 C  CG  . ASP A 1 154 ? -0.158  -2.666  -13.367 1.00 31.02 ?  153 ASP A CG  1 
ATOM   1215 O  OD1 . ASP A 1 154 ? -1.018  -1.947  -12.798 1.00 28.28 ?  153 ASP A OD1 1 
ATOM   1216 O  OD2 . ASP A 1 154 ? -0.066  -2.762  -14.607 1.00 34.71 -1 153 ASP A OD2 1 
ATOM   1217 N  N   . ASP A 1 155 ? 2.815   -4.240  -10.203 1.00 16.59 ?  154 ASP A N   1 
ATOM   1218 C  CA  . ASP A 1 155 ? 3.498   -5.250  -9.408  1.00 16.97 ?  154 ASP A CA  1 
ATOM   1219 C  C   . ASP A 1 155 ? 3.158   -5.113  -7.898  1.00 16.24 ?  154 ASP A C   1 
ATOM   1220 O  O   . ASP A 1 155 ? 2.919   -6.088  -7.215  1.00 16.14 ?  154 ASP A O   1 
ATOM   1221 C  CB  . ASP A 1 155 ? 5.017   -5.126  -9.626  1.00 18.27 ?  154 ASP A CB  1 
ATOM   1222 C  CG  . ASP A 1 155 ? 5.834   -6.261  -8.929  1.00 22.06 ?  154 ASP A CG  1 
ATOM   1223 O  OD1 . ASP A 1 155 ? 5.324   -7.419  -8.740  1.00 22.98 ?  154 ASP A OD1 1 
ATOM   1224 O  OD2 . ASP A 1 155 ? 6.974   -5.927  -8.524  1.00 22.82 -1 154 ASP A OD2 1 
ATOM   1225 N  N   . ALA A 1 156 ? 3.143   -3.895  -7.387  1.00 15.85 ?  155 ALA A N   1 
ATOM   1226 C  CA  . ALA A 1 156 ? 2.851   -3.675  -5.957  1.00 17.15 ?  155 ALA A CA  1 
ATOM   1227 C  C   . ALA A 1 156 ? 1.444   -4.178  -5.589  1.00 17.69 ?  155 ALA A C   1 
ATOM   1228 O  O   . ALA A 1 156 ? 1.239   -4.962  -4.647  1.00 17.84 ?  155 ALA A O   1 
ATOM   1229 C  CB  . ALA A 1 156 ? 2.995   -2.213  -5.596  1.00 16.13 ?  155 ALA A CB  1 
ATOM   1230 N  N   . PHE A 1 157 ? 0.471   -3.728  -6.339  1.00 16.78 ?  156 PHE A N   1 
ATOM   1231 C  CA  . PHE A 1 157 ? -0.905  -4.079  -6.079  1.00 17.70 ?  156 PHE A CA  1 
ATOM   1232 C  C   . PHE A 1 157 ? -1.172  -5.534  -6.348  1.00 17.91 ?  156 PHE A C   1 
ATOM   1233 O  O   . PHE A 1 157 ? -1.856  -6.172  -5.572  1.00 19.20 ?  156 PHE A O   1 
ATOM   1234 C  CB  . PHE A 1 157 ? -1.810  -3.174  -6.932  1.00 18.10 ?  156 PHE A CB  1 
ATOM   1235 C  CG  . PHE A 1 157 ? -1.941  -1.769  -6.396  1.00 17.49 ?  156 PHE A CG  1 
ATOM   1236 C  CD1 . PHE A 1 157 ? -2.847  -1.456  -5.395  1.00 18.41 ?  156 PHE A CD1 1 
ATOM   1237 C  CD2 . PHE A 1 157 ? -1.138  -0.759  -6.888  1.00 20.23 ?  156 PHE A CD2 1 
ATOM   1238 C  CE1 . PHE A 1 157 ? -2.963  -0.151  -4.903  1.00 19.44 ?  156 PHE A CE1 1 
ATOM   1239 C  CE2 . PHE A 1 157 ? -1.228  0.536   -6.394  1.00 20.41 ?  156 PHE A CE2 1 
ATOM   1240 C  CZ  . PHE A 1 157 ? -2.176  0.837   -5.401  1.00 20.58 ?  156 PHE A CZ  1 
ATOM   1241 N  N   . TYR A 1 158 ? -0.641  -6.069  -7.467  1.00 17.85 ?  157 TYR A N   1 
ATOM   1242 C  CA  . TYR A 1 158 ? -0.885  -7.445  -7.814  1.00 17.99 ?  157 TYR A CA  1 
ATOM   1243 C  C   . TYR A 1 158 ? -0.161  -8.394  -6.861  1.00 15.45 ?  157 TYR A C   1 
ATOM   1244 O  O   . TYR A 1 158 ? -0.671  -9.428  -6.551  1.00 17.34 ?  157 TYR A O   1 
ATOM   1245 C  CB  . TYR A 1 158 ? -0.461  -7.743  -9.248  1.00 19.70 ?  157 TYR A CB  1 
ATOM   1246 C  CG  . TYR A 1 158 ? -1.314  -7.095  -10.356 1.00 22.16 ?  157 TYR A CG  1 
ATOM   1247 C  CD1 . TYR A 1 158 ? -2.306  -6.173  -10.065 1.00 22.60 ?  157 TYR A CD1 1 
ATOM   1248 C  CD2 . TYR A 1 158 ? -1.057  -7.370  -11.701 1.00 25.37 ?  157 TYR A CD2 1 
ATOM   1249 C  CE1 . TYR A 1 158 ? -3.042  -5.555  -11.071 1.00 23.75 ?  157 TYR A CE1 1 
ATOM   1250 C  CE2 . TYR A 1 158 ? -1.795  -6.774  -12.720 1.00 26.46 ?  157 TYR A CE2 1 
ATOM   1251 C  CZ  . TYR A 1 158 ? -2.795  -5.877  -12.391 1.00 26.69 ?  157 TYR A CZ  1 
ATOM   1252 O  OH  . TYR A 1 158 ? -3.552  -5.317  -13.384 1.00 34.55 ?  157 TYR A OH  1 
ATOM   1253 N  N   . THR A 1 159 ? 1.042   -8.051  -6.430  1.00 17.44 ?  158 THR A N   1 
ATOM   1254 C  CA  . THR A 1 159 ? 1.743   -8.846  -5.431  1.00 16.61 ?  158 THR A CA  1 
ATOM   1255 C  C   . THR A 1 159 ? 0.936   -8.921  -4.123  1.00 17.05 ?  158 THR A C   1 
ATOM   1256 O  O   . THR A 1 159 ? 0.845   -9.956  -3.463  1.00 17.57 ?  158 THR A O   1 
ATOM   1257 C  CB  . THR A 1 159 ? 3.156   -8.267  -5.164  1.00 18.34 ?  158 THR A CB  1 
ATOM   1258 O  OG1 . THR A 1 159 ? 3.887   -8.255  -6.406  1.00 18.04 ?  158 THR A OG1 1 
ATOM   1259 C  CG2 . THR A 1 159 ? 3.928   -9.079  -4.125  1.00 17.98 ?  158 THR A CG2 1 
ATOM   1260 N  N   . LEU A 1 160 ? 0.338   -7.801  -3.760  1.00 15.23 ?  159 LEU A N   1 
ATOM   1261 C  CA  . LEU A 1 160 ? -0.443  -7.755  -2.524  1.00 16.22 ?  159 LEU A CA  1 
ATOM   1262 C  C   . LEU A 1 160 ? -1.639  -8.725  -2.640  1.00 17.45 ?  159 LEU A C   1 
ATOM   1263 O  O   . LEU A 1 160 ? -2.003  -9.435  -1.661  1.00 19.96 ?  159 LEU A O   1 
ATOM   1264 C  CB  . LEU A 1 160 ? -0.911  -6.340  -2.271  1.00 14.71 ?  159 LEU A CB  1 
ATOM   1265 C  CG  . LEU A 1 160 ? -1.808  -6.223  -1.031  1.00 15.29 ?  159 LEU A CG  1 
ATOM   1266 C  CD1 . LEU A 1 160 ? -1.131  -6.795  0.198   1.00 17.26 ?  159 LEU A CD1 1 
ATOM   1267 C  CD2 . LEU A 1 160 ? -2.185  -4.781  -0.804  1.00 14.42 ?  159 LEU A CD2 1 
ATOM   1268 N  N   . VAL A 1 161 ? -2.263  -8.736  -3.815  1.00 16.22 ?  160 VAL A N   1 
ATOM   1269 C  CA  . VAL A 1 161 ? -3.405  -9.666  -4.055  1.00 17.05 ?  160 VAL A CA  1 
ATOM   1270 C  C   . VAL A 1 161 ? -2.903  -11.118 -3.954  1.00 16.52 ?  160 VAL A C   1 
ATOM   1271 O  O   . VAL A 1 161 ? -3.572  -11.967 -3.411  1.00 18.97 ?  160 VAL A O   1 
ATOM   1272 C  CB  . VAL A 1 161 ? -4.023  -9.426  -5.428  1.00 16.44 ?  160 VAL A CB  1 
ATOM   1273 C  CG1 . VAL A 1 161 ? -4.955  -10.527 -5.827  1.00 16.45 ?  160 VAL A CG1 1 
ATOM   1274 C  CG2 . VAL A 1 161 ? -4.747  -8.075  -5.468  1.00 16.15 ?  160 VAL A CG2 1 
ATOM   1275 N  N   . ARG A 1 162 ? -1.742  -11.390 -4.512  1.00 16.32 ?  161 ARG A N   1 
ATOM   1276 C  CA  . ARG A 1 162 ? -1.158  -12.731 -4.443  1.00 18.34 ?  161 ARG A CA  1 
ATOM   1277 C  C   . ARG A 1 162 ? -0.859  -13.128 -3.022  1.00 19.24 ?  161 ARG A C   1 
ATOM   1278 O  O   . ARG A 1 162 ? -0.965  -14.291 -2.662  1.00 21.55 ?  161 ARG A O   1 
ATOM   1279 C  CB  . ARG A 1 162 ? 0.097   -12.816 -5.308  1.00 19.47 ?  161 ARG A CB  1 
ATOM   1280 C  CG  . ARG A 1 162 ? -0.213  -12.511 -6.776  1.00 20.65 ?  161 ARG A CG  1 
ATOM   1281 C  CD  . ARG A 1 162 ? 0.979   -12.785 -7.694  1.00 23.29 ?  161 ARG A CD  1 
ATOM   1282 N  NE  . ARG A 1 162 ? 0.692   -12.446 -9.072  1.00 25.66 ?  161 ARG A NE  1 
ATOM   1283 C  CZ  . ARG A 1 162 ? 1.182   -11.400 -9.744  1.00 25.62 ?  161 ARG A CZ  1 
ATOM   1284 N  NH1 . ARG A 1 162 ? 2.017   -10.513 -9.192  1.00 27.49 1  161 ARG A NH1 1 
ATOM   1285 N  NH2 . ARG A 1 162 ? 0.812   -11.224 -10.990 1.00 24.23 ?  161 ARG A NH2 1 
ATOM   1286 N  N   . GLU A 1 163 ? -0.474  -12.140 -2.215  1.00 19.25 ?  162 GLU A N   1 
ATOM   1287 C  CA  . GLU A 1 163 ? -0.255  -12.341 -0.773  1.00 19.79 ?  162 GLU A CA  1 
ATOM   1288 C  C   . GLU A 1 163 ? -1.539  -12.688 -0.041  1.00 17.42 ?  162 GLU A C   1 
ATOM   1289 O  O   . GLU A 1 163 ? -1.569  -13.603 0.798   1.00 15.84 ?  162 GLU A O   1 
ATOM   1290 C  CB  . GLU A 1 163 ? 0.385   -11.120 -0.126  1.00 19.75 ?  162 GLU A CB  1 
ATOM   1291 C  CG  . GLU A 1 163 ? 1.871   -10.944 -0.475  1.00 20.79 ?  162 GLU A CG  1 
ATOM   1292 C  CD  . GLU A 1 163 ? 2.718   -12.142 0.009   1.00 21.26 ?  162 GLU A CD  1 
ATOM   1293 O  OE1 . GLU A 1 163 ? 2.994   -12.229 1.214   1.00 20.67 ?  162 GLU A OE1 1 
ATOM   1294 O  OE2 . GLU A 1 163 ? 3.069   -12.984 -0.801  1.00 21.98 -1 162 GLU A OE2 1 
ATOM   1295 N  N   . ILE A 1 164 ? -2.592  -11.975 -0.366  1.00 16.30 ?  163 ILE A N   1 
ATOM   1296 C  CA  . ILE A 1 164 ? -3.936  -12.294 0.155   1.00 17.54 ?  163 ILE A CA  1 
ATOM   1297 C  C   . ILE A 1 164 ? -4.373  -13.721 -0.236  1.00 17.86 ?  163 ILE A C   1 
ATOM   1298 O  O   . ILE A 1 164 ? -4.901  -14.464 0.585   1.00 21.19 ?  163 ILE A O   1 
ATOM   1299 C  CB  . ILE A 1 164 ? -4.976  -11.267 -0.340  1.00 16.73 ?  163 ILE A CB  1 
ATOM   1300 C  CG1 . ILE A 1 164 ? -4.660  -9.893  0.238   1.00 15.89 ?  163 ILE A CG1 1 
ATOM   1301 C  CG2 . ILE A 1 164 ? -6.398  -11.680 0.026   1.00 16.99 ?  163 ILE A CG2 1 
ATOM   1302 C  CD1 . ILE A 1 164 ? -5.448  -8.753  -0.377  1.00 15.72 ?  163 ILE A CD1 1 
ATOM   1303 N  N   . ARG A 1 165 ? -4.128  -14.117 -1.476  1.00 17.37 ?  164 ARG A N   1 
ATOM   1304 C  CA  . ARG A 1 165 ? -4.481  -15.462 -1.943  1.00 19.19 ?  164 ARG A CA  1 
ATOM   1305 C  C   . ARG A 1 165 ? -3.708  -16.551 -1.155  1.00 19.90 ?  164 ARG A C   1 
ATOM   1306 O  O   . ARG A 1 165 ? -4.237  -17.600 -0.842  1.00 21.10 ?  164 ARG A O   1 
ATOM   1307 C  CB  . ARG A 1 165 ? -4.169  -15.615 -3.417  1.00 19.90 ?  164 ARG A CB  1 
ATOM   1308 C  CG  . ARG A 1 165 ? -5.028  -14.772 -4.372  1.00 21.24 ?  164 ARG A CG  1 
ATOM   1309 C  CD  . ARG A 1 165 ? -4.524  -15.067 -5.784  1.00 20.36 ?  164 ARG A CD  1 
ATOM   1310 N  NE  . ARG A 1 165 ? -5.246  -14.304 -6.787  1.00 22.58 ?  164 ARG A NE  1 
ATOM   1311 C  CZ  . ARG A 1 165 ? -4.772  -14.037 -8.001  1.00 21.96 ?  164 ARG A CZ  1 
ATOM   1312 N  NH1 . ARG A 1 165 ? -3.536  -14.384 -8.346  1.00 26.85 1  164 ARG A NH1 1 
ATOM   1313 N  NH2 . ARG A 1 165 ? -5.500  -13.338 -8.839  1.00 23.41 ?  164 ARG A NH2 1 
ATOM   1314 N  N   . LYS A 1 166 ? -2.467  -16.266 -0.796  1.00 20.80 ?  165 LYS A N   1 
ATOM   1315 C  CA  . LYS A 1 166 ? -1.674  -17.210 -0.043  1.00 23.72 ?  165 LYS A CA  1 
ATOM   1316 C  C   . LYS A 1 166 ? -2.227  -17.347 1.358   1.00 23.56 ?  165 LYS A C   1 
ATOM   1317 O  O   . LYS A 1 166 ? -2.287  -18.449 1.897   1.00 24.59 ?  165 LYS A O   1 
ATOM   1318 C  CB  . LYS A 1 166 ? -0.184  -16.814 0.005   1.00 28.17 ?  165 LYS A CB  1 
ATOM   1319 C  CG  . LYS A 1 166 ? 0.558   -17.076 -1.269  1.00 33.20 ?  165 LYS A CG  1 
ATOM   1320 C  CD  . LYS A 1 166 ? 2.052   -16.831 -1.084  1.00 40.02 ?  165 LYS A CD  1 
ATOM   1321 C  CE  . LYS A 1 166 ? 2.889   -17.111 -2.343  1.00 46.32 ?  165 LYS A CE  1 
ATOM   1322 N  NZ  . LYS A 1 166 ? 2.587   -16.175 -3.477  1.00 50.23 1  165 LYS A NZ  1 
ATOM   1323 N  N   . HIS A 1 167 ? -2.695  -16.233 1.895   1.00 18.71 ?  166 HIS A N   1 
ATOM   1324 C  CA  . HIS A 1 167 ? -3.258  -16.201 3.200   1.00 19.49 ?  166 HIS A CA  1 
ATOM   1325 C  C   . HIS A 1 167 ? -4.556  -17.006 3.248   1.00 18.65 ?  166 HIS A C   1 
ATOM   1326 O  O   . HIS A 1 167 ? -4.763  -17.761 4.189   1.00 18.83 ?  166 HIS A O   1 
ATOM   1327 C  CB  . HIS A 1 167 ? -3.490  -14.752 3.691   1.00 20.19 ?  166 HIS A CB  1 
ATOM   1328 C  CG  . HIS A 1 167 ? -4.225  -14.672 4.998   1.00 25.53 ?  166 HIS A CG  1 
ATOM   1329 N  ND1 . HIS A 1 167 ? -3.626  -14.960 6.214   1.00 27.47 ?  166 HIS A ND1 1 
ATOM   1330 C  CD2 . HIS A 1 167 ? -5.530  -14.391 5.276   1.00 27.49 ?  166 HIS A CD2 1 
ATOM   1331 C  CE1 . HIS A 1 167 ? -4.528  -14.857 7.184   1.00 28.45 ?  166 HIS A CE1 1 
ATOM   1332 N  NE2 . HIS A 1 167 ? -5.690  -14.522 6.638   1.00 29.55 ?  166 HIS A NE2 1 
ATOM   1333 N  N   . LYS A 1 168 ? -5.402  -16.833 2.238   1.00 18.39 ?  167 LYS A N   1 
ATOM   1334 C  CA  . LYS A 1 168 ? -6.728  -17.448 2.208   1.00 20.28 ?  167 LYS A CA  1 
ATOM   1335 C  C   . LYS A 1 168 ? -6.678  -18.952 2.088   1.00 20.11 ?  167 LYS A C   1 
ATOM   1336 O  O   . LYS A 1 168 ? -7.554  -19.611 2.581   1.00 19.50 ?  167 LYS A O   1 
ATOM   1337 C  CB  . LYS A 1 168 ? -7.570  -16.887 1.047   1.00 21.25 ?  167 LYS A CB  1 
ATOM   1338 C  CG  . LYS A 1 168 ? -7.952  -15.445 1.246   1.00 24.10 ?  167 LYS A CG  1 
ATOM   1339 C  CD  . LYS A 1 168 ? -8.390  -14.765 -0.043  1.00 27.94 ?  167 LYS A CD  1 
ATOM   1340 C  CE  . LYS A 1 168 ? -9.852  -14.905 -0.270  1.00 32.47 ?  167 LYS A CE  1 
ATOM   1341 N  NZ  . LYS A 1 168 ? -10.327 -14.197 -1.516  1.00 31.42 1  167 LYS A NZ  1 
ATOM   1342 N  N   . GLU A 1 169 ? -5.691  -19.483 1.371   1.00 21.04 ?  168 GLU A N   1 
ATOM   1343 C  CA  . GLU A 1 169 ? -5.626  -20.914 1.064   1.00 24.32 ?  168 GLU A CA  1 
ATOM   1344 C  C   . GLU A 1 169 ? -5.304  -21.783 2.288   1.00 25.35 ?  168 GLU A C   1 
ATOM   1345 O  O   . GLU A 1 169 ? -5.481  -22.991 2.254   1.00 23.00 ?  168 GLU A O   1 
ATOM   1346 C  CB  . GLU A 1 169 ? -4.633  -21.203 -0.075  1.00 28.84 ?  168 GLU A CB  1 
ATOM   1347 C  CG  . GLU A 1 169 ? -3.183  -21.058 0.323   1.00 31.52 ?  168 GLU A CG  1 
ATOM   1348 C  CD  . GLU A 1 169 ? -2.234  -21.202 -0.866  1.00 39.40 ?  168 GLU A CD  1 
ATOM   1349 O  OE1 . GLU A 1 169 ? -2.626  -21.782 -1.896  1.00 43.49 ?  168 GLU A OE1 1 
ATOM   1350 O  OE2 . GLU A 1 169 ? -1.085  -20.714 -0.766  1.00 47.33 -1 168 GLU A OE2 1 
ATOM   1351 N  N   . LYS A 1 170 ? -4.867  -21.151 3.359   1.00 25.44 ?  169 LYS A N   1 
ATOM   1352 C  CA  . LYS A 1 170 ? -4.513  -21.841 4.588   1.00 31.23 ?  169 LYS A CA  1 
ATOM   1353 C  C   . LYS A 1 170 ? -5.796  -22.295 5.297   1.00 39.12 ?  169 LYS A C   1 
ATOM   1354 O  O   . LYS A 1 170 ? -5.883  -23.459 5.660   1.00 47.88 ?  169 LYS A O   1 
ATOM   1355 C  CB  . LYS A 1 170 ? -3.736  -20.901 5.509   1.00 33.94 ?  169 LYS A CB  1 
ATOM   1356 C  CG  . LYS A 1 170 ? -2.539  -20.216 4.843   1.00 38.00 ?  169 LYS A CG  1 
ATOM   1357 C  CD  . LYS A 1 170 ? -1.877  -19.249 5.826   1.00 45.41 ?  169 LYS A CD  1 
ATOM   1358 C  CE  . LYS A 1 170 ? -0.360  -19.463 5.858   1.00 50.81 ?  169 LYS A CE  1 
ATOM   1359 N  NZ  . LYS A 1 170 ? 0.335   -19.048 4.597   1.00 51.80 1  169 LYS A NZ  1 
ATOM   1360 O  OXT . LYS A 1 170 ? -6.788  -21.565 5.532   1.00 38.17 -1 169 LYS A OXT 1 
HETATM 1361 MG MG  . MG  B 2 .   ? -3.135  11.376  -0.646  1.00 37.83 ?  201 MG  A MG  1 
HETATM 1362 N  N   . Y9Z C 3 .   ? 7.480   10.244  -7.932  1.00 25.30 ?  202 Y9Z A N   1 
HETATM 1363 C  C   . Y9Z C 3 .   ? 6.462   9.516   -7.489  1.00 24.43 ?  202 Y9Z A C   1 
HETATM 1364 O  O   . Y9Z C 3 .   ? 6.398   8.259   -7.648  1.00 24.80 ?  202 Y9Z A O   1 
HETATM 1365 P  P   . Y9Z C 3 .   ? 0.355   12.117  -2.845  1.00 26.91 ?  202 Y9Z A P   1 
HETATM 1366 P  P1  . Y9Z C 3 .   ? -0.194  10.983  -0.255  1.00 23.36 ?  202 Y9Z A P1  1 
HETATM 1367 C  C1  . Y9Z C 3 .   ? 7.544   11.593  -7.771  1.00 25.10 ?  202 Y9Z A C1  1 
HETATM 1368 N  N1  . Y9Z C 3 .   ? 8.586   12.243  -8.296  1.00 28.39 ?  202 Y9Z A N1  1 
HETATM 1369 O  O1  . Y9Z C 3 .   ? 2.872   14.406  -7.123  1.00 26.86 ?  202 Y9Z A O1  1 
HETATM 1370 C  C2  . Y9Z C 3 .   ? 5.587   11.684  -6.571  1.00 25.80 ?  202 Y9Z A C2  1 
HETATM 1371 N  N2  . Y9Z C 3 .   ? 6.666   12.321  -7.067  1.00 24.56 ?  202 Y9Z A N2  1 
HETATM 1372 O  O2  . Y9Z C 3 .   ? 3.100   16.116  -5.068  1.00 25.63 ?  202 Y9Z A O2  1 
HETATM 1373 C  C3  . Y9Z C 3 .   ? 5.436   10.227  -6.736  1.00 21.75 ?  202 Y9Z A C3  1 
HETATM 1374 N  N3  . Y9Z C 3 .   ? 4.317   9.859   -6.107  1.00 23.67 ?  202 Y9Z A N3  1 
HETATM 1375 O  O3  . Y9Z C 3 .   ? 1.750   12.631  -3.378  1.00 26.87 ?  202 Y9Z A O3  1 
HETATM 1376 C  C4  . Y9Z C 3 .   ? 3.772   10.982  -5.583  1.00 23.60 ?  202 Y9Z A C4  1 
HETATM 1377 N  N4  . Y9Z C 3 .   ? 4.511   12.047  -5.902  1.00 26.25 ?  202 Y9Z A N4  1 
HETATM 1378 O  O4  . Y9Z C 3 .   ? 0.794   11.645  -1.338  1.00 29.61 ?  202 Y9Z A O4  1 
HETATM 1379 C  C5  . Y9Z C 3 .   ? 4.281   13.433  -5.481  1.00 25.93 ?  202 Y9Z A C5  1 
HETATM 1380 N  N5  . Y9Z C 3 .   ? -2.871  12.042  3.164   0.50 28.46 ?  202 Y9Z A N5  1 
HETATM 1381 O  O5  . Y9Z C 3 .   ? -0.400  12.075  0.839   1.00 28.96 ?  202 Y9Z A O5  1 
HETATM 1382 C  C6  . Y9Z C 3 .   ? 2.879   13.876  -5.810  1.00 26.59 ?  202 Y9Z A C6  1 
HETATM 1383 O  O6  . Y9Z C 3 .   ? -1.557  10.607  4.341   0.50 20.70 ?  202 Y9Z A O6  1 
HETATM 1384 C  C7  . Y9Z C 3 .   ? 2.580   14.870  -4.712  1.00 28.54 ?  202 Y9Z A C7  1 
HETATM 1385 O  O7  . Y9Z C 3 .   ? 0.573   9.802   0.452   1.00 20.83 -1 202 Y9Z A O7  1 
HETATM 1386 C  C8  . Y9Z C 3 .   ? 3.400   14.346  -3.544  1.00 27.51 ?  202 Y9Z A C8  1 
HETATM 1387 O  O8  . Y9Z C 3 .   ? -1.480  10.541  -0.788  1.00 22.80 ?  202 Y9Z A O8  1 
HETATM 1388 C  C9  . Y9Z C 3 .   ? 2.498   13.569  -2.593  1.00 27.41 ?  202 Y9Z A C9  1 
HETATM 1389 O  O9  . Y9Z C 3 .   ? -0.128  10.893  -3.695  1.00 28.24 -1 202 Y9Z A O9  1 
HETATM 1390 C  C10 . Y9Z C 3 .   ? -1.719  12.576  1.086   0.50 27.79 ?  202 Y9Z A C10 1 
HETATM 1391 O  O10 . Y9Z C 3 .   ? -0.632  13.185  -2.722  1.00 26.34 ?  202 Y9Z A O10 1 
HETATM 1392 C  C11 . Y9Z C 3 .   ? -2.646  11.599  1.791   0.50 26.93 ?  202 Y9Z A C11 1 
HETATM 1393 O  O11 . Y9Z C 3 .   ? 4.432   13.492  -4.075  1.00 26.66 ?  202 Y9Z A O11 1 
HETATM 1394 C  C12 . Y9Z C 3 .   ? -2.169  11.642  4.241   0.50 27.12 ?  202 Y9Z A C12 1 
HETATM 1395 C  C13 . Y9Z C 3 .   ? -2.050  12.684  5.349   0.50 29.02 ?  202 Y9Z A C13 1 
HETATM 1396 O  O   . HOH D 4 .   ? -6.528  6.979   7.537   1.00 20.74 ?  301 HOH A O   1 
HETATM 1397 O  O   . HOH D 4 .   ? -1.230  9.308   -9.954  1.00 21.67 ?  302 HOH A O   1 
HETATM 1398 O  O   . HOH D 4 .   ? -8.642  -22.149 2.674   1.00 19.10 ?  303 HOH A O   1 
HETATM 1399 O  O   . HOH D 4 .   ? 3.236   -0.909  -13.582 1.00 22.01 ?  304 HOH A O   1 
HETATM 1400 O  O   . HOH D 4 .   ? 2.619   -10.235 2.862   1.00 21.85 ?  305 HOH A O   1 
HETATM 1401 O  O   . HOH D 4 .   ? -3.879  9.345   0.323   1.00 28.30 ?  306 HOH A O   1 
HETATM 1402 O  O   . HOH D 4 .   ? 8.526   -4.174  -9.935  1.00 23.37 ?  307 HOH A O   1 
HETATM 1403 O  O   . HOH D 4 .   ? -6.176  -18.581 -2.380  1.00 20.95 ?  308 HOH A O   1 
HETATM 1404 O  O   . HOH D 4 .   ? 8.974   12.362  -0.534  1.00 23.92 ?  309 HOH A O   1 
HETATM 1405 O  O   . HOH D 4 .   ? 14.656  12.207  4.506   1.00 26.16 ?  310 HOH A O   1 
HETATM 1406 O  O   . HOH D 4 .   ? -1.934  5.773   6.523   1.00 23.66 ?  311 HOH A O   1 
HETATM 1407 O  O   . HOH D 4 .   ? -15.456 -11.440 -3.093  1.00 29.81 ?  312 HOH A O   1 
HETATM 1408 O  O   . HOH D 4 .   ? 20.857  -4.544  -2.125  1.00 28.11 ?  313 HOH A O   1 
HETATM 1409 O  O   . HOH D 4 .   ? -12.184 -9.950  -17.496 1.00 24.17 ?  314 HOH A O   1 
HETATM 1410 O  O   . HOH D 4 .   ? 1.844   11.152  8.433   1.00 29.78 ?  315 HOH A O   1 
HETATM 1411 O  O   . HOH D 4 .   ? 6.477   -8.743  11.640  1.00 27.67 ?  316 HOH A O   1 
HETATM 1412 O  O   . HOH D 4 .   ? 14.715  -9.204  1.325   1.00 26.27 ?  317 HOH A O   1 
HETATM 1413 O  O   . HOH D 4 .   ? -10.819 -1.535  4.192   1.00 26.01 ?  318 HOH A O   1 
HETATM 1414 O  O   . HOH D 4 .   ? 5.250   5.653   5.477   1.00 19.63 ?  319 HOH A O   1 
HETATM 1415 O  O   . HOH D 4 .   ? 20.912  -2.117  -3.610  1.00 25.61 ?  320 HOH A O   1 
HETATM 1416 O  O   . HOH D 4 .   ? -13.622 3.336   8.144   1.00 23.61 ?  321 HOH A O   1 
HETATM 1417 O  O   . HOH D 4 .   ? 11.110  12.146  -12.081 1.00 30.04 ?  322 HOH A O   1 
HETATM 1418 O  O   . HOH D 4 .   ? -12.186 -16.051 -1.910  1.00 37.11 ?  323 HOH A O   1 
HETATM 1419 O  O   . HOH D 4 .   ? -1.575  -16.136 -6.960  1.00 26.04 ?  324 HOH A O   1 
HETATM 1420 O  O   . HOH D 4 .   ? 0.398   -14.231 2.700   1.00 26.98 ?  325 HOH A O   1 
HETATM 1421 O  O   . HOH D 4 .   ? -11.135 -11.508 -1.356  1.00 28.89 ?  326 HOH A O   1 
HETATM 1422 O  O   . HOH D 4 .   ? -10.289 -13.806 -16.551 1.00 26.31 ?  327 HOH A O   1 
HETATM 1423 O  O   . HOH D 4 .   ? -13.872 6.376   17.963  1.00 29.57 ?  328 HOH A O   1 
HETATM 1424 O  O   . HOH D 4 .   ? 0.216   -13.065 4.971   1.00 31.60 ?  329 HOH A O   1 
HETATM 1425 O  O   . HOH D 4 .   ? -7.581  -16.428 -6.473  1.00 26.79 ?  330 HOH A O   1 
HETATM 1426 O  O   . HOH D 4 .   ? 9.911   14.666  -3.375  1.00 26.97 ?  331 HOH A O   1 
HETATM 1427 O  O   . HOH D 4 .   ? 11.037  -5.926  -6.191  1.00 28.61 ?  332 HOH A O   1 
HETATM 1428 O  O   . HOH D 4 .   ? -4.953  -11.148 8.350   1.00 26.37 ?  333 HOH A O   1 
HETATM 1429 O  O   . HOH D 4 .   ? -15.028 -3.794  12.867  1.00 26.39 ?  334 HOH A O   1 
HETATM 1430 O  O   . HOH D 4 .   ? -19.102 -9.910  -10.861 1.00 31.36 ?  335 HOH A O   1 
HETATM 1431 O  O   . HOH D 4 .   ? 0.102   14.882  0.117   1.00 29.47 ?  336 HOH A O   1 
HETATM 1432 O  O   . HOH D 4 .   ? -5.514  -6.397  -15.573 1.00 35.52 ?  337 HOH A O   1 
HETATM 1433 O  O   . HOH D 4 .   ? -10.172 -7.517  15.423  1.00 30.73 ?  338 HOH A O   1 
HETATM 1434 O  O   . HOH D 4 .   ? -0.841  -16.278 -4.374  1.00 27.68 ?  339 HOH A O   1 
HETATM 1435 O  O   . HOH D 4 .   ? 17.121  11.877  5.927   1.00 29.39 ?  340 HOH A O   1 
HETATM 1436 O  O   . HOH D 4 .   ? -3.868  -7.313  19.119  1.00 25.28 ?  341 HOH A O   1 
HETATM 1437 O  O   . HOH D 4 .   ? 3.066   -13.255 -3.549  1.00 32.25 ?  342 HOH A O   1 
HETATM 1438 O  O   . HOH D 4 .   ? -23.171 -11.494 -7.637  1.00 41.93 ?  343 HOH A O   1 
HETATM 1439 O  O   . HOH D 4 .   ? -8.707  -12.418 2.739   1.00 30.19 ?  344 HOH A O   1 
HETATM 1440 O  O   . HOH D 4 .   ? -12.109 -16.172 -8.004  1.00 32.46 ?  345 HOH A O   1 
HETATM 1441 O  O   . HOH D 4 .   ? 3.773   -8.695  -10.771 1.00 26.14 ?  346 HOH A O   1 
HETATM 1442 O  O   . HOH D 4 .   ? 12.807  -6.749  -2.898  1.00 35.36 ?  347 HOH A O   1 
HETATM 1443 O  O   . HOH D 4 .   ? 10.914  8.140   13.575  1.00 48.47 ?  348 HOH A O   1 
HETATM 1444 O  O   . HOH D 4 .   ? -4.272  -19.261 -4.432  1.00 31.32 ?  349 HOH A O   1 
HETATM 1445 O  O   . HOH D 4 .   ? 1.301   16.787  0.780   1.00 37.84 ?  350 HOH A O   1 
HETATM 1446 O  O   . HOH D 4 .   ? 5.142   -14.702 -1.250  1.00 31.19 ?  351 HOH A O   1 
HETATM 1447 O  O   . HOH D 4 .   ? 11.590  -3.340  -6.671  1.00 24.40 ?  352 HOH A O   1 
HETATM 1448 O  O   . HOH D 4 .   ? 9.945   -1.977  -9.360  1.00 29.53 ?  353 HOH A O   1 
HETATM 1449 O  O   . HOH D 4 .   ? 14.668  -5.666  -3.868  1.00 30.71 ?  354 HOH A O   1 
HETATM 1450 O  O   . HOH D 4 .   ? -8.179  -16.851 -17.269 1.00 31.14 ?  355 HOH A O   1 
HETATM 1451 O  O   . HOH D 4 .   ? -10.221 -1.485  1.422   1.00 22.07 ?  356 HOH A O   1 
HETATM 1452 O  O   . HOH D 4 .   ? -9.111  -15.204 -3.610  1.00 28.93 ?  357 HOH A O   1 
HETATM 1453 O  O   . HOH D 4 .   ? 18.130  -9.103  9.673   1.00 28.05 ?  358 HOH A O   1 
HETATM 1454 O  O   . HOH D 4 .   ? 7.463   11.431  1.488   1.00 33.11 ?  359 HOH A O   1 
HETATM 1455 O  O   . HOH D 4 .   ? -8.435  6.938   -17.138 1.00 40.47 ?  360 HOH A O   1 
HETATM 1456 O  O   . HOH D 4 .   ? 10.806  4.876   -12.890 1.00 33.40 ?  361 HOH A O   1 
HETATM 1457 O  O   . HOH D 4 .   ? -8.689  -9.752  6.870   1.00 32.61 ?  362 HOH A O   1 
HETATM 1458 O  O   . HOH D 4 .   ? -6.614  -10.683 5.276   1.00 32.18 ?  363 HOH A O   1 
HETATM 1459 O  O   . HOH D 4 .   ? -13.299 -14.045 -9.695  1.00 33.00 ?  364 HOH A O   1 
HETATM 1460 O  O   . HOH D 4 .   ? -1.435  -11.089 -13.916 1.00 34.98 ?  365 HOH A O   1 
HETATM 1461 O  O   . HOH D 4 .   ? 14.234  15.704  -5.296  1.00 34.35 ?  366 HOH A O   1 
HETATM 1462 O  O   . HOH D 4 .   ? -2.270  -14.841 14.206  1.00 40.31 ?  367 HOH A O   1 
HETATM 1463 O  O   . HOH D 4 .   ? -2.846  4.843   11.182  1.00 33.47 ?  368 HOH A O   1 
HETATM 1464 O  O   . HOH D 4 .   ? -3.281  -0.375  -16.894 1.00 41.92 ?  369 HOH A O   1 
HETATM 1465 O  O   . HOH D 4 .   ? -12.361 -0.032  0.179   1.00 42.90 ?  370 HOH A O   1 
HETATM 1466 O  O   . HOH D 4 .   ? -17.684 -8.613  -7.096  1.00 35.10 ?  371 HOH A O   1 
HETATM 1467 O  O   . HOH D 4 .   ? 9.389   -6.964  -8.297  1.00 27.90 ?  372 HOH A O   1 
HETATM 1468 O  O   . HOH D 4 .   ? 6.071   11.183  9.111   1.00 28.92 ?  373 HOH A O   1 
HETATM 1469 O  O   . HOH D 4 .   ? 1.503   -15.948 -5.776  1.00 47.79 ?  374 HOH A O   1 
HETATM 1470 O  O   . HOH D 4 .   ? 7.403   14.156  -4.606  1.00 35.09 ?  375 HOH A O   1 
HETATM 1471 O  O   . HOH D 4 .   ? -9.690  -10.643 18.131  1.00 45.16 ?  376 HOH A O   1 
HETATM 1472 O  O   . HOH D 4 .   ? -3.673  -2.808  -13.114 1.00 37.08 ?  377 HOH A O   1 
HETATM 1473 O  O   . HOH D 4 .   ? -14.727 -9.835  -18.014 1.00 38.61 ?  378 HOH A O   1 
HETATM 1474 O  O   . HOH D 4 .   ? -13.110 -7.939  3.955   1.00 36.91 ?  379 HOH A O   1 
HETATM 1475 O  O   . HOH D 4 .   ? 19.680  7.188   -5.843  1.00 29.75 ?  380 HOH A O   1 
HETATM 1476 O  O   . HOH D 4 .   ? -9.491  -8.198  10.974  1.00 23.95 ?  381 HOH A O   1 
HETATM 1477 O  O   . HOH D 4 .   ? -14.137 6.834   -6.106  1.00 45.74 ?  382 HOH A O   1 
HETATM 1478 O  O   . HOH D 4 .   ? 0.943   -9.608  -13.622 1.00 43.12 ?  383 HOH A O   1 
HETATM 1479 O  O   . HOH D 4 .   ? 12.066  -12.932 4.628   1.00 31.98 ?  384 HOH A O   1 
HETATM 1480 O  O   . HOH D 4 .   ? -7.085  -24.612 7.318   1.00 49.85 ?  385 HOH A O   1 
HETATM 1481 O  O   . HOH D 4 .   ? 14.368  14.650  -2.633  1.00 34.13 ?  386 HOH A O   1 
HETATM 1482 O  O   . HOH D 4 .   ? 17.755  6.550   5.527   1.00 38.08 ?  387 HOH A O   1 
HETATM 1483 O  O   . HOH D 4 .   ? 16.738  12.265  8.872   1.00 48.11 ?  388 HOH A O   1 
HETATM 1484 O  O   . HOH D 4 .   ? 15.775  9.195   13.134  1.00 44.34 ?  389 HOH A O   1 
HETATM 1485 O  O   . HOH D 4 .   ? 19.535  3.515   3.542   1.00 36.29 ?  390 HOH A O   1 
HETATM 1486 O  O   . HOH D 4 .   ? 13.313  -7.537  0.052   1.00 31.07 ?  391 HOH A O   1 
HETATM 1487 O  O   . HOH D 4 .   ? -3.078  3.973   8.441   1.00 30.80 ?  392 HOH A O   1 
HETATM 1488 O  O   . HOH D 4 .   ? -15.820 5.091   18.729  1.00 34.77 ?  393 HOH A O   1 
HETATM 1489 O  O   . HOH D 4 .   ? -1.999  -18.487 -3.645  1.00 37.41 ?  394 HOH A O   1 
HETATM 1490 O  O   . HOH D 4 .   ? 4.178   -10.634 -7.354  1.00 39.66 ?  395 HOH A O   1 
HETATM 1491 O  O   . HOH D 4 .   ? -13.993 -1.767  -14.330 1.00 42.23 ?  396 HOH A O   1 
HETATM 1492 O  O   . HOH D 4 .   ? 17.225  -11.261 8.952   1.00 44.97 ?  397 HOH A O   1 
HETATM 1493 O  O   . HOH D 4 .   ? 4.783   -12.553 -5.299  1.00 38.74 ?  398 HOH A O   1 
HETATM 1494 O  O   . HOH D 4 .   ? -3.350  -12.640 -16.212 1.00 32.02 ?  399 HOH A O   1 
HETATM 1495 O  O   . HOH D 4 .   ? 3.997   5.787   -17.739 1.00 45.33 ?  400 HOH A O   1 
HETATM 1496 O  O   . HOH D 4 .   ? -10.333 3.346   18.108  1.00 39.50 ?  401 HOH A O   1 
HETATM 1497 O  O   . HOH D 4 .   ? 22.793  -5.742  -1.752  1.00 48.07 ?  402 HOH A O   1 
HETATM 1498 O  O   . HOH D 4 .   ? 19.818  -2.502  7.015   1.00 46.72 ?  403 HOH A O   1 
HETATM 1499 O  O   . HOH D 4 .   ? 0.454   -16.224 -8.686  1.00 36.76 ?  404 HOH A O   1 
HETATM 1500 O  O   . HOH D 4 .   ? 12.590  15.833  2.609   1.00 43.45 ?  405 HOH A O   1 
HETATM 1501 O  O   . HOH D 4 .   ? 14.562  14.622  0.901   1.00 44.69 ?  406 HOH A O   1 
HETATM 1502 O  O   . HOH D 4 .   ? -11.591 -1.997  -15.418 1.00 40.77 ?  407 HOH A O   1 
HETATM 1503 O  O   . HOH D 4 .   ? 19.409  13.171  9.244   1.00 44.56 ?  408 HOH A O   1 
HETATM 1504 O  O   . HOH D 4 .   ? -0.038  -13.778 -15.163 1.00 41.45 ?  409 HOH A O   1 
HETATM 1505 O  O   . HOH D 4 .   ? 9.881   14.323  1.021   1.00 39.90 ?  410 HOH A O   1 
HETATM 1506 O  O   . HOH D 4 .   ? -1.220  8.799   6.738   1.00 34.54 ?  411 HOH A O   1 
HETATM 1507 O  O   . HOH D 4 .   ? 7.277   11.909  6.665   1.00 35.15 ?  412 HOH A O   1 
HETATM 1508 O  O   . HOH D 4 .   ? -0.496  20.294  -12.946 1.00 48.57 ?  413 HOH A O   1 
HETATM 1509 O  O   . HOH D 4 .   ? -13.367 -8.967  0.249   1.00 44.75 ?  414 HOH A O   1 
HETATM 1510 O  O   . HOH D 4 .   ? 2.758   -11.775 5.133   1.00 35.56 ?  415 HOH A O   1 
HETATM 1511 O  O   . HOH D 4 .   ? 12.594  -11.211 2.247   1.00 38.17 ?  416 HOH A O   1 
HETATM 1512 O  O   . HOH D 4 .   ? 15.961  -1.965  7.707   1.00 30.49 ?  417 HOH A O   1 
HETATM 1513 O  O   . HOH D 4 .   ? 2.977   8.698   9.592   1.00 35.13 ?  418 HOH A O   1 
HETATM 1514 O  O   . HOH D 4 .   ? -10.818 -13.755 3.015   1.00 38.48 ?  419 HOH A O   1 
HETATM 1515 O  O   . HOH D 4 .   ? -8.889  -12.929 -19.043 1.00 39.44 ?  420 HOH A O   1 
HETATM 1516 O  O   . HOH D 4 .   ? 4.492   9.895   11.919  1.00 53.45 ?  421 HOH A O   1 
HETATM 1517 O  O   . HOH D 4 .   ? 5.531   -15.379 16.338  1.00 42.82 ?  422 HOH A O   1 
HETATM 1518 O  O   . HOH D 4 .   ? 8.307   15.987  -15.338 1.00 44.39 ?  423 HOH A O   1 
HETATM 1519 O  O   . HOH D 4 .   ? -5.104  12.356  -0.154  1.00 32.87 ?  424 HOH A O   1 
HETATM 1520 O  O   . HOH D 4 .   ? -2.881  13.419  -1.758  1.00 27.31 ?  425 HOH A O   1 
# 
